data_8F6P
#
_entry.id   8F6P
#
_cell.length_a   1.00
_cell.length_b   1.00
_cell.length_c   1.00
_cell.angle_alpha   90.00
_cell.angle_beta   90.00
_cell.angle_gamma   90.00
#
_symmetry.space_group_name_H-M   'P 1'
#
loop_
_entity.id
_entity.type
_entity.pdbx_description
1 polymer 'Sodium channel protein type 5 subunit alpha,Green fluorescent protein'
2 branched 2-acetamido-2-deoxy-beta-D-glucopyranose-(1-4)-2-acetamido-2-deoxy-beta-D-glucopyranose
3 non-polymer 2-acetamido-2-deoxy-beta-D-glucopyranose
4 non-polymer beta-D-mannopyranose
5 non-polymer (R)-ranolazine
6 non-polymer '[(2~{R})-1-[2-azanylethoxy(oxidanyl)phosphoryl]oxy-3-hexadecanoyloxy-propan-2-yl] (~{Z})-octadec-9-enoate'
7 non-polymer 'CHOLESTEROL HEMISUCCINATE'
#
_entity_poly.entity_id   1
_entity_poly.type   'polypeptide(L)'
_entity_poly.pdbx_seq_one_letter_code
;MANLLLPRGTSSFRRFTRESLAAIEKRMAEKQARGGSATSQESREGLQEEEAPRPQLDLQASKKLPDLYGNPPRELIGEP
LEDLDPFYSTQKTFIVLNKGKTIFRFSATNALYVLSPFHPVRRAAVKILVHSLFSMLIMCTILTNCVFMAQHDPPPWTKY
VEYTFTAIYTFESLVKILARGFCLHAFTFLRDPWNWLDFSVIVMAYTTEFVDLGNVSALRTFRVLRALKTISVISGLKTI
VGALIQSVKKLADVMVLTVFCLSVFALIGLQLFMGNLRHKCVRNFTELNGTNGSVEADGLVWNSLDVYLNDPANYLLKNG
TTDVLLCGNSSDAGTCPEGYRCLKAGQNPDHGYTSFDSFAWAFLALFRLMTQDCWERLYQQTLRSAGKIYMIFFMLVIFL
GSFYLVNLILAVVAMAYEEQNQATIAETEEKEKRFQEAMEMLKKEHEALTIRGVDTVSRSSARQRALSAVSVLTSALEEL
EESHRKCPPCWNRFAQHYLIWECCPLWMSIKQKVKFVVMDPFADLTITMCIVLNTLFMALEHYNMTAEFEEMLQVGNLVF
TGIFTAEMTFKIIALDPYYYFQQGWNIFDSIIVILSLMELGLSRMGNLSVLRSFRLLRVFKLAKSWPTLNTLIKIIGNSV
GALGNLTLVLAIIVFIFAVVGMQLFGKNYSELRHRISDSGLLPRWHMMDFFHAFLIIFRILCGEWIETMWDCMEVSGQSL
CLLVFLLVMVIGNLVVLNLFLALLLSSFSADNLTAPDEDGEMNNLQLALARIQRGLRFVKRTTWDFCCGILRRRPKKPAA
LATHSQLPSCITAPRSPPPPEVEKVPPARKETRFEEDKRPGQGTPGDSEPVCVPIAVAESDTEDQEEDEENGKVWWRLRK
TCYRIVEHSWFETFIIFMILLSSGALAFEDIYLEERKTIKVLLEYADKMFTYVFVLEMLLKWVAYGFKKYFTNAWCWLDF
LIVDVSLVSLVANTLGFAEMGPIKSLRTLRALRPLRALSRFEGMRVVVNALVGAIPSIMNVLLVCLIFWLIFSIMGVNLF
AGKFGRCINQTEGDLPLNYTIVNNKSECESFNVTGELYWTKVKVNFDNVGAGYLALLQVATFKGWMDIMYAAVDSRGYEE
QPQWEDNLYMYIYFVVFIIFGSFFTLNLFIGVIIDNFNQQKKKLGGQDIFMTEEQKKYYNMMKKLGSKKPQKPIPRPLNK
YQGFIFDIVTKQAFDVTIMFLICLNMVTMMVETDDQSPEKVNILAKINLLFVAIFTGECIVKMAALRHYYFTNSWNIFDF
VVVILSIVGTVLSDIIQKYFFSPTLFRVIRLARIGRILRLIRGAKGIRTLLFALMMSLPALFNIGLLLFLVMFIYSIFGM
ANFAYVKWEAGIDDMFNFQTFANSMLCLFQITTSAGWDGLLSPILNTGPPYCDPNLPNSNGSRGNCGSPAVGILFFTTYI
IISFLIVVNMYIAIILENFSVATEESTEPLSEDDFDMFYEIWEKFDPEATQFIEYLALSDFADALSEPLRIAKPNQISLI
NMDLPMVSGDRIHCMDILFAFTKRVLGESGEMDALKIQMEEKFMAANPSKISYEPITTTLEVLFQGPGSMVSKGEELFTG
VVPILVELDGDVNGHKFSVSGEGEGDATYGKLTLKFICTTGKLPVPWPTLVTTLTYGVQCFSRYPDHMKQHDFFKSAMPE
GYVQERTIFFKDDGNYKTRAEVKFEGDTLVNRIELKGIDFKEDGNILGHKLEYNYNSHNVYIMADKQKNGIKVNFKIRHN
IEDGSVQLADHYQQNTPIGDGPVLLPDNHYLSTQSALSKDPNEKRDHMVLLEFVTAAGITLGMDELYKGSDYKDDDDK
;
_entity_poly.pdbx_strand_id   A
#
loop_
_chem_comp.id
_chem_comp.type
_chem_comp.name
_chem_comp.formula
6OU non-polymer '[(2~{R})-1-[2-azanylethoxy(oxidanyl)phosphoryl]oxy-3-hexadecanoyloxy-propan-2-yl] (~{Z})-octadec-9-enoate' 'C39 H76 N O8 P'
BMA D-saccharide, beta linking beta-D-mannopyranose 'C6 H12 O6'
NAG D-saccharide, beta linking 2-acetamido-2-deoxy-beta-D-glucopyranose 'C8 H15 N O6'
XHO non-polymer (R)-ranolazine 'C24 H33 N3 O4'
Y01 non-polymer 'CHOLESTEROL HEMISUCCINATE' 'C31 H50 O4'
#
# COMPACT_ATOMS: atom_id res chain seq x y z
N HIS A 119 -14.80 10.33 59.62
CA HIS A 119 -16.16 10.79 59.41
C HIS A 119 -16.99 9.70 58.73
N PRO A 120 -18.33 9.81 58.80
CA PRO A 120 -19.17 8.82 58.13
C PRO A 120 -19.37 9.14 56.66
N VAL A 121 -19.23 10.42 56.31
CA VAL A 121 -19.34 10.82 54.92
C VAL A 121 -18.23 10.17 54.09
N ARG A 122 -17.01 10.14 54.62
CA ARG A 122 -15.92 9.48 53.92
C ARG A 122 -16.21 8.00 53.72
N ARG A 123 -16.74 7.34 54.75
CA ARG A 123 -17.04 5.92 54.64
C ARG A 123 -18.11 5.67 53.58
N ALA A 124 -19.16 6.50 53.56
CA ALA A 124 -20.21 6.34 52.56
C ALA A 124 -19.67 6.57 51.16
N ALA A 125 -18.84 7.60 51.00
CA ALA A 125 -18.25 7.88 49.70
C ALA A 125 -17.39 6.72 49.23
N VAL A 126 -16.58 6.15 50.12
CA VAL A 126 -15.75 5.02 49.75
C VAL A 126 -16.61 3.82 49.38
N LYS A 127 -17.67 3.57 50.16
CA LYS A 127 -18.53 2.43 49.88
C LYS A 127 -19.18 2.55 48.51
N ILE A 128 -19.66 3.75 48.16
CA ILE A 128 -20.27 3.92 46.85
C ILE A 128 -19.21 3.87 45.76
N LEU A 129 -17.99 4.34 46.05
CA LEU A 129 -16.94 4.36 45.03
C LEU A 129 -16.53 2.94 44.65
N VAL A 130 -16.23 2.10 45.65
CA VAL A 130 -15.72 0.77 45.35
C VAL A 130 -16.80 -0.10 44.69
N HIS A 131 -18.07 0.14 45.01
CA HIS A 131 -19.13 -0.71 44.49
C HIS A 131 -19.11 -0.72 42.96
N SER A 132 -19.24 -1.91 42.39
CA SER A 132 -19.22 -2.07 40.93
C SER A 132 -20.41 -1.38 40.27
N LEU A 133 -21.52 -1.21 40.99
CA LEU A 133 -22.68 -0.54 40.40
C LEU A 133 -22.33 0.89 40.00
N PHE A 134 -21.53 1.58 40.81
CA PHE A 134 -21.13 2.94 40.49
C PHE A 134 -20.32 2.99 39.20
N SER A 135 -19.37 2.06 39.05
CA SER A 135 -18.57 2.01 37.83
C SER A 135 -19.45 1.70 36.61
N MET A 136 -20.40 0.77 36.78
CA MET A 136 -21.30 0.47 35.67
C MET A 136 -22.14 1.68 35.28
N LEU A 137 -22.59 2.44 36.28
CA LEU A 137 -23.35 3.65 35.99
C LEU A 137 -22.50 4.65 35.21
N ILE A 138 -21.24 4.83 35.62
CA ILE A 138 -20.36 5.74 34.90
C ILE A 138 -20.17 5.27 33.46
N MET A 139 -19.96 3.97 33.27
CA MET A 139 -19.78 3.45 31.92
C MET A 139 -21.02 3.69 31.07
N CYS A 140 -22.21 3.43 31.64
CA CYS A 140 -23.45 3.62 30.89
C CYS A 140 -23.63 5.08 30.49
N THR A 141 -23.37 6.01 31.41
CA THR A 141 -23.54 7.42 31.05
C THR A 141 -22.51 7.87 30.03
N ILE A 142 -21.28 7.35 30.11
CA ILE A 142 -20.28 7.67 29.10
C ILE A 142 -20.74 7.17 27.74
N LEU A 143 -21.27 5.95 27.67
CA LEU A 143 -21.73 5.44 26.39
C LEU A 143 -22.90 6.26 25.84
N THR A 144 -23.82 6.66 26.71
CA THR A 144 -24.93 7.49 26.26
C THR A 144 -24.43 8.83 25.72
N ASN A 145 -23.47 9.44 26.42
CA ASN A 145 -22.91 10.70 25.95
C ASN A 145 -22.21 10.51 24.61
N CYS A 146 -21.51 9.39 24.44
CA CYS A 146 -20.87 9.10 23.16
C CYS A 146 -21.89 8.98 22.05
N VAL A 147 -23.01 8.31 22.32
CA VAL A 147 -24.06 8.22 21.32
C VAL A 147 -24.61 9.60 20.97
N PHE A 148 -24.72 10.49 21.96
CA PHE A 148 -25.24 11.82 21.69
C PHE A 148 -24.24 12.69 20.92
N MET A 149 -22.94 12.47 21.14
CA MET A 149 -21.96 13.28 20.43
C MET A 149 -21.88 12.95 18.94
N ALA A 150 -22.53 11.86 18.51
CA ALA A 150 -22.50 11.49 17.10
C ALA A 150 -23.36 12.44 16.27
N GLN A 151 -24.42 13.00 16.86
CA GLN A 151 -25.34 13.83 16.09
C GLN A 151 -24.66 15.11 15.65
N HIS A 152 -24.74 15.40 14.35
CA HIS A 152 -24.11 16.61 13.82
C HIS A 152 -24.90 17.86 14.19
N ASP A 153 -26.23 17.79 14.13
CA ASP A 153 -27.09 18.91 14.48
C ASP A 153 -27.88 18.57 15.74
N PRO A 154 -27.44 18.99 16.91
CA PRO A 154 -28.15 18.62 18.14
C PRO A 154 -29.43 19.42 18.28
N PRO A 155 -30.58 18.77 18.42
CA PRO A 155 -31.83 19.51 18.60
C PRO A 155 -31.83 20.25 19.92
N PRO A 156 -32.62 21.33 20.05
CA PRO A 156 -32.52 22.16 21.25
C PRO A 156 -32.78 21.42 22.55
N TRP A 157 -33.71 20.45 22.55
CA TRP A 157 -34.06 19.79 23.80
C TRP A 157 -32.87 19.05 24.40
N THR A 158 -32.02 18.47 23.56
CA THR A 158 -30.85 17.77 24.08
C THR A 158 -29.96 18.69 24.89
N LYS A 159 -30.06 20.01 24.67
CA LYS A 159 -29.30 20.94 25.50
C LYS A 159 -29.58 20.68 26.97
N TYR A 160 -30.84 20.50 27.34
CA TYR A 160 -31.17 20.17 28.72
C TYR A 160 -30.41 18.93 29.16
N VAL A 161 -30.45 17.88 28.33
CA VAL A 161 -29.78 16.64 28.66
C VAL A 161 -28.32 16.89 29.02
N GLU A 162 -27.70 17.90 28.39
CA GLU A 162 -26.30 18.19 28.67
C GLU A 162 -26.09 18.35 30.17
N TYR A 163 -26.91 19.16 30.82
CA TYR A 163 -26.75 19.36 32.26
C TYR A 163 -26.69 18.02 32.99
N THR A 164 -27.60 17.11 32.64
CA THR A 164 -27.58 15.78 33.23
C THR A 164 -26.15 15.25 33.30
N PHE A 165 -25.51 15.13 32.14
CA PHE A 165 -24.15 14.61 32.11
C PHE A 165 -23.23 15.46 32.97
N THR A 166 -23.30 16.78 32.80
CA THR A 166 -22.47 17.67 33.60
C THR A 166 -22.69 17.42 35.09
N ALA A 167 -23.93 17.13 35.47
CA ALA A 167 -24.19 16.77 36.86
C ALA A 167 -23.56 15.43 37.20
N ILE A 168 -23.82 14.41 36.38
CA ILE A 168 -23.31 13.08 36.69
C ILE A 168 -21.80 13.09 36.75
N TYR A 169 -21.16 13.65 35.72
CA TYR A 169 -19.71 13.77 35.74
C TYR A 169 -19.23 14.54 36.97
N THR A 170 -20.01 15.52 37.41
CA THR A 170 -19.69 16.18 38.68
C THR A 170 -19.84 15.20 39.84
N PHE A 171 -21.01 14.55 39.94
CA PHE A 171 -21.30 13.68 41.06
C PHE A 171 -20.17 12.69 41.28
N GLU A 172 -19.90 11.85 40.28
CA GLU A 172 -18.83 10.87 40.41
C GLU A 172 -17.53 11.55 40.82
N SER A 173 -17.19 12.66 40.16
CA SER A 173 -15.97 13.36 40.52
C SER A 173 -15.99 13.73 42.00
N LEU A 174 -17.10 14.32 42.45
CA LEU A 174 -17.22 14.67 43.85
C LEU A 174 -16.93 13.46 44.73
N VAL A 175 -17.48 12.30 44.37
CA VAL A 175 -17.23 11.09 45.15
C VAL A 175 -15.72 10.83 45.22
N LYS A 176 -15.06 10.85 44.06
CA LYS A 176 -13.62 10.61 44.04
C LYS A 176 -12.89 11.66 44.86
N ILE A 177 -13.45 12.86 44.96
CA ILE A 177 -12.83 13.89 45.79
C ILE A 177 -12.97 13.55 47.27
N LEU A 178 -14.14 13.04 47.66
CA LEU A 178 -14.36 12.74 49.07
C LEU A 178 -13.51 11.57 49.54
N ALA A 179 -13.53 10.47 48.79
CA ALA A 179 -12.77 9.30 49.20
C ALA A 179 -11.27 9.58 49.18
N ARG A 180 -10.77 10.16 48.09
CA ARG A 180 -9.36 10.45 47.95
C ARG A 180 -9.10 11.89 48.39
N GLY A 181 -7.88 12.38 48.15
CA GLY A 181 -7.53 13.74 48.50
C GLY A 181 -7.19 14.57 47.27
N PHE A 182 -7.75 15.77 47.19
CA PHE A 182 -7.46 16.63 46.04
C PHE A 182 -5.99 16.99 45.97
N CYS A 183 -5.38 17.28 47.11
CA CYS A 183 -3.97 17.65 47.14
C CYS A 183 -3.11 16.49 46.64
N LEU A 184 -1.82 16.77 46.49
CA LEU A 184 -0.85 15.78 46.02
C LEU A 184 -0.37 14.95 47.21
N HIS A 185 -0.47 13.63 47.08
CA HIS A 185 -0.02 12.71 48.12
C HIS A 185 -0.23 11.29 47.58
N ALA A 186 0.32 10.32 48.31
CA ALA A 186 0.18 8.94 47.92
C ALA A 186 -1.28 8.53 47.93
N PHE A 187 -1.72 7.84 46.88
CA PHE A 187 -3.10 7.35 46.77
C PHE A 187 -4.08 8.50 46.95
N THR A 188 -4.03 9.44 46.01
CA THR A 188 -4.88 10.63 46.04
C THR A 188 -5.49 10.85 44.67
N PHE A 189 -6.47 11.76 44.63
CA PHE A 189 -7.24 11.98 43.40
C PHE A 189 -6.32 12.40 42.26
N LEU A 190 -5.67 13.55 42.39
CA LEU A 190 -4.84 14.06 41.29
C LEU A 190 -3.59 13.22 41.08
N ARG A 191 -3.22 12.37 42.03
CA ARG A 191 -2.06 11.52 41.84
C ARG A 191 -2.27 10.56 40.68
N ASP A 192 -3.48 10.03 40.53
CA ASP A 192 -3.80 9.15 39.42
C ASP A 192 -3.81 9.95 38.13
N PRO A 193 -3.01 9.61 37.12
CA PRO A 193 -2.99 10.43 35.89
C PRO A 193 -4.32 10.55 35.22
N TRP A 194 -5.17 9.52 35.29
CA TRP A 194 -6.44 9.56 34.56
C TRP A 194 -7.43 10.51 35.21
N ASN A 195 -7.32 10.75 36.52
CA ASN A 195 -8.20 11.71 37.17
C ASN A 195 -8.01 13.13 36.63
N TRP A 196 -6.83 13.42 36.06
CA TRP A 196 -6.68 14.68 35.35
C TRP A 196 -7.70 14.81 34.24
N LEU A 197 -8.09 13.68 33.64
CA LEU A 197 -9.12 13.71 32.60
C LEU A 197 -10.45 14.18 33.17
N ASP A 198 -10.85 13.64 34.33
CA ASP A 198 -12.06 14.12 34.99
C ASP A 198 -11.96 15.60 35.30
N PHE A 199 -10.81 16.03 35.85
CA PHE A 199 -10.67 17.44 36.23
C PHE A 199 -10.81 18.33 35.01
N SER A 200 -10.11 18.01 33.92
CA SER A 200 -10.18 18.83 32.72
C SER A 200 -11.59 18.82 32.14
N VAL A 201 -12.23 17.66 32.09
CA VAL A 201 -13.56 17.58 31.51
C VAL A 201 -14.55 18.42 32.31
N ILE A 202 -14.51 18.31 33.63
CA ILE A 202 -15.47 19.04 34.45
C ILE A 202 -15.23 20.54 34.34
N VAL A 203 -13.96 20.98 34.40
CA VAL A 203 -13.70 22.41 34.32
C VAL A 203 -14.10 22.95 32.95
N MET A 204 -13.81 22.20 31.88
CA MET A 204 -14.19 22.65 30.55
C MET A 204 -15.71 22.71 30.40
N ALA A 205 -16.41 21.73 30.94
CA ALA A 205 -17.87 21.73 30.86
C ALA A 205 -18.45 22.93 31.60
N TYR A 206 -17.95 23.22 32.80
CA TYR A 206 -18.43 24.39 33.52
C TYR A 206 -18.11 25.68 32.78
N THR A 207 -16.90 25.76 32.21
CA THR A 207 -16.54 26.96 31.46
C THR A 207 -17.47 27.16 30.27
N THR A 208 -17.77 26.08 29.54
CA THR A 208 -18.61 26.21 28.35
C THR A 208 -20.05 26.53 28.72
N GLU A 209 -20.55 25.94 29.80
CA GLU A 209 -21.96 26.08 30.17
C GLU A 209 -22.20 27.30 31.06
N PHE A 210 -21.38 27.49 32.09
CA PHE A 210 -21.58 28.62 32.98
C PHE A 210 -21.47 29.95 32.24
N VAL A 211 -20.48 30.06 31.35
CA VAL A 211 -20.28 31.25 30.54
C VAL A 211 -20.08 30.84 29.09
N ASP A 212 -20.27 31.80 28.19
CA ASP A 212 -20.14 31.54 26.77
C ASP A 212 -18.73 31.04 26.43
N SER A 217 -20.05 27.13 19.29
CA SER A 217 -18.69 27.28 19.81
C SER A 217 -17.86 26.04 19.51
N ALA A 218 -16.75 26.22 18.78
CA ALA A 218 -15.87 25.11 18.48
C ALA A 218 -15.27 24.50 19.74
N LEU A 219 -15.24 25.24 20.84
CA LEU A 219 -14.75 24.70 22.10
C LEU A 219 -15.48 23.42 22.49
N ARG A 220 -16.75 23.30 22.06
CA ARG A 220 -17.53 22.12 22.40
C ARG A 220 -16.89 20.84 21.88
N THR A 221 -16.02 20.93 20.87
CA THR A 221 -15.35 19.72 20.39
C THR A 221 -14.53 19.06 21.49
N PHE A 222 -14.06 19.84 22.48
CA PHE A 222 -13.32 19.25 23.58
C PHE A 222 -14.15 18.22 24.33
N ARG A 223 -15.48 18.30 24.24
CA ARG A 223 -16.32 17.30 24.89
C ARG A 223 -16.01 15.89 24.40
N VAL A 224 -15.41 15.76 23.21
CA VAL A 224 -15.08 14.44 22.70
C VAL A 224 -14.13 13.73 23.64
N LEU A 225 -13.31 14.48 24.39
CA LEU A 225 -12.40 13.84 25.32
C LEU A 225 -13.13 13.02 26.37
N ARG A 226 -14.42 13.31 26.59
CA ARG A 226 -15.19 12.51 27.54
C ARG A 226 -15.20 11.04 27.14
N ALA A 227 -15.10 10.75 25.84
CA ALA A 227 -15.06 9.36 25.40
C ALA A 227 -13.89 8.63 26.04
N LEU A 228 -12.76 9.30 26.21
CA LEU A 228 -11.61 8.67 26.83
C LEU A 228 -11.90 8.20 28.24
N LYS A 229 -12.95 8.74 28.88
CA LYS A 229 -13.32 8.25 30.20
C LYS A 229 -13.60 6.75 30.18
N THR A 230 -14.03 6.21 29.03
CA THR A 230 -14.18 4.78 28.92
C THR A 230 -12.89 4.07 29.28
N ILE A 231 -11.78 4.51 28.70
CA ILE A 231 -10.48 3.92 29.02
C ILE A 231 -10.21 4.00 30.52
N SER A 232 -10.77 5.01 31.18
CA SER A 232 -10.55 5.17 32.62
C SER A 232 -11.39 4.21 33.44
N VAL A 233 -12.59 3.84 32.96
CA VAL A 233 -13.51 3.07 33.78
C VAL A 233 -13.35 1.57 33.60
N ILE A 234 -12.38 1.13 32.80
CA ILE A 234 -12.08 -0.28 32.61
C ILE A 234 -10.57 -0.47 32.80
N SER A 235 -10.20 -1.45 33.62
CA SER A 235 -8.77 -1.70 33.87
C SER A 235 -8.07 -2.20 32.61
N GLY A 236 -8.74 -3.07 31.85
CA GLY A 236 -8.12 -3.62 30.66
C GLY A 236 -7.69 -2.55 29.68
N LEU A 237 -8.54 -1.55 29.46
CA LEU A 237 -8.19 -0.48 28.55
C LEU A 237 -7.00 0.33 29.08
N LYS A 238 -6.94 0.54 30.38
CA LYS A 238 -5.79 1.23 30.96
C LYS A 238 -4.51 0.46 30.68
N THR A 239 -4.54 -0.86 30.87
CA THR A 239 -3.36 -1.67 30.63
C THR A 239 -2.97 -1.65 29.15
N ILE A 240 -3.96 -1.72 28.27
CA ILE A 240 -3.67 -1.70 26.83
C ILE A 240 -3.04 -0.37 26.43
N VAL A 241 -3.58 0.74 26.95
CA VAL A 241 -3.02 2.04 26.62
C VAL A 241 -1.61 2.15 27.17
N GLY A 242 -1.36 1.59 28.36
CA GLY A 242 0.00 1.60 28.89
C GLY A 242 0.97 0.86 27.99
N ALA A 243 0.60 -0.35 27.57
CA ALA A 243 1.45 -1.11 26.68
C ALA A 243 1.70 -0.37 25.37
N LEU A 244 0.66 0.26 24.84
CA LEU A 244 0.80 1.04 23.61
C LEU A 244 1.78 2.20 23.83
N ILE A 245 1.71 2.84 24.99
CA ILE A 245 2.62 3.95 25.28
C ILE A 245 4.06 3.45 25.33
N GLN A 246 4.31 2.31 25.97
CA GLN A 246 5.68 1.79 25.98
C GLN A 246 6.14 1.43 24.58
N SER A 247 5.24 0.91 23.74
CA SER A 247 5.62 0.64 22.35
C SER A 247 6.03 1.93 21.64
N VAL A 248 5.25 3.00 21.82
CA VAL A 248 5.60 4.28 21.22
C VAL A 248 6.95 4.75 21.71
N LYS A 249 7.20 4.61 23.02
CA LYS A 249 8.49 5.03 23.56
C LYS A 249 9.63 4.25 22.94
N LYS A 250 9.45 2.94 22.75
CA LYS A 250 10.49 2.14 22.12
C LYS A 250 10.68 2.48 20.65
N LEU A 251 9.68 3.03 19.99
CA LEU A 251 9.79 3.39 18.58
C LEU A 251 10.58 4.68 18.33
N ALA A 252 11.26 5.22 19.35
CA ALA A 252 11.89 6.54 19.21
C ALA A 252 13.03 6.52 18.21
N ASP A 253 13.90 5.50 18.28
CA ASP A 253 15.03 5.44 17.36
C ASP A 253 14.55 5.32 15.92
N VAL A 254 13.52 4.51 15.68
CA VAL A 254 13.00 4.36 14.32
C VAL A 254 12.36 5.66 13.86
N MET A 255 11.68 6.38 14.76
CA MET A 255 11.10 7.66 14.38
C MET A 255 12.19 8.65 13.97
N VAL A 256 13.28 8.69 14.74
CA VAL A 256 14.37 9.60 14.40
C VAL A 256 15.00 9.22 13.06
N LEU A 257 15.20 7.92 12.84
CA LEU A 257 15.74 7.47 11.56
C LEU A 257 14.82 7.83 10.41
N THR A 258 13.51 7.67 10.60
CA THR A 258 12.56 8.01 9.56
C THR A 258 12.62 9.50 9.25
N VAL A 259 12.69 10.34 10.28
CA VAL A 259 12.77 11.78 10.04
C VAL A 259 14.06 12.12 9.30
N PHE A 260 15.18 11.52 9.70
CA PHE A 260 16.45 11.82 9.06
C PHE A 260 16.44 11.40 7.59
N CYS A 261 15.98 10.18 7.31
CA CYS A 261 15.93 9.70 5.93
C CYS A 261 14.96 10.52 5.09
N LEU A 262 13.81 10.86 5.65
CA LEU A 262 12.85 11.68 4.91
C LEU A 262 13.44 13.04 4.60
N SER A 263 14.13 13.66 5.55
CA SER A 263 14.75 14.95 5.28
C SER A 263 15.83 14.84 4.22
N VAL A 264 16.65 13.80 4.28
CA VAL A 264 17.73 13.64 3.30
C VAL A 264 17.14 13.45 1.91
N PHE A 265 16.19 12.52 1.76
CA PHE A 265 15.57 12.32 0.47
C PHE A 265 14.78 13.53 0.02
N ALA A 266 14.27 14.33 0.97
CA ALA A 266 13.54 15.52 0.59
C ALA A 266 14.47 16.59 0.05
N LEU A 267 15.66 16.72 0.63
CA LEU A 267 16.66 17.60 0.04
C LEU A 267 17.07 17.12 -1.34
N ILE A 268 17.24 15.80 -1.50
CA ILE A 268 17.58 15.26 -2.82
C ILE A 268 16.48 15.58 -3.83
N GLY A 269 15.23 15.35 -3.46
CA GLY A 269 14.13 15.60 -4.37
C GLY A 269 13.97 17.08 -4.67
N LEU A 270 14.15 17.93 -3.67
CA LEU A 270 14.09 19.36 -3.89
C LEU A 270 15.16 19.79 -4.89
N GLN A 271 16.38 19.29 -4.73
CA GLN A 271 17.43 19.64 -5.69
C GLN A 271 17.09 19.13 -7.08
N LEU A 272 16.58 17.90 -7.18
CA LEU A 272 16.34 17.32 -8.50
C LEU A 272 15.12 17.95 -9.18
N PHE A 273 14.02 18.13 -8.45
CA PHE A 273 12.76 18.54 -9.02
C PHE A 273 12.27 19.87 -8.45
N MET A 274 13.17 20.82 -8.24
CA MET A 274 12.77 22.13 -7.77
C MET A 274 12.01 22.83 -8.89
N GLY A 275 10.70 23.00 -8.71
CA GLY A 275 9.89 23.69 -9.68
C GLY A 275 9.54 22.88 -10.91
N ASN A 276 9.89 21.59 -10.95
CA ASN A 276 9.56 20.78 -12.10
C ASN A 276 8.06 20.60 -12.24
N LEU A 277 7.35 20.43 -11.12
CA LEU A 277 5.93 20.13 -11.18
C LEU A 277 5.10 21.30 -11.67
N ARG A 278 5.68 22.50 -11.79
CA ARG A 278 4.97 23.64 -12.31
C ARG A 278 5.01 23.71 -13.84
N HIS A 279 5.67 22.77 -14.49
CA HIS A 279 5.68 22.73 -15.95
C HIS A 279 4.27 22.48 -16.47
N LYS A 280 3.93 23.13 -17.58
CA LYS A 280 2.61 22.97 -18.17
C LYS A 280 2.71 23.23 -19.67
N CYS A 281 1.87 22.55 -20.44
CA CYS A 281 1.83 22.76 -21.88
C CYS A 281 0.89 23.93 -22.17
N VAL A 282 1.45 25.11 -22.34
CA VAL A 282 0.68 26.31 -22.59
C VAL A 282 0.76 26.64 -24.07
N ARG A 283 -0.21 27.42 -24.54
CA ARG A 283 -0.24 27.78 -25.94
C ARG A 283 0.97 28.65 -26.29
N ASN A 284 1.36 28.61 -27.56
CA ASN A 284 2.58 29.28 -28.02
C ASN A 284 2.20 30.74 -28.31
N PHE A 285 2.49 31.61 -27.35
CA PHE A 285 2.13 33.02 -27.48
C PHE A 285 3.02 33.72 -28.47
N THR A 286 2.50 34.81 -29.04
CA THR A 286 3.23 35.65 -29.99
C THR A 286 3.17 37.09 -29.51
N GLU A 287 4.33 37.76 -29.50
CA GLU A 287 4.38 39.15 -29.08
C GLU A 287 3.71 40.04 -30.12
N LEU A 288 3.03 41.08 -29.65
CA LEU A 288 2.35 42.03 -30.53
C LEU A 288 3.33 43.13 -30.95
N ASN A 289 4.36 42.71 -31.68
CA ASN A 289 5.36 43.64 -32.21
C ASN A 289 6.03 44.41 -31.06
N GLY A 290 6.09 43.79 -29.89
CA GLY A 290 6.71 44.42 -28.74
C GLY A 290 6.09 45.75 -28.39
N THR A 291 4.75 45.84 -28.46
CA THR A 291 4.08 47.10 -28.17
C THR A 291 4.22 47.46 -26.70
N ASN A 292 3.60 46.67 -25.81
CA ASN A 292 3.74 46.87 -24.38
C ASN A 292 3.94 45.54 -23.68
N GLY A 293 4.74 44.66 -24.28
CA GLY A 293 4.96 43.34 -23.70
C GLY A 293 3.70 42.52 -23.60
N SER A 294 2.87 42.55 -24.64
CA SER A 294 1.60 41.82 -24.66
C SER A 294 1.69 40.64 -25.62
N VAL A 295 0.81 39.68 -25.42
CA VAL A 295 0.79 38.44 -26.19
C VAL A 295 -0.57 38.29 -26.87
N GLU A 296 -0.56 37.79 -28.10
CA GLU A 296 -1.76 37.69 -28.92
C GLU A 296 -2.08 36.23 -29.24
N ALA A 297 -1.98 35.36 -28.25
CA ALA A 297 -2.22 33.94 -28.47
C ALA A 297 -3.66 33.69 -28.88
N ASP A 298 -3.85 32.84 -29.90
CA ASP A 298 -5.16 32.41 -30.34
C ASP A 298 -6.08 33.60 -30.64
N GLY A 299 -5.52 34.63 -31.27
CA GLY A 299 -6.32 35.78 -31.67
C GLY A 299 -6.97 36.50 -30.51
N LEU A 300 -6.25 36.67 -29.41
CA LEU A 300 -6.75 37.40 -28.25
C LEU A 300 -5.57 38.05 -27.56
N VAL A 301 -5.74 39.31 -27.18
CA VAL A 301 -4.67 40.12 -26.60
C VAL A 301 -4.79 40.07 -25.08
N TRP A 302 -3.65 39.87 -24.41
CA TRP A 302 -3.58 39.88 -22.96
C TRP A 302 -2.75 41.07 -22.51
N ASN A 303 -3.02 41.54 -21.28
CA ASN A 303 -2.33 42.72 -20.77
C ASN A 303 -0.83 42.47 -20.67
N SER A 304 -0.43 41.31 -20.19
CA SER A 304 0.98 41.00 -19.98
C SER A 304 1.20 39.51 -20.12
N LEU A 305 2.45 39.12 -20.35
CA LEU A 305 2.79 37.71 -20.45
C LEU A 305 2.55 36.99 -19.13
N ASP A 306 2.92 37.62 -18.02
CA ASP A 306 2.76 36.96 -16.72
C ASP A 306 1.29 36.69 -16.42
N VAL A 307 0.42 37.68 -16.67
CA VAL A 307 -1.00 37.47 -16.43
C VAL A 307 -1.56 36.43 -17.39
N TYR A 308 -1.05 36.39 -18.63
CA TYR A 308 -1.51 35.40 -19.60
C TYR A 308 -1.18 33.99 -19.14
N LEU A 309 0.06 33.77 -18.73
CA LEU A 309 0.49 32.41 -18.38
C LEU A 309 -0.32 31.88 -17.20
N ASN A 310 -0.54 32.70 -16.18
CA ASN A 310 -1.29 32.25 -15.01
C ASN A 310 -2.76 32.02 -15.31
N ASP A 311 -3.25 32.42 -16.48
CA ASP A 311 -4.63 32.18 -16.83
C ASP A 311 -4.81 30.72 -17.21
N PRO A 312 -5.67 29.96 -16.52
CA PRO A 312 -5.80 28.53 -16.83
C PRO A 312 -6.64 28.21 -18.06
N ALA A 313 -7.09 29.22 -18.80
CA ALA A 313 -7.93 28.99 -19.97
C ALA A 313 -7.13 28.60 -21.21
N ASN A 314 -5.81 28.66 -21.15
CA ASN A 314 -4.96 28.31 -22.28
C ASN A 314 -4.10 27.08 -22.02
N TYR A 315 -4.21 26.46 -20.87
CA TYR A 315 -3.49 25.22 -20.60
C TYR A 315 -4.09 24.10 -21.45
N LEU A 316 -3.53 22.90 -21.29
CA LEU A 316 -4.01 21.71 -21.98
C LEU A 316 -4.31 20.63 -20.96
N LEU A 317 -5.57 20.22 -20.87
CA LEU A 317 -5.95 19.18 -19.93
C LEU A 317 -5.48 17.82 -20.44
N LYS A 318 -5.03 16.97 -19.51
CA LYS A 318 -4.68 15.61 -19.87
C LYS A 318 -5.91 14.86 -20.33
N ASN A 319 -5.72 13.96 -21.29
CA ASN A 319 -6.84 13.28 -21.92
C ASN A 319 -7.64 12.50 -20.88
N GLY A 320 -8.97 12.66 -20.93
CA GLY A 320 -9.85 11.92 -20.06
C GLY A 320 -9.69 12.22 -18.59
N THR A 321 -9.01 13.32 -18.25
CA THR A 321 -8.78 13.69 -16.86
C THR A 321 -8.91 15.19 -16.71
N THR A 322 -9.27 15.62 -15.51
CA THR A 322 -9.35 17.05 -15.21
C THR A 322 -8.04 17.51 -14.56
N ASP A 323 -6.95 17.30 -15.30
CA ASP A 323 -5.62 17.65 -14.84
C ASP A 323 -4.87 18.35 -15.97
N VAL A 324 -4.09 19.36 -15.59
CA VAL A 324 -3.28 20.06 -16.58
C VAL A 324 -2.10 19.19 -16.98
N LEU A 325 -1.87 19.07 -18.28
CA LEU A 325 -0.84 18.17 -18.80
C LEU A 325 0.54 18.67 -18.39
N LEU A 326 1.20 17.94 -17.50
CA LEU A 326 2.60 18.22 -17.21
C LEU A 326 3.46 17.89 -18.43
N CYS A 327 4.53 18.65 -18.61
CA CYS A 327 5.34 18.54 -19.81
C CYS A 327 6.79 18.84 -19.45
N GLY A 328 7.69 18.44 -20.33
CA GLY A 328 9.12 18.67 -20.12
C GLY A 328 9.83 18.88 -21.43
N ASN A 329 11.06 19.39 -21.33
CA ASN A 329 11.91 19.60 -22.49
C ASN A 329 13.02 18.56 -22.62
N SER A 330 13.27 17.78 -21.58
CA SER A 330 14.23 16.70 -21.70
C SER A 330 13.76 15.70 -22.75
N SER A 331 14.72 14.92 -23.27
CA SER A 331 14.37 13.95 -24.31
C SER A 331 13.37 12.92 -23.79
N ASP A 332 13.55 12.46 -22.56
CA ASP A 332 12.68 11.43 -22.00
C ASP A 332 11.32 11.98 -21.58
N ALA A 333 11.28 13.21 -21.07
CA ALA A 333 10.05 13.74 -20.49
C ALA A 333 8.93 13.78 -21.52
N GLY A 334 7.73 14.11 -21.03
CA GLY A 334 6.59 14.16 -21.91
C GLY A 334 6.73 15.21 -22.99
N THR A 335 5.92 15.06 -24.03
CA THR A 335 5.95 15.93 -25.19
C THR A 335 4.68 16.75 -25.28
N CYS A 336 4.81 17.99 -25.71
CA CYS A 336 3.68 18.88 -25.90
C CYS A 336 3.08 18.67 -27.29
N PRO A 337 1.78 18.40 -27.40
CA PRO A 337 1.19 18.24 -28.73
C PRO A 337 1.41 19.49 -29.60
N GLU A 338 1.20 19.31 -30.90
CA GLU A 338 1.39 20.40 -31.84
C GLU A 338 0.53 21.59 -31.47
N GLY A 339 1.12 22.78 -31.47
CA GLY A 339 0.43 23.98 -31.06
C GLY A 339 0.58 24.33 -29.60
N TYR A 340 1.41 23.62 -28.85
CA TYR A 340 1.62 23.87 -27.44
C TYR A 340 3.11 23.75 -27.13
N ARG A 341 3.52 24.39 -26.05
CA ARG A 341 4.92 24.39 -25.64
C ARG A 341 5.00 24.27 -24.13
N CYS A 342 6.07 23.63 -23.67
CA CYS A 342 6.30 23.49 -22.23
C CYS A 342 6.76 24.83 -21.65
N LEU A 343 6.17 25.22 -20.53
CA LEU A 343 6.58 26.43 -19.84
C LEU A 343 6.30 26.26 -18.35
N LYS A 344 7.18 26.83 -17.53
CA LYS A 344 7.13 26.60 -16.09
C LYS A 344 6.01 27.37 -15.41
N ALA A 345 5.46 28.39 -16.05
CA ALA A 345 4.49 29.25 -15.37
C ALA A 345 3.21 28.49 -15.06
N GLY A 346 2.60 28.80 -13.92
CA GLY A 346 1.35 28.20 -13.52
C GLY A 346 1.25 27.94 -12.03
N GLN A 347 0.45 26.95 -11.66
CA GLN A 347 0.26 26.55 -10.27
C GLN A 347 0.52 25.06 -10.15
N ASN A 348 1.01 24.64 -8.98
CA ASN A 348 1.31 23.24 -8.75
C ASN A 348 0.05 22.40 -8.85
N PRO A 349 0.17 21.12 -9.17
CA PRO A 349 -1.01 20.31 -9.44
C PRO A 349 -1.79 19.96 -8.18
N ASP A 350 -3.00 19.44 -8.40
CA ASP A 350 -3.96 19.12 -7.34
C ASP A 350 -4.00 20.23 -6.28
N HIS A 351 -4.41 21.42 -6.72
CA HIS A 351 -4.66 22.56 -5.83
C HIS A 351 -3.36 23.14 -5.28
N GLY A 352 -2.22 22.65 -5.76
CA GLY A 352 -0.95 23.18 -5.34
C GLY A 352 -0.38 22.60 -4.07
N TYR A 353 -0.93 21.49 -3.58
CA TYR A 353 -0.41 20.88 -2.37
C TYR A 353 0.64 19.82 -2.63
N THR A 354 0.90 19.49 -3.89
CA THR A 354 1.98 18.57 -4.26
C THR A 354 3.01 19.35 -5.05
N SER A 355 4.25 19.35 -4.58
CA SER A 355 5.32 20.08 -5.23
C SER A 355 6.59 19.86 -4.42
N PHE A 356 7.72 20.11 -5.08
CA PHE A 356 9.03 20.04 -4.43
C PHE A 356 9.67 21.42 -4.28
N ASP A 357 8.88 22.49 -4.46
CA ASP A 357 9.46 23.84 -4.48
C ASP A 357 10.12 24.18 -3.16
N SER A 358 9.38 24.04 -2.06
CA SER A 358 9.90 24.30 -0.73
C SER A 358 10.32 22.98 -0.08
N PHE A 359 11.25 23.07 0.87
CA PHE A 359 11.71 21.85 1.52
C PHE A 359 10.58 21.17 2.27
N ALA A 360 9.73 21.96 2.93
CA ALA A 360 8.63 21.37 3.70
C ALA A 360 7.63 20.67 2.79
N TRP A 361 7.36 21.25 1.61
CA TRP A 361 6.51 20.57 0.65
C TRP A 361 7.14 19.26 0.21
N ALA A 362 8.46 19.26 0.00
CA ALA A 362 9.15 18.02 -0.36
C ALA A 362 9.04 16.99 0.75
N PHE A 363 9.10 17.45 2.01
CA PHE A 363 8.93 16.52 3.13
C PHE A 363 7.54 15.90 3.11
N LEU A 364 6.52 16.71 2.82
CA LEU A 364 5.17 16.15 2.70
C LEU A 364 5.12 15.12 1.58
N ALA A 365 5.69 15.46 0.43
CA ALA A 365 5.62 14.55 -0.72
C ALA A 365 6.35 13.25 -0.44
N LEU A 366 7.48 13.30 0.26
CA LEU A 366 8.20 12.08 0.54
C LEU A 366 7.66 11.31 1.74
N PHE A 367 6.92 11.97 2.64
CA PHE A 367 6.12 11.21 3.59
C PHE A 367 5.01 10.47 2.87
N ARG A 368 4.42 11.09 1.86
CA ARG A 368 3.44 10.42 1.02
C ARG A 368 4.08 9.22 0.31
N LEU A 369 5.31 9.39 -0.20
CA LEU A 369 6.01 8.27 -0.83
C LEU A 369 6.30 7.16 0.18
N MET A 370 6.74 7.52 1.38
CA MET A 370 7.16 6.51 2.36
C MET A 370 5.99 5.62 2.73
N THR A 371 4.80 6.20 2.90
CA THR A 371 3.60 5.42 3.17
C THR A 371 2.99 4.80 1.91
N GLN A 372 3.60 5.03 0.75
CA GLN A 372 3.11 4.49 -0.51
C GLN A 372 1.64 4.83 -0.71
N ASP A 373 1.30 6.07 -0.34
CA ASP A 373 -0.07 6.55 -0.40
C ASP A 373 -0.27 7.35 -1.69
N CYS A 374 -1.02 6.76 -2.63
CA CYS A 374 -1.27 7.41 -3.91
C CYS A 374 0.04 7.85 -4.55
N TRP A 375 1.08 7.03 -4.38
CA TRP A 375 2.40 7.40 -4.87
C TRP A 375 2.53 7.24 -6.38
N GLU A 376 1.65 6.46 -7.01
CA GLU A 376 1.72 6.34 -8.46
C GLU A 376 1.43 7.67 -9.13
N ARG A 377 0.56 8.49 -8.55
CA ARG A 377 0.26 9.79 -9.13
C ARG A 377 1.49 10.69 -9.12
N LEU A 378 2.19 10.76 -7.98
CA LEU A 378 3.41 11.55 -7.91
C LEU A 378 4.48 10.99 -8.83
N TYR A 379 4.61 9.67 -8.88
CA TYR A 379 5.55 9.03 -9.79
C TYR A 379 5.30 9.46 -11.23
N GLN A 380 4.05 9.35 -11.68
CA GLN A 380 3.71 9.69 -13.05
C GLN A 380 3.93 11.18 -13.31
N GLN A 381 3.53 12.05 -12.38
CA GLN A 381 3.71 13.47 -12.57
C GLN A 381 5.19 13.82 -12.68
N THR A 382 6.01 13.28 -11.78
CA THR A 382 7.43 13.61 -11.77
C THR A 382 8.13 13.10 -13.02
N LEU A 383 7.78 11.90 -13.49
CA LEU A 383 8.41 11.39 -14.70
C LEU A 383 7.92 12.14 -15.93
N ARG A 384 6.64 12.52 -15.96
CA ARG A 384 6.11 13.30 -17.07
C ARG A 384 6.82 14.64 -17.17
N SER A 385 7.05 15.29 -16.03
CA SER A 385 7.61 16.63 -16.05
C SER A 385 9.12 16.62 -16.26
N ALA A 386 9.83 15.74 -15.54
CA ALA A 386 11.28 15.78 -15.57
C ALA A 386 11.85 14.81 -16.60
N GLY A 387 11.43 13.55 -16.56
CA GLY A 387 11.91 12.55 -17.50
C GLY A 387 11.81 11.14 -16.96
N LYS A 388 11.72 10.16 -17.85
CA LYS A 388 11.57 8.77 -17.42
C LYS A 388 12.78 8.32 -16.60
N ILE A 389 13.97 8.80 -16.93
CA ILE A 389 15.17 8.33 -16.25
C ILE A 389 15.07 8.56 -14.75
N TYR A 390 14.45 9.68 -14.34
CA TYR A 390 14.35 9.99 -12.92
C TYR A 390 13.61 8.91 -12.15
N MET A 391 12.99 7.96 -12.83
CA MET A 391 12.34 6.85 -12.15
C MET A 391 13.33 6.16 -11.25
N ILE A 392 14.62 6.19 -11.63
CA ILE A 392 15.66 5.63 -10.79
C ILE A 392 15.49 6.14 -9.36
N PHE A 393 15.54 7.46 -9.20
CA PHE A 393 15.38 8.07 -7.89
C PHE A 393 14.26 7.39 -7.12
N PHE A 394 13.11 7.22 -7.75
CA PHE A 394 11.94 6.75 -7.03
C PHE A 394 12.18 5.39 -6.40
N MET A 395 12.78 4.45 -7.14
CA MET A 395 13.00 3.15 -6.54
C MET A 395 13.99 3.24 -5.38
N LEU A 396 15.02 4.07 -5.51
CA LEU A 396 15.93 4.25 -4.38
C LEU A 396 15.21 4.78 -3.16
N VAL A 397 14.06 5.42 -3.34
CA VAL A 397 13.26 5.88 -2.22
C VAL A 397 12.20 4.86 -1.82
N ILE A 398 11.81 3.96 -2.72
CA ILE A 398 10.75 3.00 -2.44
C ILE A 398 11.36 1.71 -1.90
N PHE A 399 12.26 1.11 -2.67
CA PHE A 399 12.84 -0.17 -2.27
C PHE A 399 13.82 -0.06 -1.13
N LEU A 400 14.20 1.16 -0.73
CA LEU A 400 15.07 1.35 0.40
C LEU A 400 14.61 2.45 1.35
N GLY A 401 13.64 3.27 0.96
CA GLY A 401 13.12 4.31 1.82
C GLY A 401 11.75 4.02 2.36
N SER A 402 10.89 3.42 1.55
CA SER A 402 9.52 3.13 1.95
C SER A 402 9.39 1.73 2.55
N PHE A 403 9.75 0.71 1.78
CA PHE A 403 9.64 -0.66 2.27
C PHE A 403 10.53 -0.86 3.50
N TYR A 404 11.78 -0.38 3.42
CA TYR A 404 12.71 -0.60 4.51
C TYR A 404 12.22 0.06 5.80
N LEU A 405 11.76 1.31 5.72
CA LEU A 405 11.35 2.00 6.93
C LEU A 405 10.10 1.37 7.55
N VAL A 406 9.10 1.04 6.73
CA VAL A 406 7.89 0.46 7.28
C VAL A 406 8.19 -0.90 7.90
N ASN A 407 9.04 -1.70 7.25
CA ASN A 407 9.35 -3.00 7.81
C ASN A 407 10.22 -2.88 9.06
N LEU A 408 11.06 -1.86 9.13
CA LEU A 408 11.79 -1.60 10.37
C LEU A 408 10.85 -1.25 11.51
N ILE A 409 9.84 -0.42 11.23
CA ILE A 409 8.82 -0.13 12.24
C ILE A 409 8.11 -1.41 12.65
N LEU A 410 7.75 -2.24 11.66
CA LEU A 410 7.10 -3.50 11.97
C LEU A 410 7.94 -4.33 12.93
N ALA A 411 9.24 -4.47 12.61
CA ALA A 411 10.13 -5.28 13.44
C ALA A 411 10.26 -4.71 14.84
N VAL A 412 10.40 -3.38 14.96
CA VAL A 412 10.57 -2.79 16.28
C VAL A 412 9.32 -3.00 17.12
N VAL A 413 8.14 -2.77 16.53
CA VAL A 413 6.90 -3.00 17.26
C VAL A 413 6.77 -4.46 17.67
N ALA A 414 7.13 -5.37 16.76
CA ALA A 414 7.03 -6.79 17.08
C ALA A 414 7.95 -7.18 18.23
N MET A 415 9.19 -6.68 18.22
CA MET A 415 10.10 -6.98 19.32
C MET A 415 9.59 -6.38 20.63
N ALA A 416 9.06 -5.16 20.60
CA ALA A 416 8.53 -4.57 21.82
C ALA A 416 7.38 -5.41 22.37
N TYR A 417 6.48 -5.86 21.49
CA TYR A 417 5.39 -6.71 21.94
C TYR A 417 5.91 -8.05 22.45
N GLU A 418 6.98 -8.57 21.85
CA GLU A 418 7.56 -9.81 22.34
C GLU A 418 8.12 -9.65 23.74
N GLU A 419 8.80 -8.53 24.01
CA GLU A 419 9.27 -8.27 25.37
C GLU A 419 8.11 -8.14 26.33
N GLN A 420 7.04 -7.46 25.92
CA GLN A 420 5.86 -7.35 26.79
C GLN A 420 5.28 -8.73 27.10
N ASN A 421 5.16 -9.58 26.07
CA ASN A 421 4.62 -10.92 26.28
C ASN A 421 5.53 -11.75 27.17
N GLN A 422 6.85 -11.64 27.00
CA GLN A 422 7.76 -12.37 27.86
C GLN A 422 7.63 -11.92 29.31
N ALA A 423 7.53 -10.61 29.53
CA ALA A 423 7.34 -10.12 30.90
C ALA A 423 6.03 -10.63 31.49
N THR A 424 4.96 -10.62 30.70
CA THR A 424 3.68 -11.12 31.18
C THR A 424 3.77 -12.61 31.52
N ILE A 425 4.43 -13.39 30.67
CA ILE A 425 4.58 -14.82 30.94
C ILE A 425 5.39 -15.05 32.21
N ALA A 426 6.48 -14.29 32.39
CA ALA A 426 7.27 -14.44 33.60
C ALA A 426 6.46 -14.08 34.84
N GLU A 427 5.67 -13.01 34.76
CA GLU A 427 4.83 -12.63 35.90
C GLU A 427 3.81 -13.71 36.21
N THR A 428 3.20 -14.29 35.18
CA THR A 428 2.25 -15.37 35.41
C THR A 428 2.93 -16.57 36.04
N GLU A 429 4.14 -16.90 35.60
CA GLU A 429 4.85 -18.03 36.17
C GLU A 429 5.15 -17.81 37.64
N GLU A 430 5.57 -16.61 38.01
CA GLU A 430 5.88 -16.30 39.40
C GLU A 430 6.09 -14.80 39.59
N PRO A 521 -19.14 -42.38 13.25
CA PRO A 521 -20.26 -43.00 12.54
C PRO A 521 -20.12 -42.91 11.02
N PHE A 522 -19.19 -42.08 10.56
CA PHE A 522 -18.90 -41.83 9.15
C PHE A 522 -19.94 -40.91 8.51
N ALA A 523 -20.97 -40.50 9.23
CA ALA A 523 -21.94 -39.55 8.68
C ALA A 523 -21.36 -38.14 8.59
N ASP A 524 -20.29 -37.86 9.34
CA ASP A 524 -19.67 -36.54 9.24
C ASP A 524 -19.16 -36.28 7.84
N LEU A 525 -18.59 -37.29 7.18
CA LEU A 525 -18.17 -37.13 5.80
C LEU A 525 -19.35 -36.81 4.90
N THR A 526 -20.49 -37.49 5.11
CA THR A 526 -21.67 -37.21 4.31
C THR A 526 -22.13 -35.77 4.51
N ILE A 527 -22.14 -35.30 5.76
CA ILE A 527 -22.58 -33.94 6.03
C ILE A 527 -21.63 -32.93 5.42
N THR A 528 -20.31 -33.17 5.51
CA THR A 528 -19.35 -32.25 4.91
C THR A 528 -19.51 -32.21 3.39
N MET A 529 -19.72 -33.36 2.76
CA MET A 529 -19.95 -33.38 1.33
C MET A 529 -21.23 -32.62 0.98
N CYS A 530 -22.27 -32.78 1.80
CA CYS A 530 -23.50 -32.02 1.57
C CYS A 530 -23.26 -30.53 1.66
N ILE A 531 -22.49 -30.09 2.66
CA ILE A 531 -22.20 -28.66 2.80
C ILE A 531 -21.41 -28.16 1.61
N VAL A 532 -20.42 -28.93 1.16
CA VAL A 532 -19.61 -28.52 0.01
C VAL A 532 -20.48 -28.39 -1.23
N LEU A 533 -21.34 -29.38 -1.46
CA LEU A 533 -22.23 -29.32 -2.62
C LEU A 533 -23.18 -28.14 -2.52
N ASN A 534 -23.68 -27.84 -1.31
CA ASN A 534 -24.61 -26.72 -1.15
C ASN A 534 -23.92 -25.39 -1.42
N THR A 535 -22.71 -25.18 -0.88
CA THR A 535 -22.01 -23.94 -1.14
C THR A 535 -21.68 -23.79 -2.62
N LEU A 536 -21.26 -24.89 -3.27
CA LEU A 536 -21.02 -24.83 -4.70
C LEU A 536 -22.30 -24.50 -5.46
N PHE A 537 -23.43 -25.07 -5.03
CA PHE A 537 -24.70 -24.80 -5.70
C PHE A 537 -25.08 -23.34 -5.57
N MET A 538 -24.87 -22.76 -4.39
CA MET A 538 -25.10 -21.33 -4.24
C MET A 538 -24.16 -20.54 -5.15
N ALA A 539 -22.93 -21.02 -5.34
CA ALA A 539 -22.02 -20.35 -6.26
C ALA A 539 -22.48 -20.44 -7.70
N LEU A 540 -23.40 -21.34 -8.03
CA LEU A 540 -24.00 -21.38 -9.37
C LEU A 540 -25.05 -20.30 -9.52
N GLU A 541 -24.69 -19.05 -9.24
CA GLU A 541 -25.59 -17.92 -9.40
C GLU A 541 -24.84 -16.79 -10.08
N HIS A 542 -25.55 -16.04 -10.90
CA HIS A 542 -24.95 -14.97 -11.69
C HIS A 542 -26.05 -14.03 -12.15
N TYR A 543 -25.71 -13.11 -13.04
CA TYR A 543 -26.64 -12.16 -13.59
C TYR A 543 -27.28 -12.73 -14.86
N ASN A 544 -28.56 -12.40 -15.06
CA ASN A 544 -29.30 -12.79 -16.26
C ASN A 544 -29.57 -14.29 -16.28
N MET A 545 -29.84 -14.87 -15.12
CA MET A 545 -30.19 -16.28 -15.05
C MET A 545 -31.49 -16.53 -15.80
N THR A 546 -31.54 -17.64 -16.52
CA THR A 546 -32.77 -18.05 -17.18
C THR A 546 -33.79 -18.51 -16.15
N ALA A 547 -35.07 -18.44 -16.54
CA ALA A 547 -36.14 -18.82 -15.61
C ALA A 547 -35.97 -20.26 -15.14
N GLU A 548 -35.67 -21.17 -16.05
CA GLU A 548 -35.47 -22.56 -15.68
C GLU A 548 -34.32 -22.71 -14.70
N PHE A 549 -33.21 -22.00 -14.96
CA PHE A 549 -32.06 -22.08 -14.06
C PHE A 549 -32.40 -21.52 -12.69
N GLU A 550 -33.14 -20.42 -12.64
CA GLU A 550 -33.54 -19.86 -11.35
C GLU A 550 -34.42 -20.84 -10.59
N GLU A 551 -35.37 -21.48 -11.29
CA GLU A 551 -36.21 -22.48 -10.64
C GLU A 551 -35.39 -23.64 -10.11
N MET A 552 -34.40 -24.09 -10.89
CA MET A 552 -33.53 -25.18 -10.44
C MET A 552 -32.75 -24.77 -9.20
N LEU A 553 -32.23 -23.54 -9.18
CA LEU A 553 -31.53 -23.05 -8.00
C LEU A 553 -32.45 -23.05 -6.79
N GLN A 554 -33.68 -22.56 -6.96
CA GLN A 554 -34.61 -22.51 -5.84
C GLN A 554 -34.92 -23.91 -5.32
N VAL A 555 -35.18 -24.85 -6.23
CA VAL A 555 -35.49 -26.21 -5.81
C VAL A 555 -34.31 -26.85 -5.10
N GLY A 556 -33.10 -26.64 -5.62
CA GLY A 556 -31.92 -27.19 -4.97
C GLY A 556 -31.71 -26.63 -3.58
N ASN A 557 -31.87 -25.32 -3.43
CA ASN A 557 -31.72 -24.72 -2.11
C ASN A 557 -32.78 -25.25 -1.15
N LEU A 558 -34.02 -25.40 -1.63
CA LEU A 558 -35.09 -25.91 -0.78
C LEU A 558 -34.79 -27.33 -0.32
N VAL A 559 -34.35 -28.20 -1.23
CA VAL A 559 -34.07 -29.58 -0.85
C VAL A 559 -32.86 -29.63 0.10
N PHE A 560 -31.87 -28.76 -0.12
CA PHE A 560 -30.71 -28.76 0.75
C PHE A 560 -31.09 -28.34 2.17
N THR A 561 -31.87 -27.27 2.30
CA THR A 561 -32.31 -26.86 3.64
C THR A 561 -33.22 -27.92 4.25
N GLY A 562 -34.02 -28.60 3.43
CA GLY A 562 -34.85 -29.68 3.96
C GLY A 562 -34.03 -30.81 4.54
N ILE A 563 -32.99 -31.24 3.81
CA ILE A 563 -32.16 -32.33 4.30
C ILE A 563 -31.39 -31.90 5.54
N PHE A 564 -30.93 -30.65 5.57
CA PHE A 564 -30.24 -30.16 6.77
C PHE A 564 -31.18 -30.16 7.97
N THR A 565 -32.42 -29.70 7.78
CA THR A 565 -33.40 -29.72 8.85
C THR A 565 -33.68 -31.16 9.31
N ALA A 566 -33.79 -32.08 8.35
CA ALA A 566 -34.06 -33.47 8.71
C ALA A 566 -32.91 -34.05 9.53
N GLU A 567 -31.67 -33.78 9.12
CA GLU A 567 -30.53 -34.27 9.88
C GLU A 567 -30.50 -33.67 11.28
N MET A 568 -30.76 -32.37 11.39
CA MET A 568 -30.78 -31.73 12.70
C MET A 568 -31.84 -32.35 13.60
N THR A 569 -33.04 -32.55 13.05
CA THR A 569 -34.12 -33.16 13.84
C THR A 569 -33.75 -34.58 14.26
N PHE A 570 -33.18 -35.37 13.34
CA PHE A 570 -32.86 -36.75 13.66
C PHE A 570 -31.82 -36.83 14.77
N LYS A 571 -30.76 -36.02 14.67
CA LYS A 571 -29.69 -36.09 15.67
C LYS A 571 -30.01 -35.28 16.93
N ILE A 572 -31.10 -34.52 16.93
CA ILE A 572 -31.61 -33.98 18.19
C ILE A 572 -32.60 -34.95 18.83
N ILE A 573 -33.24 -35.80 18.05
CA ILE A 573 -34.06 -36.87 18.61
C ILE A 573 -33.17 -37.94 19.23
N ALA A 574 -32.07 -38.29 18.57
CA ALA A 574 -31.19 -39.33 19.11
C ALA A 574 -30.63 -38.92 20.46
N LEU A 575 -30.23 -37.65 20.61
CA LEU A 575 -29.79 -37.09 21.87
C LEU A 575 -30.69 -35.90 22.21
N ASP A 576 -31.36 -35.96 23.35
CA ASP A 576 -32.37 -34.97 23.72
C ASP A 576 -31.75 -33.58 23.78
N PRO A 577 -32.56 -32.54 23.95
CA PRO A 577 -32.02 -31.17 23.90
C PRO A 577 -30.88 -30.94 24.89
N TYR A 578 -30.93 -31.55 26.07
CA TYR A 578 -29.82 -31.42 27.01
C TYR A 578 -28.53 -31.93 26.39
N TYR A 579 -28.59 -33.07 25.70
CA TYR A 579 -27.41 -33.59 25.02
C TYR A 579 -27.11 -32.80 23.74
N TYR A 580 -28.15 -32.43 22.98
CA TYR A 580 -27.92 -31.78 21.71
C TYR A 580 -27.22 -30.42 21.88
N PHE A 581 -27.68 -29.62 22.84
CA PHE A 581 -27.13 -28.29 23.07
C PHE A 581 -25.85 -28.32 23.89
N GLN A 582 -25.19 -29.47 23.99
CA GLN A 582 -23.93 -29.59 24.72
C GLN A 582 -22.72 -29.25 23.86
N GLN A 583 -22.92 -28.91 22.59
CA GLN A 583 -21.82 -28.64 21.67
C GLN A 583 -21.99 -27.26 21.05
N GLY A 584 -20.89 -26.52 20.95
CA GLY A 584 -20.93 -25.24 20.28
C GLY A 584 -21.30 -25.37 18.82
N TRP A 585 -20.74 -26.36 18.14
CA TRP A 585 -21.09 -26.57 16.74
C TRP A 585 -22.56 -26.93 16.59
N ASN A 586 -23.13 -27.67 17.54
CA ASN A 586 -24.54 -28.03 17.44
C ASN A 586 -25.43 -26.80 17.56
N ILE A 587 -25.12 -25.90 18.49
CA ILE A 587 -25.91 -24.68 18.61
C ILE A 587 -25.73 -23.80 17.37
N PHE A 588 -24.51 -23.75 16.83
CA PHE A 588 -24.28 -23.02 15.60
C PHE A 588 -25.15 -23.57 14.48
N ASP A 589 -25.18 -24.89 14.32
CA ASP A 589 -26.00 -25.50 13.28
C ASP A 589 -27.48 -25.24 13.52
N SER A 590 -27.92 -25.29 14.79
CA SER A 590 -29.31 -25.04 15.10
C SER A 590 -29.70 -23.61 14.72
N ILE A 591 -28.85 -22.64 15.06
CA ILE A 591 -29.13 -21.25 14.69
C ILE A 591 -29.18 -21.10 13.18
N ILE A 592 -28.23 -21.71 12.48
CA ILE A 592 -28.17 -21.59 11.02
C ILE A 592 -29.45 -22.16 10.40
N VAL A 593 -29.85 -23.36 10.84
CA VAL A 593 -31.02 -24.00 10.25
C VAL A 593 -32.28 -23.23 10.60
N ILE A 594 -32.37 -22.69 11.82
CA ILE A 594 -33.53 -21.89 12.19
C ILE A 594 -33.62 -20.65 11.31
N LEU A 595 -32.50 -19.97 11.09
CA LEU A 595 -32.51 -18.78 10.25
C LEU A 595 -32.90 -19.14 8.81
N SER A 596 -32.38 -20.25 8.30
CA SER A 596 -32.72 -20.67 6.94
C SER A 596 -34.21 -21.00 6.84
N LEU A 597 -34.76 -21.70 7.82
CA LEU A 597 -36.18 -22.01 7.81
C LEU A 597 -37.03 -20.75 7.86
N MET A 598 -36.64 -19.79 8.70
CA MET A 598 -37.38 -18.54 8.78
C MET A 598 -37.34 -17.80 7.45
N GLU A 599 -36.17 -17.77 6.81
CA GLU A 599 -36.05 -17.11 5.52
C GLU A 599 -36.91 -17.80 4.47
N LEU A 600 -36.96 -19.14 4.52
CA LEU A 600 -37.76 -19.88 3.54
C LEU A 600 -39.24 -19.50 3.65
N GLY A 601 -39.75 -19.38 4.86
CA GLY A 601 -41.14 -18.99 5.08
C GLY A 601 -41.30 -17.50 5.30
N SER A 609 -32.54 -10.30 -1.50
CA SER A 609 -32.61 -10.48 -0.06
C SER A 609 -31.36 -11.17 0.47
N VAL A 610 -30.68 -10.52 1.42
CA VAL A 610 -29.45 -11.05 1.99
C VAL A 610 -29.77 -12.08 3.06
N LEU A 611 -31.06 -12.29 3.33
CA LEU A 611 -31.46 -13.25 4.35
C LEU A 611 -30.94 -14.65 4.06
N ARG A 612 -30.68 -14.97 2.78
CA ARG A 612 -30.18 -16.29 2.43
C ARG A 612 -28.70 -16.44 2.79
N SER A 613 -27.97 -15.33 2.83
CA SER A 613 -26.52 -15.40 2.99
C SER A 613 -26.13 -16.15 4.26
N PHE A 614 -27.01 -16.17 5.27
CA PHE A 614 -26.69 -16.89 6.49
C PHE A 614 -26.31 -18.33 6.21
N ARG A 615 -27.02 -18.97 5.27
CA ARG A 615 -26.72 -20.36 4.94
C ARG A 615 -25.25 -20.54 4.57
N LEU A 616 -24.65 -19.55 3.92
CA LEU A 616 -23.26 -19.64 3.51
C LEU A 616 -22.36 -19.98 4.69
N LEU A 617 -22.67 -19.45 5.88
CA LEU A 617 -21.79 -19.67 7.02
C LEU A 617 -21.61 -21.14 7.33
N ARG A 618 -22.52 -21.99 6.85
CA ARG A 618 -22.39 -23.43 7.09
C ARG A 618 -21.05 -23.95 6.61
N VAL A 619 -20.46 -23.31 5.59
CA VAL A 619 -19.19 -23.80 5.06
C VAL A 619 -18.12 -23.84 6.16
N PHE A 620 -18.23 -22.96 7.16
CA PHE A 620 -17.22 -22.93 8.21
C PHE A 620 -17.14 -24.26 8.95
N LYS A 621 -18.17 -25.10 8.86
CA LYS A 621 -18.11 -26.41 9.48
C LYS A 621 -16.90 -27.20 8.99
N LEU A 622 -16.47 -26.96 7.74
CA LEU A 622 -15.31 -27.66 7.20
C LEU A 622 -14.06 -27.43 8.04
N ALA A 623 -14.08 -26.51 8.99
CA ALA A 623 -12.96 -26.30 9.89
C ALA A 623 -12.74 -27.48 10.83
N LYS A 624 -13.69 -28.41 10.89
CA LYS A 624 -13.58 -29.53 11.83
C LYS A 624 -12.24 -30.24 11.68
N SER A 625 -11.86 -30.57 10.45
CA SER A 625 -10.62 -31.30 10.19
C SER A 625 -9.72 -30.55 9.20
N TRP A 626 -9.91 -29.24 9.06
CA TRP A 626 -9.06 -28.41 8.20
C TRP A 626 -8.23 -27.50 9.10
N PRO A 627 -6.98 -27.86 9.39
CA PRO A 627 -6.23 -27.11 10.41
C PRO A 627 -6.10 -25.63 10.13
N THR A 628 -5.94 -25.23 8.87
CA THR A 628 -5.69 -23.82 8.58
C THR A 628 -6.97 -22.98 8.67
N LEU A 629 -8.11 -23.54 8.26
CA LEU A 629 -9.37 -22.86 8.51
C LEU A 629 -9.63 -22.74 10.00
N ASN A 630 -9.22 -23.76 10.77
CA ASN A 630 -9.30 -23.67 12.22
C ASN A 630 -8.40 -22.57 12.74
N THR A 631 -7.23 -22.38 12.13
CA THR A 631 -6.35 -21.29 12.53
C THR A 631 -6.98 -19.93 12.24
N LEU A 632 -7.65 -19.80 11.10
CA LEU A 632 -8.36 -18.55 10.81
C LEU A 632 -9.47 -18.30 11.83
N ILE A 633 -10.20 -19.35 12.18
CA ILE A 633 -11.25 -19.21 13.19
C ILE A 633 -10.64 -18.78 14.53
N LYS A 634 -9.48 -19.34 14.88
CA LYS A 634 -8.80 -18.94 16.10
C LYS A 634 -8.37 -17.49 16.04
N ILE A 635 -7.89 -17.04 14.88
CA ILE A 635 -7.53 -15.64 14.71
C ILE A 635 -8.74 -14.75 15.00
N ILE A 636 -9.86 -15.05 14.35
CA ILE A 636 -11.05 -14.21 14.53
C ILE A 636 -11.53 -14.26 15.97
N GLY A 637 -11.41 -15.42 16.62
CA GLY A 637 -11.80 -15.51 18.02
C GLY A 637 -10.92 -14.69 18.92
N ASN A 638 -9.60 -14.76 18.72
CA ASN A 638 -8.69 -13.95 19.53
C ASN A 638 -8.88 -12.46 19.27
N SER A 639 -9.39 -12.09 18.09
CA SER A 639 -9.60 -10.68 17.79
C SER A 639 -10.58 -10.05 18.77
N VAL A 640 -11.66 -10.73 19.08
CA VAL A 640 -12.66 -10.26 20.03
C VAL A 640 -12.65 -11.11 21.30
N GLY A 641 -11.60 -11.88 21.53
CA GLY A 641 -11.50 -12.70 22.71
C GLY A 641 -10.41 -12.22 23.65
N ALA A 642 -9.26 -12.91 23.64
CA ALA A 642 -8.17 -12.51 24.52
C ALA A 642 -7.70 -11.10 24.21
N LEU A 643 -7.59 -10.76 22.93
CA LEU A 643 -7.12 -9.45 22.50
C LEU A 643 -8.25 -8.50 22.14
N GLY A 644 -9.42 -8.68 22.78
CA GLY A 644 -10.54 -7.80 22.54
C GLY A 644 -10.38 -6.43 23.15
N ASN A 645 -9.57 -6.31 24.20
CA ASN A 645 -9.34 -5.01 24.81
C ASN A 645 -8.67 -4.05 23.83
N LEU A 646 -7.68 -4.55 23.08
CA LEU A 646 -7.01 -3.68 22.12
C LEU A 646 -7.93 -3.32 20.97
N THR A 647 -8.80 -4.24 20.57
CA THR A 647 -9.82 -3.90 19.58
C THR A 647 -10.75 -2.82 20.09
N LEU A 648 -11.12 -2.90 21.37
CA LEU A 648 -11.97 -1.87 21.95
C LEU A 648 -11.27 -0.53 21.98
N VAL A 649 -9.97 -0.52 22.31
CA VAL A 649 -9.21 0.72 22.30
C VAL A 649 -9.17 1.29 20.88
N LEU A 650 -8.98 0.44 19.88
CA LEU A 650 -8.99 0.90 18.50
C LEU A 650 -10.33 1.50 18.13
N ALA A 651 -11.43 0.85 18.55
CA ALA A 651 -12.75 1.38 18.26
C ALA A 651 -12.96 2.73 18.93
N ILE A 652 -12.51 2.85 20.17
CA ILE A 652 -12.63 4.13 20.87
C ILE A 652 -11.86 5.22 20.15
N ILE A 653 -10.65 4.91 19.71
CA ILE A 653 -9.84 5.89 18.99
C ILE A 653 -10.54 6.31 17.71
N VAL A 654 -11.08 5.33 16.97
CA VAL A 654 -11.74 5.64 15.71
C VAL A 654 -12.96 6.53 15.95
N PHE A 655 -13.75 6.21 16.96
CA PHE A 655 -14.92 7.03 17.26
C PHE A 655 -14.50 8.44 17.66
N ILE A 656 -13.49 8.56 18.51
CA ILE A 656 -13.04 9.87 18.95
C ILE A 656 -12.61 10.70 17.76
N PHE A 657 -11.82 10.12 16.86
CA PHE A 657 -11.33 10.87 15.72
C PHE A 657 -12.46 11.22 14.75
N ALA A 658 -13.41 10.29 14.56
CA ALA A 658 -14.54 10.58 13.69
C ALA A 658 -15.34 11.77 14.21
N VAL A 659 -15.63 11.78 15.51
CA VAL A 659 -16.42 12.89 16.05
C VAL A 659 -15.61 14.18 16.04
N VAL A 660 -14.31 14.10 16.32
CA VAL A 660 -13.47 15.30 16.26
C VAL A 660 -13.52 15.90 14.87
N GLY A 661 -13.27 15.06 13.86
CA GLY A 661 -13.29 15.56 12.49
C GLY A 661 -14.64 16.12 12.09
N MET A 662 -15.72 15.41 12.42
CA MET A 662 -17.04 15.90 12.05
C MET A 662 -17.34 17.24 12.71
N GLN A 663 -17.07 17.35 14.02
CA GLN A 663 -17.36 18.59 14.71
C GLN A 663 -16.54 19.74 14.16
N LEU A 664 -15.27 19.48 13.83
CA LEU A 664 -14.40 20.55 13.35
C LEU A 664 -14.74 20.97 11.93
N PHE A 665 -15.08 20.03 11.05
CA PHE A 665 -15.16 20.30 9.62
C PHE A 665 -16.56 20.19 9.02
N GLY A 666 -17.60 19.96 9.81
CA GLY A 666 -18.91 19.79 9.21
C GLY A 666 -19.41 21.03 8.51
N LYS A 667 -19.36 22.18 9.21
CA LYS A 667 -19.81 23.42 8.60
C LYS A 667 -18.95 23.78 7.40
N ASN A 668 -17.64 23.57 7.50
CA ASN A 668 -16.76 23.89 6.39
C ASN A 668 -17.09 23.06 5.17
N TYR A 669 -17.30 21.75 5.35
CA TYR A 669 -17.66 20.90 4.23
C TYR A 669 -19.01 21.31 3.65
N SER A 670 -19.98 21.64 4.50
CA SER A 670 -21.32 21.93 4.02
C SER A 670 -21.36 23.24 3.25
N GLU A 671 -20.79 24.31 3.80
CA GLU A 671 -20.95 25.64 3.21
C GLU A 671 -19.97 25.90 2.07
N LEU A 672 -18.90 25.12 1.97
CA LEU A 672 -17.90 25.28 0.92
C LEU A 672 -17.75 24.00 0.11
N ARG A 673 -18.88 23.34 -0.16
CA ARG A 673 -18.82 22.07 -0.87
C ARG A 673 -18.31 22.26 -2.29
N HIS A 674 -18.71 23.35 -2.96
CA HIS A 674 -18.37 23.51 -4.36
C HIS A 674 -16.86 23.54 -4.58
N ARG A 675 -16.07 23.85 -3.56
CA ARG A 675 -14.62 23.86 -3.72
C ARG A 675 -14.09 22.46 -4.04
N ILE A 676 -14.63 21.44 -3.38
CA ILE A 676 -14.08 20.09 -3.42
C ILE A 676 -15.02 19.12 -4.13
N SER A 677 -16.13 19.60 -4.68
CA SER A 677 -17.13 18.74 -5.32
C SER A 677 -17.00 18.91 -6.83
N ASP A 678 -16.31 17.97 -7.47
CA ASP A 678 -16.21 18.01 -8.94
C ASP A 678 -17.59 17.88 -9.57
N SER A 679 -18.42 16.99 -9.06
CA SER A 679 -19.79 16.87 -9.52
C SER A 679 -20.64 17.99 -8.93
N GLY A 680 -21.85 18.15 -9.48
CA GLY A 680 -22.74 19.18 -8.99
C GLY A 680 -23.15 18.97 -7.56
N LEU A 681 -23.29 17.72 -7.14
CA LEU A 681 -23.74 17.40 -5.79
C LEU A 681 -22.57 17.47 -4.82
N LEU A 682 -22.79 16.97 -3.60
CA LEU A 682 -21.76 16.97 -2.58
C LEU A 682 -20.68 15.94 -2.92
N PRO A 683 -19.49 16.08 -2.33
CA PRO A 683 -18.42 15.11 -2.59
C PRO A 683 -18.72 13.75 -2.01
N ARG A 684 -18.07 12.73 -2.57
CA ARG A 684 -18.29 11.36 -2.10
C ARG A 684 -17.85 11.21 -0.65
N TRP A 685 -16.70 11.78 -0.30
CA TRP A 685 -16.12 11.63 1.02
C TRP A 685 -16.10 12.99 1.71
N HIS A 686 -16.73 13.07 2.88
CA HIS A 686 -16.79 14.30 3.64
C HIS A 686 -17.00 13.95 5.11
N MET A 687 -17.10 14.98 5.94
CA MET A 687 -17.30 14.80 7.39
C MET A 687 -18.56 15.49 7.87
N MET A 688 -19.51 15.77 6.98
CA MET A 688 -20.75 16.43 7.40
C MET A 688 -21.52 15.55 8.38
N ASP A 689 -21.65 14.27 8.09
CA ASP A 689 -22.37 13.32 8.91
C ASP A 689 -21.39 12.42 9.63
N PHE A 690 -21.86 11.82 10.74
CA PHE A 690 -20.97 10.94 11.50
C PHE A 690 -20.55 9.72 10.69
N PHE A 691 -21.49 9.15 9.93
CA PHE A 691 -21.14 7.96 9.16
C PHE A 691 -20.03 8.26 8.17
N HIS A 692 -20.11 9.39 7.47
CA HIS A 692 -19.07 9.74 6.51
C HIS A 692 -17.76 10.09 7.20
N ALA A 693 -17.83 10.70 8.38
CA ALA A 693 -16.60 10.92 9.13
C ALA A 693 -15.94 9.61 9.49
N PHE A 694 -16.73 8.63 9.94
CA PHE A 694 -16.17 7.31 10.23
C PHE A 694 -15.60 6.67 8.97
N LEU A 695 -16.27 6.87 7.84
CA LEU A 695 -15.77 6.32 6.59
C LEU A 695 -14.41 6.92 6.24
N ILE A 696 -14.25 8.22 6.43
CA ILE A 696 -12.95 8.85 6.16
C ILE A 696 -11.89 8.33 7.11
N ILE A 697 -12.23 8.16 8.39
CA ILE A 697 -11.24 7.64 9.33
C ILE A 697 -10.84 6.22 8.96
N PHE A 698 -11.82 5.41 8.56
CA PHE A 698 -11.53 4.04 8.14
C PHE A 698 -10.67 4.02 6.88
N ARG A 699 -10.95 4.91 5.93
CA ARG A 699 -10.13 5.01 4.73
C ARG A 699 -8.70 5.41 5.08
N ILE A 700 -8.54 6.34 6.02
CA ILE A 700 -7.20 6.71 6.48
C ILE A 700 -6.49 5.49 7.07
N LEU A 701 -7.22 4.71 7.87
CA LEU A 701 -6.62 3.51 8.44
C LEU A 701 -6.19 2.55 7.34
N CYS A 702 -7.01 2.40 6.30
CA CYS A 702 -6.67 1.49 5.21
C CYS A 702 -5.43 1.94 4.46
N GLY A 703 -5.09 3.22 4.55
CA GLY A 703 -3.85 3.71 3.97
C GLY A 703 -4.02 4.86 3.01
N GLU A 704 -5.25 5.23 2.69
CA GLU A 704 -5.53 6.30 1.73
C GLU A 704 -5.84 7.58 2.51
N TRP A 705 -4.79 8.33 2.84
CA TRP A 705 -4.91 9.45 3.77
C TRP A 705 -4.71 10.82 3.15
N ILE A 706 -4.31 10.92 1.89
CA ILE A 706 -4.02 12.21 1.30
C ILE A 706 -5.08 12.65 0.29
N GLU A 707 -5.66 11.72 -0.48
CA GLU A 707 -6.61 12.11 -1.51
C GLU A 707 -7.75 12.91 -0.91
N THR A 708 -8.29 12.47 0.22
CA THR A 708 -9.31 13.22 0.95
C THR A 708 -8.72 14.38 1.74
N MET A 709 -7.45 14.28 2.13
CA MET A 709 -6.81 15.38 2.84
C MET A 709 -6.72 16.64 2.00
N TRP A 710 -6.46 16.49 0.70
CA TRP A 710 -6.42 17.66 -0.17
C TRP A 710 -7.76 18.39 -0.14
N ASP A 711 -8.86 17.65 -0.24
CA ASP A 711 -10.18 18.26 -0.17
C ASP A 711 -10.39 18.91 1.19
N CYS A 712 -9.99 18.22 2.25
CA CYS A 712 -10.12 18.77 3.59
C CYS A 712 -9.42 20.12 3.71
N MET A 713 -8.16 20.20 3.27
CA MET A 713 -7.43 21.46 3.38
C MET A 713 -8.00 22.52 2.44
N GLU A 714 -8.49 22.11 1.27
CA GLU A 714 -9.06 23.08 0.35
C GLU A 714 -10.34 23.70 0.90
N VAL A 715 -11.14 22.91 1.60
CA VAL A 715 -12.43 23.41 2.08
C VAL A 715 -12.32 24.07 3.45
N SER A 716 -11.38 23.62 4.28
CA SER A 716 -11.26 24.12 5.64
C SER A 716 -9.84 24.60 5.92
N GLY A 717 -9.53 24.86 7.19
CA GLY A 717 -8.20 25.32 7.55
C GLY A 717 -7.11 24.35 7.15
N GLN A 718 -6.05 24.87 6.56
CA GLN A 718 -4.92 24.03 6.18
C GLN A 718 -4.18 23.50 7.40
N SER A 719 -3.90 24.37 8.37
CA SER A 719 -3.14 23.96 9.55
C SER A 719 -3.89 22.91 10.35
N LEU A 720 -5.14 23.20 10.71
CA LEU A 720 -5.90 22.29 11.55
C LEU A 720 -6.15 20.96 10.86
N CYS A 721 -6.48 20.99 9.57
CA CYS A 721 -6.71 19.75 8.84
C CYS A 721 -5.43 18.93 8.76
N LEU A 722 -4.31 19.59 8.48
CA LEU A 722 -3.02 18.91 8.50
C LEU A 722 -2.83 18.19 9.83
N LEU A 723 -3.01 18.92 10.93
CA LEU A 723 -2.76 18.33 12.25
C LEU A 723 -3.67 17.13 12.49
N VAL A 724 -4.97 17.29 12.22
CA VAL A 724 -5.92 16.21 12.52
C VAL A 724 -5.60 14.98 11.69
N PHE A 725 -5.37 15.17 10.39
CA PHE A 725 -5.15 14.02 9.51
C PHE A 725 -3.83 13.33 9.82
N LEU A 726 -2.78 14.09 10.08
CA LEU A 726 -1.51 13.46 10.43
C LEU A 726 -1.61 12.71 11.75
N LEU A 727 -2.30 13.29 12.73
CA LEU A 727 -2.45 12.61 14.02
C LEU A 727 -3.23 11.33 13.88
N VAL A 728 -4.35 11.36 13.15
CA VAL A 728 -5.14 10.14 12.98
C VAL A 728 -4.32 9.10 12.24
N MET A 729 -3.64 9.50 11.16
CA MET A 729 -2.75 8.58 10.47
C MET A 729 -1.82 7.89 11.46
N VAL A 730 -1.01 8.67 12.18
CA VAL A 730 0.02 8.08 13.04
C VAL A 730 -0.61 7.18 14.09
N ILE A 731 -1.57 7.70 14.85
CA ILE A 731 -2.09 6.97 16.00
C ILE A 731 -2.88 5.74 15.55
N GLY A 732 -3.77 5.92 14.57
CA GLY A 732 -4.57 4.80 14.11
C GLY A 732 -3.72 3.70 13.49
N ASN A 733 -2.72 4.08 12.69
CA ASN A 733 -1.86 3.07 12.11
C ASN A 733 -1.04 2.36 13.18
N LEU A 734 -0.59 3.10 14.21
CA LEU A 734 0.10 2.48 15.32
C LEU A 734 -0.79 1.43 15.99
N VAL A 735 -2.04 1.79 16.28
CA VAL A 735 -2.94 0.85 16.95
C VAL A 735 -3.23 -0.34 16.06
N VAL A 736 -3.48 -0.10 14.77
CA VAL A 736 -3.78 -1.19 13.85
C VAL A 736 -2.60 -2.13 13.75
N LEU A 737 -1.39 -1.59 13.67
CA LEU A 737 -0.20 -2.42 13.60
C LEU A 737 0.01 -3.20 14.89
N ASN A 738 -0.27 -2.59 16.05
CA ASN A 738 -0.18 -3.31 17.30
C ASN A 738 -1.14 -4.48 17.31
N LEU A 739 -2.39 -4.25 16.88
CA LEU A 739 -3.36 -5.34 16.80
C LEU A 739 -2.88 -6.44 15.87
N PHE A 740 -2.38 -6.05 14.69
CA PHE A 740 -1.93 -7.02 13.71
C PHE A 740 -0.81 -7.89 14.26
N LEU A 741 0.23 -7.26 14.80
CA LEU A 741 1.37 -8.03 15.31
C LEU A 741 0.98 -8.85 16.52
N ALA A 742 0.11 -8.33 17.39
CA ALA A 742 -0.33 -9.08 18.55
C ALA A 742 -1.07 -10.35 18.12
N LEU A 743 -1.98 -10.23 17.15
CA LEU A 743 -2.68 -11.41 16.64
C LEU A 743 -1.70 -12.38 16.00
N LEU A 744 -0.77 -11.86 15.19
CA LEU A 744 0.17 -12.73 14.49
C LEU A 744 1.04 -13.51 15.45
N LEU A 745 1.50 -12.87 16.51
CA LEU A 745 2.33 -13.57 17.49
C LEU A 745 1.49 -14.52 18.33
N SER A 746 0.25 -14.15 18.65
CA SER A 746 -0.60 -15.00 19.48
C SER A 746 -0.96 -16.29 18.77
N SER A 747 -1.29 -16.21 17.48
CA SER A 747 -1.73 -17.38 16.73
C SER A 747 -0.59 -18.16 16.10
N PHE A 748 0.63 -17.62 16.11
CA PHE A 748 1.76 -18.28 15.49
C PHE A 748 3.02 -18.13 16.35
N TRP A 875 31.37 -45.10 -28.35
CA TRP A 875 30.31 -44.81 -27.38
C TRP A 875 30.92 -44.33 -26.07
N TRP A 876 31.71 -45.20 -25.42
CA TRP A 876 32.34 -44.82 -24.16
C TRP A 876 33.26 -43.63 -24.34
N ARG A 877 34.08 -43.64 -25.39
CA ARG A 877 34.92 -42.48 -25.68
C ARG A 877 34.06 -41.27 -26.02
N LEU A 878 32.98 -41.47 -26.78
CA LEU A 878 32.09 -40.36 -27.11
C LEU A 878 31.43 -39.80 -25.85
N ARG A 879 30.99 -40.68 -24.94
CA ARG A 879 30.39 -40.22 -23.70
C ARG A 879 31.40 -39.45 -22.85
N LYS A 880 32.64 -39.93 -22.79
CA LYS A 880 33.67 -39.24 -22.03
C LYS A 880 33.94 -37.86 -22.63
N THR A 881 34.02 -37.77 -23.95
CA THR A 881 34.23 -36.47 -24.58
C THR A 881 33.07 -35.52 -24.31
N CYS A 882 31.83 -36.03 -24.39
CA CYS A 882 30.67 -35.20 -24.10
C CYS A 882 30.72 -34.68 -22.67
N TYR A 883 31.05 -35.56 -21.71
CA TYR A 883 31.16 -35.12 -20.32
C TYR A 883 32.25 -34.07 -20.17
N ARG A 884 33.40 -34.27 -20.82
CA ARG A 884 34.49 -33.32 -20.71
C ARG A 884 34.08 -31.96 -21.25
N ILE A 885 33.42 -31.93 -22.40
CA ILE A 885 33.04 -30.64 -22.99
C ILE A 885 31.96 -29.96 -22.16
N VAL A 886 31.03 -30.73 -21.60
CA VAL A 886 29.98 -30.14 -20.78
C VAL A 886 30.55 -29.63 -19.45
N GLU A 887 31.60 -30.26 -18.95
CA GLU A 887 32.09 -29.96 -17.61
C GLU A 887 32.96 -28.71 -17.55
N HIS A 888 33.43 -28.19 -18.68
CA HIS A 888 34.27 -27.01 -18.66
C HIS A 888 33.50 -25.78 -18.17
N SER A 889 34.17 -24.99 -17.32
CA SER A 889 33.54 -23.76 -16.84
C SER A 889 33.34 -22.76 -17.96
N TRP A 890 34.21 -22.78 -18.96
CA TRP A 890 34.03 -21.91 -20.11
C TRP A 890 32.72 -22.22 -20.82
N PHE A 891 32.34 -23.49 -20.87
CA PHE A 891 31.05 -23.85 -21.46
C PHE A 891 29.90 -23.24 -20.66
N GLU A 892 29.98 -23.29 -19.33
CA GLU A 892 28.94 -22.70 -18.51
C GLU A 892 28.85 -21.20 -18.73
N THR A 893 30.00 -20.53 -18.80
CA THR A 893 30.00 -19.08 -19.06
C THR A 893 29.41 -18.78 -20.43
N PHE A 894 29.74 -19.59 -21.43
CA PHE A 894 29.19 -19.39 -22.76
C PHE A 894 27.68 -19.54 -22.75
N ILE A 895 27.17 -20.56 -22.03
CA ILE A 895 25.73 -20.76 -21.97
C ILE A 895 25.06 -19.60 -21.24
N ILE A 896 25.69 -19.09 -20.18
CA ILE A 896 25.13 -17.95 -19.47
C ILE A 896 25.06 -16.74 -20.39
N PHE A 897 26.15 -16.48 -21.13
CA PHE A 897 26.15 -15.36 -22.06
C PHE A 897 25.08 -15.52 -23.12
N MET A 898 24.89 -16.75 -23.62
CA MET A 898 23.86 -16.98 -24.62
C MET A 898 22.47 -16.72 -24.03
N ILE A 899 22.23 -17.17 -22.80
CA ILE A 899 20.94 -16.93 -22.16
C ILE A 899 20.68 -15.43 -22.06
N LEU A 900 21.64 -14.68 -21.54
CA LEU A 900 21.44 -13.25 -21.37
C LEU A 900 21.24 -12.56 -22.71
N LEU A 901 22.04 -12.93 -23.71
CA LEU A 901 21.94 -12.25 -25.00
C LEU A 901 20.62 -12.57 -25.69
N SER A 902 20.12 -13.79 -25.53
CA SER A 902 18.81 -14.13 -26.07
C SER A 902 17.71 -13.34 -25.37
N SER A 903 17.78 -13.21 -24.04
CA SER A 903 16.79 -12.40 -23.34
C SER A 903 16.83 -10.96 -23.84
N GLY A 904 18.02 -10.40 -23.99
CA GLY A 904 18.13 -9.07 -24.56
C GLY A 904 17.50 -9.00 -25.95
N ALA A 905 17.71 -10.02 -26.77
CA ALA A 905 17.10 -10.04 -28.09
C ALA A 905 15.58 -9.99 -27.99
N LEU A 906 15.01 -10.71 -27.04
CA LEU A 906 13.58 -10.57 -26.77
C LEU A 906 13.22 -9.15 -26.36
N ALA A 907 14.13 -8.45 -25.69
CA ALA A 907 13.82 -7.11 -25.21
C ALA A 907 13.68 -6.07 -26.33
N PHE A 908 13.81 -6.45 -27.60
CA PHE A 908 13.69 -5.52 -28.71
C PHE A 908 12.36 -5.62 -29.45
N GLU A 909 11.43 -6.45 -28.99
CA GLU A 909 10.18 -6.69 -29.70
C GLU A 909 9.20 -5.55 -29.45
N ASP A 910 9.63 -4.35 -29.81
CA ASP A 910 8.80 -3.17 -29.69
C ASP A 910 7.79 -3.12 -30.84
N ILE A 911 6.94 -2.10 -30.81
CA ILE A 911 6.05 -1.86 -31.95
C ILE A 911 6.85 -1.33 -33.14
N TYR A 912 8.07 -0.87 -32.90
CA TYR A 912 8.81 -0.14 -33.93
C TYR A 912 9.70 -1.05 -34.77
N LEU A 913 9.66 -2.37 -34.57
CA LEU A 913 10.49 -3.26 -35.36
C LEU A 913 10.22 -3.12 -36.84
N GLU A 914 8.95 -3.06 -37.24
CA GLU A 914 8.62 -3.02 -38.65
C GLU A 914 9.33 -1.88 -39.36
N GLU A 915 9.61 -0.80 -38.63
CA GLU A 915 10.38 0.29 -39.22
C GLU A 915 11.86 -0.06 -39.30
N ARG A 916 12.37 -0.78 -38.29
CA ARG A 916 13.78 -1.17 -38.25
C ARG A 916 13.95 -2.51 -38.97
N LYS A 917 14.68 -2.49 -40.09
CA LYS A 917 14.78 -3.68 -40.93
C LYS A 917 15.99 -4.54 -40.60
N THR A 918 17.19 -3.96 -40.60
CA THR A 918 18.39 -4.75 -40.33
C THR A 918 18.32 -5.40 -38.96
N ILE A 919 17.76 -4.70 -37.97
CA ILE A 919 17.63 -5.26 -36.64
C ILE A 919 16.67 -6.44 -36.66
N LYS A 920 15.62 -6.38 -37.48
CA LYS A 920 14.66 -7.48 -37.53
C LYS A 920 15.31 -8.76 -38.04
N VAL A 921 16.06 -8.67 -39.15
CA VAL A 921 16.71 -9.86 -39.69
C VAL A 921 17.80 -10.33 -38.73
N LEU A 922 18.51 -9.40 -38.09
CA LEU A 922 19.49 -9.80 -37.10
C LEU A 922 18.84 -10.60 -35.99
N LEU A 923 17.67 -10.16 -35.52
CA LEU A 923 16.97 -10.86 -34.44
C LEU A 923 16.49 -12.23 -34.90
N GLU A 924 16.01 -12.34 -36.15
CA GLU A 924 15.58 -13.64 -36.66
C GLU A 924 16.75 -14.62 -36.69
N TYR A 925 17.87 -14.20 -37.26
CA TYR A 925 19.04 -15.06 -37.30
C TYR A 925 19.50 -15.42 -35.88
N ALA A 926 19.47 -14.44 -34.97
CA ALA A 926 19.87 -14.70 -33.60
C ALA A 926 18.95 -15.73 -32.95
N ASP A 927 17.65 -15.62 -33.18
CA ASP A 927 16.72 -16.58 -32.59
C ASP A 927 16.99 -17.98 -33.09
N LYS A 928 17.22 -18.12 -34.40
CA LYS A 928 17.60 -19.44 -34.92
C LYS A 928 18.87 -19.93 -34.25
N MET A 929 19.84 -19.05 -34.07
CA MET A 929 21.10 -19.44 -33.45
C MET A 929 20.89 -19.90 -32.01
N PHE A 930 20.08 -19.20 -31.24
CA PHE A 930 19.85 -19.62 -29.86
C PHE A 930 19.15 -20.97 -29.82
N THR A 931 18.15 -21.17 -30.67
CA THR A 931 17.49 -22.46 -30.70
C THR A 931 18.51 -23.57 -30.98
N TYR A 932 19.35 -23.38 -31.99
CA TYR A 932 20.31 -24.41 -32.36
C TYR A 932 21.29 -24.67 -31.22
N VAL A 933 21.83 -23.61 -30.61
CA VAL A 933 22.87 -23.81 -29.61
C VAL A 933 22.29 -24.45 -28.36
N PHE A 934 21.09 -24.05 -27.95
CA PHE A 934 20.48 -24.65 -26.77
C PHE A 934 20.13 -26.11 -27.03
N VAL A 935 19.67 -26.45 -28.24
CA VAL A 935 19.40 -27.85 -28.56
C VAL A 935 20.69 -28.66 -28.53
N LEU A 936 21.78 -28.07 -29.05
CA LEU A 936 23.08 -28.76 -29.01
C LEU A 936 23.51 -29.00 -27.57
N GLU A 937 23.33 -28.00 -26.71
CA GLU A 937 23.68 -28.18 -25.30
C GLU A 937 22.81 -29.25 -24.65
N MET A 938 21.53 -29.30 -24.99
CA MET A 938 20.66 -30.33 -24.44
C MET A 938 21.12 -31.72 -24.87
N LEU A 939 21.48 -31.88 -26.15
CA LEU A 939 21.99 -33.16 -26.60
C LEU A 939 23.28 -33.54 -25.89
N LEU A 940 24.18 -32.57 -25.72
CA LEU A 940 25.44 -32.85 -25.03
C LEU A 940 25.18 -33.30 -23.60
N LYS A 941 24.26 -32.62 -22.90
CA LYS A 941 23.94 -33.03 -21.54
C LYS A 941 23.34 -34.43 -21.51
N TRP A 942 22.42 -34.72 -22.44
CA TRP A 942 21.86 -36.06 -22.53
C TRP A 942 22.96 -37.10 -22.66
N VAL A 943 23.86 -36.89 -23.61
CA VAL A 943 24.91 -37.87 -23.87
C VAL A 943 25.81 -38.02 -22.65
N ALA A 944 26.22 -36.91 -22.05
CA ALA A 944 27.20 -36.98 -20.96
C ALA A 944 26.60 -37.62 -19.72
N TYR A 945 25.41 -37.18 -19.30
CA TYR A 945 24.84 -37.61 -18.04
C TYR A 945 23.81 -38.73 -18.18
N GLY A 946 23.32 -38.98 -19.39
CA GLY A 946 22.30 -39.99 -19.59
C GLY A 946 20.90 -39.45 -19.35
N PHE A 947 19.92 -40.18 -19.88
CA PHE A 947 18.53 -39.72 -19.81
C PHE A 947 18.04 -39.66 -18.36
N LYS A 948 18.40 -40.66 -17.56
CA LYS A 948 17.87 -40.74 -16.20
C LYS A 948 18.27 -39.51 -15.39
N LYS A 949 19.57 -39.21 -15.34
CA LYS A 949 20.04 -38.09 -14.53
C LYS A 949 19.47 -36.77 -15.04
N TYR A 950 19.45 -36.60 -16.36
CA TYR A 950 18.94 -35.35 -16.93
C TYR A 950 17.47 -35.16 -16.59
N PHE A 951 16.67 -36.22 -16.68
CA PHE A 951 15.24 -36.11 -16.46
C PHE A 951 14.86 -36.22 -14.99
N THR A 952 15.82 -36.47 -14.11
CA THR A 952 15.57 -36.49 -12.66
C THR A 952 15.94 -35.18 -11.99
N ASN A 953 16.19 -34.12 -12.77
CA ASN A 953 16.50 -32.79 -12.24
C ASN A 953 15.42 -31.82 -12.70
N ALA A 954 14.82 -31.10 -11.75
CA ALA A 954 13.71 -30.21 -12.08
C ALA A 954 14.15 -29.11 -13.04
N TRP A 955 15.30 -28.49 -12.77
CA TRP A 955 15.75 -27.41 -13.64
C TRP A 955 16.08 -27.93 -15.04
N CYS A 956 16.61 -29.14 -15.14
CA CYS A 956 16.78 -29.76 -16.45
C CYS A 956 15.43 -29.91 -17.13
N TRP A 957 14.39 -30.26 -16.37
CA TRP A 957 13.05 -30.34 -16.94
C TRP A 957 12.60 -28.99 -17.48
N LEU A 958 12.85 -27.91 -16.73
CA LEU A 958 12.46 -26.59 -17.20
C LEU A 958 13.19 -26.22 -18.48
N ASP A 959 14.50 -26.45 -18.52
CA ASP A 959 15.27 -26.14 -19.72
C ASP A 959 14.80 -26.97 -20.91
N PHE A 960 14.51 -28.25 -20.67
CA PHE A 960 14.01 -29.10 -21.74
C PHE A 960 12.66 -28.61 -22.25
N LEU A 961 11.79 -28.17 -21.34
CA LEU A 961 10.49 -27.65 -21.77
C LEU A 961 10.66 -26.40 -22.62
N ILE A 962 11.54 -25.50 -22.21
CA ILE A 962 11.77 -24.28 -23.00
C ILE A 962 12.28 -24.64 -24.39
N VAL A 963 13.25 -25.56 -24.44
CA VAL A 963 13.82 -25.95 -25.73
C VAL A 963 12.76 -26.65 -26.59
N ASP A 964 11.88 -27.43 -25.95
CA ASP A 964 10.83 -28.10 -26.70
C ASP A 964 9.86 -27.09 -27.31
N VAL A 965 9.51 -26.05 -26.55
CA VAL A 965 8.65 -25.01 -27.10
C VAL A 965 9.34 -24.34 -28.28
N SER A 966 10.63 -24.05 -28.14
CA SER A 966 11.37 -23.40 -29.23
C SER A 966 11.38 -24.29 -30.48
N LEU A 967 11.63 -25.59 -30.31
CA LEU A 967 11.64 -26.50 -31.45
C LEU A 967 10.27 -26.62 -32.08
N VAL A 968 9.21 -26.65 -31.28
CA VAL A 968 7.86 -26.71 -31.83
C VAL A 968 7.61 -25.48 -32.69
N SER A 969 7.97 -24.30 -32.17
CA SER A 969 7.78 -23.09 -32.95
C SER A 969 8.59 -23.14 -34.25
N LEU A 970 9.84 -23.60 -34.17
CA LEU A 970 10.70 -23.64 -35.34
C LEU A 970 10.13 -24.57 -36.40
N VAL A 971 9.70 -25.78 -36.00
CA VAL A 971 9.17 -26.73 -36.97
C VAL A 971 7.86 -26.24 -37.55
N ALA A 972 7.03 -25.58 -36.74
CA ALA A 972 5.82 -24.98 -37.27
C ALA A 972 6.15 -23.92 -38.33
N ASN A 973 7.13 -23.08 -38.05
CA ASN A 973 7.55 -22.08 -39.03
C ASN A 973 8.08 -22.75 -40.29
N THR A 974 8.87 -23.80 -40.14
CA THR A 974 9.43 -24.51 -41.27
C THR A 974 8.33 -25.16 -42.10
N ILE A 983 -0.29 -21.63 -33.61
CA ILE A 983 1.09 -21.56 -33.14
C ILE A 983 1.43 -20.13 -32.79
N LYS A 984 0.74 -19.18 -33.43
CA LYS A 984 0.95 -17.76 -33.09
C LYS A 984 0.73 -17.52 -31.61
N SER A 985 -0.27 -18.18 -31.02
CA SER A 985 -0.47 -18.12 -29.58
C SER A 985 0.67 -18.78 -28.82
N LEU A 986 1.43 -19.66 -29.47
CA LEU A 986 2.59 -20.28 -28.85
C LEU A 986 3.87 -19.46 -29.04
N ARG A 987 3.89 -18.56 -30.01
CA ARG A 987 5.05 -17.70 -30.19
C ARG A 987 5.24 -16.79 -28.98
N THR A 988 4.16 -16.23 -28.46
CA THR A 988 4.26 -15.33 -27.31
C THR A 988 4.76 -16.05 -26.07
N LEU A 989 4.67 -17.37 -26.04
CA LEU A 989 5.25 -18.14 -24.94
C LEU A 989 6.76 -18.10 -24.95
N ARG A 990 7.37 -17.61 -26.03
CA ARG A 990 8.82 -17.43 -26.09
C ARG A 990 9.30 -16.44 -25.05
N ALA A 991 8.39 -15.65 -24.47
CA ALA A 991 8.74 -14.69 -23.43
C ALA A 991 9.16 -15.36 -22.14
N LEU A 992 9.05 -16.68 -22.05
CA LEU A 992 9.52 -17.42 -20.88
C LEU A 992 10.99 -17.78 -20.97
N ARG A 993 11.65 -17.40 -22.06
CA ARG A 993 13.07 -17.69 -22.22
C ARG A 993 13.92 -17.24 -21.04
N PRO A 994 13.71 -16.06 -20.45
CA PRO A 994 14.57 -15.63 -19.34
C PRO A 994 14.61 -16.61 -18.18
N LEU A 995 13.62 -17.51 -18.06
CA LEU A 995 13.61 -18.43 -16.94
C LEU A 995 14.83 -19.35 -16.92
N ARG A 996 15.51 -19.51 -18.05
CA ARG A 996 16.74 -20.29 -18.06
C ARG A 996 17.80 -19.70 -17.14
N ALA A 997 17.69 -18.42 -16.81
CA ALA A 997 18.66 -17.77 -15.93
C ALA A 997 18.49 -18.17 -14.47
N LEU A 998 17.34 -18.74 -14.11
CA LEU A 998 17.12 -19.09 -12.71
C LEU A 998 18.12 -20.13 -12.22
N SER A 999 18.40 -21.15 -13.05
CA SER A 999 19.20 -22.27 -12.61
C SER A 999 20.68 -21.97 -12.51
N ARG A 1000 21.17 -20.93 -13.20
CA ARG A 1000 22.60 -20.66 -13.27
C ARG A 1000 23.09 -19.82 -12.10
N PHE A 1001 22.55 -18.62 -11.94
CA PHE A 1001 22.97 -17.75 -10.85
C PHE A 1001 22.44 -18.26 -9.53
N GLU A 1002 23.33 -18.43 -8.55
CA GLU A 1002 22.97 -19.11 -7.32
C GLU A 1002 21.98 -18.32 -6.48
N GLY A 1003 21.99 -17.00 -6.58
CA GLY A 1003 21.07 -16.21 -5.77
C GLY A 1003 19.62 -16.49 -6.09
N MET A 1004 19.27 -16.40 -7.38
CA MET A 1004 17.90 -16.72 -7.78
C MET A 1004 17.59 -18.17 -7.52
N ARG A 1005 18.57 -19.06 -7.66
CA ARG A 1005 18.34 -20.46 -7.38
C ARG A 1005 17.95 -20.69 -5.92
N VAL A 1006 18.67 -20.06 -4.99
CA VAL A 1006 18.37 -20.26 -3.58
C VAL A 1006 17.04 -19.61 -3.21
N VAL A 1007 16.76 -18.42 -3.77
CA VAL A 1007 15.48 -17.79 -3.49
C VAL A 1007 14.33 -18.65 -4.01
N VAL A 1008 14.50 -19.23 -5.20
CA VAL A 1008 13.46 -20.09 -5.76
C VAL A 1008 13.31 -21.36 -4.93
N ASN A 1009 14.42 -21.87 -4.39
CA ASN A 1009 14.32 -23.03 -3.51
C ASN A 1009 13.50 -22.70 -2.27
N ALA A 1010 13.75 -21.53 -1.67
CA ALA A 1010 12.97 -21.13 -0.50
C ALA A 1010 11.49 -20.99 -0.86
N LEU A 1011 11.19 -20.35 -1.99
CA LEU A 1011 9.80 -20.18 -2.39
C LEU A 1011 9.12 -21.52 -2.63
N VAL A 1012 9.82 -22.44 -3.31
CA VAL A 1012 9.24 -23.76 -3.56
C VAL A 1012 8.99 -24.48 -2.24
N GLY A 1013 9.93 -24.38 -1.31
CA GLY A 1013 9.70 -24.98 0.00
C GLY A 1013 8.48 -24.41 0.68
N ALA A 1014 8.22 -23.12 0.50
CA ALA A 1014 7.04 -22.50 1.10
C ALA A 1014 5.76 -22.73 0.30
N ILE A 1015 5.85 -23.27 -0.92
CA ILE A 1015 4.66 -23.45 -1.75
C ILE A 1015 3.56 -24.23 -1.03
N PRO A 1016 3.82 -25.35 -0.36
CA PRO A 1016 2.69 -26.08 0.26
C PRO A 1016 1.88 -25.26 1.24
N SER A 1017 2.55 -24.55 2.16
CA SER A 1017 1.83 -23.71 3.11
C SER A 1017 1.10 -22.58 2.40
N ILE A 1018 1.74 -21.99 1.39
CA ILE A 1018 1.10 -20.94 0.61
C ILE A 1018 -0.20 -21.47 0.00
N MET A 1019 -0.18 -22.70 -0.51
CA MET A 1019 -1.36 -23.26 -1.15
C MET A 1019 -2.45 -23.57 -0.13
N ASN A 1020 -2.07 -24.07 1.04
CA ASN A 1020 -3.06 -24.30 2.09
C ASN A 1020 -3.76 -22.99 2.45
N VAL A 1021 -2.97 -21.93 2.67
CA VAL A 1021 -3.56 -20.65 3.05
C VAL A 1021 -4.37 -20.09 1.89
N LEU A 1022 -3.93 -20.32 0.65
CA LEU A 1022 -4.68 -19.83 -0.50
C LEU A 1022 -6.03 -20.51 -0.58
N LEU A 1023 -6.10 -21.82 -0.30
CA LEU A 1023 -7.37 -22.50 -0.28
C LEU A 1023 -8.27 -21.95 0.82
N VAL A 1024 -7.71 -21.72 2.01
CA VAL A 1024 -8.52 -21.15 3.09
C VAL A 1024 -9.05 -19.78 2.69
N CYS A 1025 -8.21 -18.95 2.09
CA CYS A 1025 -8.62 -17.63 1.66
C CYS A 1025 -9.68 -17.70 0.57
N LEU A 1026 -9.55 -18.63 -0.38
CA LEU A 1026 -10.55 -18.75 -1.43
C LEU A 1026 -11.90 -19.16 -0.84
N ILE A 1027 -11.90 -20.13 0.07
CA ILE A 1027 -13.16 -20.53 0.70
C ILE A 1027 -13.76 -19.36 1.47
N PHE A 1028 -12.93 -18.62 2.21
CA PHE A 1028 -13.44 -17.51 2.99
C PHE A 1028 -14.02 -16.41 2.09
N TRP A 1029 -13.31 -16.07 1.02
CA TRP A 1029 -13.79 -15.04 0.11
C TRP A 1029 -14.96 -15.50 -0.73
N LEU A 1030 -15.18 -16.82 -0.83
CA LEU A 1030 -16.36 -17.29 -1.55
C LEU A 1030 -17.64 -16.79 -0.88
N ILE A 1031 -17.65 -16.74 0.45
CA ILE A 1031 -18.82 -16.23 1.17
C ILE A 1031 -19.10 -14.79 0.77
N PHE A 1032 -18.05 -13.95 0.79
CA PHE A 1032 -18.24 -12.54 0.49
C PHE A 1032 -18.58 -12.32 -0.98
N SER A 1033 -18.03 -13.14 -1.88
CA SER A 1033 -18.37 -13.02 -3.29
C SER A 1033 -19.81 -13.44 -3.54
N ILE A 1034 -20.29 -14.48 -2.86
CA ILE A 1034 -21.69 -14.88 -3.01
C ILE A 1034 -22.61 -13.79 -2.45
N MET A 1035 -22.25 -13.23 -1.30
CA MET A 1035 -23.05 -12.13 -0.75
C MET A 1035 -23.07 -10.94 -1.69
N GLY A 1036 -21.92 -10.59 -2.28
CA GLY A 1036 -21.88 -9.50 -3.22
C GLY A 1036 -22.69 -9.80 -4.47
N VAL A 1037 -22.70 -11.06 -4.90
CA VAL A 1037 -23.52 -11.43 -6.04
C VAL A 1037 -25.00 -11.25 -5.71
N ASN A 1038 -25.41 -11.69 -4.52
CA ASN A 1038 -26.80 -11.50 -4.11
C ASN A 1038 -27.17 -10.04 -4.05
N LEU A 1039 -26.29 -9.21 -3.49
CA LEU A 1039 -26.60 -7.81 -3.24
C LEU A 1039 -26.51 -6.95 -4.51
N PHE A 1040 -25.57 -7.26 -5.42
CA PHE A 1040 -25.19 -6.36 -6.49
C PHE A 1040 -25.13 -7.05 -7.85
N ALA A 1041 -25.91 -8.11 -8.07
CA ALA A 1041 -25.92 -8.76 -9.37
C ALA A 1041 -26.84 -8.01 -10.32
N GLY A 1042 -26.26 -7.36 -11.33
CA GLY A 1042 -27.03 -6.62 -12.30
C GLY A 1042 -27.36 -5.20 -11.90
N LYS A 1043 -26.89 -4.74 -10.75
CA LYS A 1043 -27.15 -3.39 -10.26
C LYS A 1043 -25.97 -2.45 -10.48
N PHE A 1044 -24.97 -2.87 -11.25
CA PHE A 1044 -23.78 -2.07 -11.52
C PHE A 1044 -23.82 -1.41 -12.89
N GLY A 1045 -24.97 -1.38 -13.54
CA GLY A 1045 -25.06 -0.84 -14.89
C GLY A 1045 -25.45 0.62 -14.91
N ARG A 1046 -24.97 1.33 -15.93
CA ARG A 1046 -25.17 2.75 -16.10
C ARG A 1046 -25.55 3.04 -17.55
N CYS A 1047 -26.56 3.88 -17.74
CA CYS A 1047 -27.01 4.28 -19.07
C CYS A 1047 -26.34 5.60 -19.42
N ILE A 1048 -25.08 5.50 -19.87
CA ILE A 1048 -24.29 6.69 -20.14
C ILE A 1048 -24.68 7.30 -21.48
N ASN A 1049 -24.40 8.57 -21.65
CA ASN A 1049 -24.62 9.30 -22.90
C ASN A 1049 -23.24 9.62 -23.47
N GLN A 1050 -22.88 8.94 -24.56
CA GLN A 1050 -21.52 9.04 -25.08
C GLN A 1050 -21.18 10.45 -25.52
N THR A 1051 -22.11 11.13 -26.19
CA THR A 1051 -21.81 12.46 -26.71
C THR A 1051 -21.50 13.43 -25.58
N GLU A 1052 -22.26 13.38 -24.49
CA GLU A 1052 -22.08 14.28 -23.37
C GLU A 1052 -21.22 13.61 -22.28
N GLY A 1053 -19.98 13.33 -22.64
CA GLY A 1053 -19.06 12.74 -21.68
C GLY A 1053 -19.34 11.26 -21.46
N ASP A 1054 -18.86 10.78 -20.31
CA ASP A 1054 -18.99 9.38 -19.91
C ASP A 1054 -19.43 9.28 -18.45
N LEU A 1055 -20.43 10.07 -18.07
CA LEU A 1055 -20.95 10.10 -16.71
C LEU A 1055 -22.35 9.50 -16.68
N PRO A 1056 -22.74 8.80 -15.62
CA PRO A 1056 -24.10 8.25 -15.58
C PRO A 1056 -25.15 9.33 -15.73
N LEU A 1057 -26.21 9.01 -16.46
CA LEU A 1057 -27.30 9.94 -16.64
C LEU A 1057 -28.12 10.07 -15.36
N ASN A 1058 -28.92 11.14 -15.29
CA ASN A 1058 -29.80 11.32 -14.15
C ASN A 1058 -30.84 10.20 -14.11
N TYR A 1059 -31.12 9.70 -12.91
CA TYR A 1059 -32.08 8.61 -12.78
C TYR A 1059 -33.49 9.06 -13.15
N THR A 1060 -33.76 10.37 -13.15
CA THR A 1060 -35.09 10.85 -13.54
C THR A 1060 -35.31 10.70 -15.04
N ILE A 1061 -34.34 11.13 -15.85
CA ILE A 1061 -34.51 11.06 -17.30
C ILE A 1061 -34.47 9.61 -17.77
N VAL A 1062 -33.50 8.83 -17.28
CA VAL A 1062 -33.39 7.40 -17.61
C VAL A 1062 -33.37 6.63 -16.30
N ASN A 1063 -34.31 5.70 -16.16
CA ASN A 1063 -34.53 5.01 -14.89
C ASN A 1063 -33.94 3.61 -14.85
N ASN A 1064 -33.95 2.89 -15.97
CA ASN A 1064 -33.49 1.51 -16.00
C ASN A 1064 -33.18 1.14 -17.45
N LYS A 1065 -32.62 -0.06 -17.62
CA LYS A 1065 -32.21 -0.49 -18.96
C LYS A 1065 -33.36 -0.43 -19.94
N SER A 1066 -34.57 -0.74 -19.49
CA SER A 1066 -35.72 -0.70 -20.38
C SER A 1066 -35.93 0.70 -20.94
N GLU A 1067 -35.85 1.71 -20.09
CA GLU A 1067 -35.96 3.09 -20.56
C GLU A 1067 -34.74 3.50 -21.37
N CYS A 1068 -33.56 2.97 -21.03
CA CYS A 1068 -32.36 3.28 -21.79
C CYS A 1068 -32.51 2.83 -23.23
N GLU A 1069 -33.09 1.65 -23.44
CA GLU A 1069 -33.35 1.17 -24.79
C GLU A 1069 -34.57 1.84 -25.41
N SER A 1070 -35.53 2.30 -24.59
CA SER A 1070 -36.74 2.90 -25.14
C SER A 1070 -36.48 4.29 -25.68
N PHE A 1071 -35.49 5.01 -25.13
CA PHE A 1071 -35.14 6.36 -25.57
C PHE A 1071 -34.01 6.36 -26.58
N ASN A 1072 -33.96 5.35 -27.45
CA ASN A 1072 -32.85 5.15 -28.37
C ASN A 1072 -33.09 5.79 -29.73
N VAL A 1073 -33.81 6.90 -29.80
CA VAL A 1073 -34.05 7.56 -31.08
C VAL A 1073 -32.73 7.90 -31.75
N THR A 1074 -31.75 8.36 -30.98
CA THR A 1074 -30.39 8.57 -31.45
C THR A 1074 -29.46 7.61 -30.74
N GLY A 1075 -28.48 7.10 -31.47
CA GLY A 1075 -27.55 6.13 -30.93
C GLY A 1075 -26.52 6.74 -30.01
N GLU A 1076 -26.98 7.43 -28.96
CA GLU A 1076 -26.09 8.09 -28.02
C GLU A 1076 -26.03 7.40 -26.67
N LEU A 1077 -27.11 6.74 -26.24
CA LEU A 1077 -27.15 6.09 -24.95
C LEU A 1077 -26.58 4.68 -25.03
N TYR A 1078 -25.67 4.35 -24.12
CA TYR A 1078 -25.10 3.03 -24.02
C TYR A 1078 -25.27 2.53 -22.60
N TRP A 1079 -25.86 1.35 -22.45
CA TRP A 1079 -26.04 0.74 -21.12
C TRP A 1079 -24.84 -0.15 -20.86
N THR A 1080 -23.86 0.40 -20.16
CA THR A 1080 -22.59 -0.26 -19.90
C THR A 1080 -22.45 -0.57 -18.42
N LYS A 1081 -21.85 -1.71 -18.12
CA LYS A 1081 -21.62 -2.12 -16.74
C LYS A 1081 -20.19 -1.80 -16.33
N VAL A 1082 -20.00 -1.52 -15.05
CA VAL A 1082 -18.69 -1.22 -14.50
C VAL A 1082 -17.75 -2.35 -14.88
N LYS A 1083 -16.48 -2.02 -15.13
CA LYS A 1083 -15.53 -3.02 -15.60
C LYS A 1083 -15.44 -4.18 -14.61
N VAL A 1084 -15.29 -3.87 -13.33
CA VAL A 1084 -15.18 -4.87 -12.27
C VAL A 1084 -16.45 -4.81 -11.45
N ASN A 1085 -17.13 -5.95 -11.35
CA ASN A 1085 -18.46 -5.98 -10.76
C ASN A 1085 -18.74 -7.37 -10.20
N PHE A 1086 -19.97 -7.56 -9.72
CA PHE A 1086 -20.41 -8.76 -9.03
C PHE A 1086 -21.43 -9.56 -9.83
N ASP A 1087 -21.39 -9.49 -11.17
CA ASP A 1087 -22.37 -10.22 -11.96
C ASP A 1087 -22.23 -11.72 -11.77
N ASN A 1088 -21.02 -12.19 -11.44
CA ASN A 1088 -20.79 -13.61 -11.19
C ASN A 1088 -19.97 -13.79 -9.91
N VAL A 1089 -19.51 -15.01 -9.67
CA VAL A 1089 -18.63 -15.25 -8.53
C VAL A 1089 -17.16 -15.07 -8.90
N GLY A 1090 -16.78 -15.34 -10.14
CA GLY A 1090 -15.44 -15.00 -10.58
C GLY A 1090 -15.20 -13.50 -10.60
N ALA A 1091 -16.15 -12.75 -11.17
CA ALA A 1091 -16.10 -11.31 -11.05
C ALA A 1091 -16.15 -10.89 -9.59
N GLY A 1092 -16.82 -11.69 -8.76
CA GLY A 1092 -16.78 -11.44 -7.33
C GLY A 1092 -15.37 -11.52 -6.77
N TYR A 1093 -14.63 -12.56 -7.13
CA TYR A 1093 -13.24 -12.65 -6.68
C TYR A 1093 -12.42 -11.48 -7.21
N LEU A 1094 -12.63 -11.09 -8.46
CA LEU A 1094 -11.83 -9.99 -9.01
C LEU A 1094 -12.09 -8.69 -8.23
N ALA A 1095 -13.37 -8.36 -8.03
CA ALA A 1095 -13.70 -7.15 -7.31
C ALA A 1095 -13.24 -7.22 -5.86
N LEU A 1096 -13.34 -8.39 -5.23
CA LEU A 1096 -12.86 -8.54 -3.87
C LEU A 1096 -11.35 -8.38 -3.79
N LEU A 1097 -10.62 -8.86 -4.79
CA LEU A 1097 -9.18 -8.66 -4.82
C LEU A 1097 -8.85 -7.17 -4.94
N GLN A 1098 -9.59 -6.46 -5.80
CA GLN A 1098 -9.33 -5.03 -5.95
C GLN A 1098 -9.65 -4.28 -4.65
N VAL A 1099 -10.71 -4.71 -3.94
CA VAL A 1099 -11.05 -4.05 -2.68
C VAL A 1099 -10.03 -4.38 -1.61
N ALA A 1100 -9.55 -5.63 -1.57
CA ALA A 1100 -8.64 -6.04 -0.52
C ALA A 1100 -7.25 -5.40 -0.70
N THR A 1101 -6.75 -5.37 -1.93
CA THR A 1101 -5.49 -4.70 -2.19
C THR A 1101 -5.61 -3.18 -2.15
N PHE A 1102 -6.84 -2.66 -2.07
CA PHE A 1102 -7.14 -1.24 -1.94
C PHE A 1102 -6.79 -0.43 -3.17
N LYS A 1103 -6.78 -1.05 -4.36
CA LYS A 1103 -6.60 -0.32 -5.60
C LYS A 1103 -7.80 -0.55 -6.49
N GLY A 1104 -8.45 0.53 -6.91
CA GLY A 1104 -9.65 0.45 -7.72
C GLY A 1104 -10.93 0.24 -6.96
N TRP A 1105 -10.88 0.21 -5.62
CA TRP A 1105 -12.08 0.04 -4.82
C TRP A 1105 -12.97 1.26 -4.86
N MET A 1106 -12.45 2.41 -5.26
CA MET A 1106 -13.27 3.62 -5.32
C MET A 1106 -14.46 3.40 -6.22
N ASP A 1107 -14.23 2.90 -7.44
CA ASP A 1107 -15.32 2.75 -8.39
C ASP A 1107 -16.29 1.66 -7.96
N ILE A 1108 -15.77 0.58 -7.39
CA ILE A 1108 -16.65 -0.51 -6.93
C ILE A 1108 -17.59 0.00 -5.84
N MET A 1109 -17.05 0.70 -4.86
CA MET A 1109 -17.89 1.21 -3.78
C MET A 1109 -18.82 2.34 -4.24
N TYR A 1110 -18.37 3.18 -5.18
CA TYR A 1110 -19.25 4.21 -5.70
C TYR A 1110 -20.42 3.58 -6.45
N ALA A 1111 -20.18 2.50 -7.17
CA ALA A 1111 -21.26 1.83 -7.88
C ALA A 1111 -22.16 1.03 -6.94
N ALA A 1112 -21.60 0.50 -5.85
CA ALA A 1112 -22.38 -0.28 -4.91
C ALA A 1112 -23.29 0.63 -4.08
N VAL A 1113 -22.76 1.74 -3.57
CA VAL A 1113 -23.50 2.62 -2.68
C VAL A 1113 -24.44 3.50 -3.50
N ASP A 1114 -24.51 3.27 -4.81
CA ASP A 1114 -25.52 3.88 -5.66
C ASP A 1114 -26.50 2.86 -6.23
N SER A 1115 -26.32 1.58 -5.93
CA SER A 1115 -27.13 0.53 -6.54
C SER A 1115 -28.59 0.73 -6.13
N ARG A 1116 -29.41 1.19 -7.08
CA ARG A 1116 -30.80 1.49 -6.76
C ARG A 1116 -31.68 0.27 -6.85
N GLY A 1117 -31.39 -0.64 -7.79
CA GLY A 1117 -32.22 -1.81 -7.97
C GLY A 1117 -31.60 -2.75 -8.98
N TYR A 1118 -32.41 -3.70 -9.44
CA TYR A 1118 -31.96 -4.66 -10.44
C TYR A 1118 -31.96 -4.01 -11.81
N GLU A 1119 -30.76 -3.85 -12.39
CA GLU A 1119 -30.58 -3.15 -13.67
C GLU A 1119 -31.43 -1.88 -13.71
N GLU A 1120 -31.27 -1.05 -12.70
CA GLU A 1120 -31.90 0.26 -12.62
C GLU A 1120 -30.82 1.33 -12.52
N GLN A 1121 -31.15 2.51 -13.03
CA GLN A 1121 -30.17 3.59 -13.08
C GLN A 1121 -29.74 3.97 -11.66
N PRO A 1122 -28.45 4.19 -11.41
CA PRO A 1122 -28.01 4.55 -10.06
C PRO A 1122 -28.42 5.96 -9.67
N GLN A 1123 -29.02 6.09 -8.48
CA GLN A 1123 -29.18 7.38 -7.84
C GLN A 1123 -27.83 7.81 -7.26
N TRP A 1124 -27.75 9.08 -6.87
CA TRP A 1124 -26.46 9.61 -6.43
C TRP A 1124 -25.88 8.77 -5.31
N GLU A 1125 -26.57 8.70 -4.16
CA GLU A 1125 -26.03 7.95 -3.04
C GLU A 1125 -27.12 7.26 -2.22
N ASP A 1126 -28.22 6.86 -2.83
CA ASP A 1126 -29.15 6.02 -2.07
C ASP A 1126 -28.53 4.65 -1.89
N ASN A 1127 -29.18 3.82 -1.07
CA ASN A 1127 -28.60 2.52 -0.74
C ASN A 1127 -27.22 2.71 -0.13
N LEU A 1128 -27.10 3.72 0.72
CA LEU A 1128 -25.80 4.18 1.20
C LEU A 1128 -25.10 3.12 2.03
N TYR A 1129 -25.82 2.47 2.93
CA TYR A 1129 -25.17 1.63 3.93
C TYR A 1129 -24.56 0.37 3.35
N MET A 1130 -24.61 0.17 2.03
CA MET A 1130 -23.78 -0.86 1.42
C MET A 1130 -22.32 -0.59 1.69
N TYR A 1131 -21.96 0.65 2.00
CA TYR A 1131 -20.60 0.94 2.45
C TYR A 1131 -20.20 -0.09 3.49
N ILE A 1132 -21.11 -0.36 4.43
CA ILE A 1132 -20.79 -1.26 5.54
C ILE A 1132 -20.27 -2.58 5.01
N TYR A 1133 -20.95 -3.12 3.99
CA TYR A 1133 -20.52 -4.37 3.38
C TYR A 1133 -19.02 -4.35 3.18
N PHE A 1134 -18.53 -3.39 2.39
CA PHE A 1134 -17.11 -3.37 2.07
C PHE A 1134 -16.29 -3.22 3.34
N VAL A 1135 -16.71 -2.34 4.24
CA VAL A 1135 -15.99 -2.20 5.50
C VAL A 1135 -15.85 -3.55 6.17
N VAL A 1136 -16.96 -4.27 6.30
CA VAL A 1136 -16.91 -5.59 6.94
C VAL A 1136 -15.90 -6.47 6.22
N PHE A 1137 -15.97 -6.49 4.90
CA PHE A 1137 -15.04 -7.34 4.15
C PHE A 1137 -13.61 -6.96 4.47
N ILE A 1138 -13.31 -5.66 4.49
CA ILE A 1138 -11.94 -5.23 4.71
C ILE A 1138 -11.47 -5.61 6.10
N ILE A 1139 -12.40 -5.72 7.05
CA ILE A 1139 -12.02 -6.15 8.39
C ILE A 1139 -11.62 -7.61 8.39
N PHE A 1140 -12.29 -8.43 7.58
CA PHE A 1140 -12.07 -9.87 7.56
C PHE A 1140 -11.30 -10.33 6.34
N GLY A 1141 -11.75 -9.96 5.13
CA GLY A 1141 -11.12 -10.44 3.93
C GLY A 1141 -9.72 -9.92 3.71
N SER A 1142 -9.35 -8.80 4.33
CA SER A 1142 -8.05 -8.20 4.17
C SER A 1142 -7.22 -8.24 5.44
N PHE A 1143 -7.73 -7.69 6.54
CA PHE A 1143 -6.94 -7.65 7.77
C PHE A 1143 -6.61 -9.05 8.26
N PHE A 1144 -7.65 -9.83 8.60
CA PHE A 1144 -7.40 -11.17 9.11
C PHE A 1144 -6.80 -12.07 8.04
N THR A 1145 -7.20 -11.89 6.78
CA THR A 1145 -6.64 -12.72 5.71
C THR A 1145 -5.14 -12.46 5.54
N LEU A 1146 -4.75 -11.18 5.51
CA LEU A 1146 -3.32 -10.87 5.42
C LEU A 1146 -2.59 -11.32 6.67
N ASN A 1147 -3.23 -11.25 7.83
CA ASN A 1147 -2.61 -11.76 9.04
C ASN A 1147 -2.32 -13.25 8.90
N LEU A 1148 -3.28 -14.01 8.38
CA LEU A 1148 -3.07 -15.44 8.17
C LEU A 1148 -1.95 -15.68 7.16
N PHE A 1149 -2.01 -14.99 6.02
CA PHE A 1149 -0.94 -15.05 5.02
C PHE A 1149 0.43 -14.91 5.69
N ILE A 1150 0.64 -13.75 6.32
CA ILE A 1150 1.95 -13.41 6.85
C ILE A 1150 2.36 -14.40 7.94
N GLY A 1151 1.43 -14.73 8.85
CA GLY A 1151 1.78 -15.64 9.92
C GLY A 1151 2.21 -17.00 9.40
N VAL A 1152 1.45 -17.57 8.47
CA VAL A 1152 1.77 -18.89 7.96
C VAL A 1152 3.09 -18.85 7.21
N ILE A 1153 3.30 -17.83 6.37
CA ILE A 1153 4.53 -17.77 5.59
C ILE A 1153 5.75 -17.59 6.49
N ILE A 1154 5.62 -16.74 7.50
CA ILE A 1154 6.75 -16.52 8.41
C ILE A 1154 7.03 -17.77 9.23
N ASP A 1155 5.98 -18.49 9.64
CA ASP A 1155 6.19 -19.75 10.34
C ASP A 1155 6.89 -20.76 9.44
N ASN A 1156 6.49 -20.82 8.17
CA ASN A 1156 7.15 -21.73 7.24
C ASN A 1156 8.61 -21.39 7.06
N PHE A 1157 8.92 -20.09 6.94
CA PHE A 1157 10.32 -19.69 6.83
C PHE A 1157 11.09 -20.01 8.10
N ASN A 1158 10.47 -19.86 9.27
CA ASN A 1158 11.14 -20.24 10.51
C ASN A 1158 11.43 -21.75 10.53
N GLN A 1159 10.48 -22.57 10.10
CA GLN A 1159 10.75 -24.00 10.03
C GLN A 1159 11.87 -24.31 9.06
N GLN A 1160 11.88 -23.63 7.91
CA GLN A 1160 12.94 -23.85 6.93
C GLN A 1160 14.30 -23.47 7.51
N LYS A 1161 14.37 -22.35 8.22
CA LYS A 1161 15.61 -21.94 8.85
C LYS A 1161 16.06 -22.96 9.89
N LYS A 1162 15.13 -23.45 10.71
CA LYS A 1162 15.49 -24.42 11.74
C LYS A 1162 16.01 -25.71 11.11
N LYS A 1163 15.37 -26.17 10.03
CA LYS A 1163 15.81 -27.38 9.37
C LYS A 1163 17.22 -27.23 8.81
N LEU A 1164 17.52 -26.07 8.25
CA LEU A 1164 18.82 -25.82 7.61
C LEU A 1164 19.86 -25.40 8.63
N GLY A 1165 19.98 -26.16 9.71
CA GLY A 1165 21.02 -25.94 10.71
C GLY A 1165 21.03 -24.54 11.29
N GLY A 1166 19.91 -23.83 11.20
CA GLY A 1166 19.81 -22.50 11.75
C GLY A 1166 20.44 -21.40 10.91
N GLN A 1167 20.95 -21.73 9.73
CA GLN A 1167 21.55 -20.73 8.86
C GLN A 1167 20.47 -19.95 8.13
N ASP A 1168 20.89 -18.95 7.35
CA ASP A 1168 19.95 -18.14 6.59
C ASP A 1168 19.38 -18.94 5.42
N ILE A 1169 18.34 -18.39 4.80
CA ILE A 1169 17.60 -19.07 3.75
C ILE A 1169 17.85 -18.45 2.39
N PHE A 1170 17.99 -17.13 2.31
CA PHE A 1170 18.09 -16.41 1.05
C PHE A 1170 19.51 -16.03 0.70
N MET A 1171 20.50 -16.84 1.09
CA MET A 1171 21.89 -16.50 0.87
C MET A 1171 22.64 -17.71 0.33
N THR A 1172 23.71 -17.43 -0.42
CA THR A 1172 24.58 -18.46 -0.96
C THR A 1172 25.73 -18.71 0.01
N GLU A 1173 26.69 -19.55 -0.38
CA GLU A 1173 27.83 -19.81 0.49
C GLU A 1173 28.76 -18.61 0.55
N GLU A 1174 29.09 -18.04 -0.63
CA GLU A 1174 29.96 -16.87 -0.65
C GLU A 1174 29.31 -15.68 0.04
N GLN A 1175 28.02 -15.47 -0.22
CA GLN A 1175 27.29 -14.40 0.45
C GLN A 1175 27.25 -14.64 1.95
N LYS A 1176 27.11 -15.90 2.36
CA LYS A 1176 27.10 -16.21 3.79
C LYS A 1176 28.45 -15.88 4.44
N LYS A 1177 29.56 -16.20 3.75
CA LYS A 1177 30.86 -15.85 4.28
C LYS A 1177 31.05 -14.35 4.38
N TYR A 1178 30.63 -13.61 3.35
CA TYR A 1178 30.74 -12.16 3.41
C TYR A 1178 29.85 -11.59 4.52
N TYR A 1179 28.68 -12.18 4.73
CA TYR A 1179 27.82 -11.77 5.83
C TYR A 1179 28.47 -12.00 7.17
N ASN A 1180 29.15 -13.15 7.33
CA ASN A 1180 29.87 -13.40 8.56
C ASN A 1180 30.98 -12.37 8.77
N MET A 1181 31.70 -12.03 7.71
CA MET A 1181 32.75 -11.01 7.82
C MET A 1181 32.16 -9.67 8.22
N MET A 1182 31.04 -9.29 7.61
CA MET A 1182 30.39 -8.03 7.97
C MET A 1182 29.95 -8.05 9.43
N LYS A 1183 29.38 -9.16 9.89
CA LYS A 1183 28.97 -9.25 11.29
C LYS A 1183 30.16 -9.11 12.23
N LYS A 1184 31.29 -9.76 11.89
CA LYS A 1184 32.48 -9.61 12.72
C LYS A 1184 32.94 -8.16 12.74
N LEU A 1185 32.92 -7.50 11.59
CA LEU A 1185 33.32 -6.10 11.53
C LEU A 1185 32.37 -5.20 12.32
N GLY A 1186 31.10 -5.59 12.44
CA GLY A 1186 30.13 -4.72 13.07
C GLY A 1186 30.44 -4.46 14.53
N SER A 1187 30.76 -5.52 15.28
CA SER A 1187 31.01 -5.44 16.71
C SER A 1187 32.49 -5.47 17.05
N LYS A 1188 33.32 -4.86 16.21
CA LYS A 1188 34.75 -4.82 16.47
C LYS A 1188 35.02 -4.09 17.78
N LYS A 1189 35.93 -4.64 18.58
CA LYS A 1189 36.25 -4.06 19.87
C LYS A 1189 36.95 -2.72 19.69
N PRO A 1190 36.84 -1.81 20.66
CA PRO A 1190 37.51 -0.52 20.54
C PRO A 1190 39.02 -0.67 20.56
N GLN A 1191 39.69 0.23 19.84
CA GLN A 1191 41.14 0.23 19.76
C GLN A 1191 41.75 1.29 20.69
N GLN A 1202 51.61 21.21 19.45
CA GLN A 1202 50.55 20.28 19.07
C GLN A 1202 49.77 19.79 20.28
N GLY A 1203 50.36 19.94 21.46
CA GLY A 1203 49.70 19.46 22.66
C GLY A 1203 48.38 20.15 22.92
N PHE A 1204 48.32 21.47 22.73
CA PHE A 1204 47.09 22.20 22.97
C PHE A 1204 45.97 21.72 22.03
N ILE A 1205 46.27 21.63 20.73
CA ILE A 1205 45.26 21.18 19.78
C ILE A 1205 44.91 19.72 20.03
N PHE A 1206 45.91 18.90 20.36
CA PHE A 1206 45.64 17.49 20.62
C PHE A 1206 44.69 17.32 21.80
N ASP A 1207 44.86 18.15 22.83
CA ASP A 1207 43.98 18.07 23.99
C ASP A 1207 42.61 18.68 23.71
N ILE A 1208 42.54 19.70 22.86
CA ILE A 1208 41.28 20.38 22.61
C ILE A 1208 40.39 19.56 21.68
N VAL A 1209 40.93 19.17 20.52
CA VAL A 1209 40.11 18.49 19.52
C VAL A 1209 39.58 17.17 20.05
N THR A 1210 40.42 16.41 20.76
CA THR A 1210 40.00 15.11 21.26
C THR A 1210 38.83 15.22 22.23
N LYS A 1211 38.62 16.39 22.83
CA LYS A 1211 37.52 16.56 23.76
C LYS A 1211 36.18 16.42 23.05
N GLN A 1212 35.21 15.81 23.73
CA GLN A 1212 33.88 15.62 23.14
C GLN A 1212 33.22 16.93 22.78
N ALA A 1213 33.63 18.03 23.42
CA ALA A 1213 33.04 19.33 23.08
C ALA A 1213 33.29 19.69 21.63
N PHE A 1214 34.48 19.35 21.11
CA PHE A 1214 34.78 19.61 19.71
C PHE A 1214 33.82 18.84 18.81
N ASP A 1215 33.59 17.57 19.10
CA ASP A 1215 32.67 16.77 18.30
C ASP A 1215 31.26 17.34 18.36
N VAL A 1216 30.83 17.76 19.56
CA VAL A 1216 29.48 18.31 19.68
C VAL A 1216 29.36 19.61 18.89
N THR A 1217 30.41 20.44 18.91
CA THR A 1217 30.38 21.66 18.13
C THR A 1217 30.30 21.36 16.63
N ILE A 1218 31.06 20.37 16.17
CA ILE A 1218 30.99 20.01 14.75
C ILE A 1218 29.59 19.48 14.42
N MET A 1219 28.99 18.72 15.33
CA MET A 1219 27.65 18.22 15.10
C MET A 1219 26.65 19.36 14.99
N PHE A 1220 26.74 20.34 15.88
CA PHE A 1220 25.85 21.49 15.81
C PHE A 1220 26.07 22.27 14.51
N LEU A 1221 27.33 22.41 14.09
CA LEU A 1221 27.62 23.12 12.85
C LEU A 1221 27.03 22.41 11.64
N ILE A 1222 27.14 21.09 11.60
CA ILE A 1222 26.57 20.35 10.47
C ILE A 1222 25.04 20.41 10.51
N CYS A 1223 24.45 20.40 11.70
CA CYS A 1223 23.00 20.58 11.79
C CYS A 1223 22.60 21.95 11.26
N LEU A 1224 23.39 22.98 11.59
CA LEU A 1224 23.11 24.32 11.08
C LEU A 1224 23.24 24.36 9.55
N ASN A 1225 24.23 23.67 9.01
CA ASN A 1225 24.36 23.60 7.55
C ASN A 1225 23.16 22.91 6.93
N MET A 1226 22.67 21.85 7.57
CA MET A 1226 21.47 21.17 7.10
C MET A 1226 20.29 22.14 7.08
N VAL A 1227 20.14 22.90 8.15
CA VAL A 1227 19.08 23.90 8.21
C VAL A 1227 19.25 24.91 7.09
N THR A 1228 20.49 25.30 6.80
CA THR A 1228 20.73 26.24 5.72
C THR A 1228 20.29 25.67 4.38
N MET A 1229 20.57 24.40 4.13
CA MET A 1229 20.14 23.79 2.87
C MET A 1229 18.62 23.64 2.81
N MET A 1230 17.96 23.51 3.97
CA MET A 1230 16.50 23.45 3.94
C MET A 1230 15.88 24.71 3.35
N VAL A 1231 16.58 25.85 3.43
CA VAL A 1231 16.00 27.13 3.03
C VAL A 1231 15.91 27.32 1.52
N GLU A 1232 16.49 26.43 0.73
CA GLU A 1232 16.44 26.57 -0.71
C GLU A 1232 15.00 26.55 -1.20
N THR A 1233 14.71 27.37 -2.21
CA THR A 1233 13.37 27.45 -2.77
C THR A 1233 13.48 27.94 -4.20
N ASP A 1234 12.50 27.54 -5.02
CA ASP A 1234 12.50 27.94 -6.41
C ASP A 1234 12.24 29.44 -6.55
N ASP A 1235 12.63 29.99 -7.70
CA ASP A 1235 12.38 31.38 -8.05
C ASP A 1235 12.76 32.34 -6.91
N GLN A 1236 13.78 31.98 -6.15
CA GLN A 1236 14.24 32.85 -5.07
C GLN A 1236 14.99 34.04 -5.64
N SER A 1237 14.98 35.14 -4.89
CA SER A 1237 15.57 36.38 -5.37
C SER A 1237 17.09 36.25 -5.46
N PRO A 1238 17.73 37.01 -6.35
CA PRO A 1238 19.19 36.88 -6.51
C PRO A 1238 19.97 37.15 -5.24
N GLU A 1239 19.54 38.10 -4.42
CA GLU A 1239 20.28 38.38 -3.19
C GLU A 1239 20.25 37.18 -2.25
N LYS A 1240 19.12 36.47 -2.21
CA LYS A 1240 19.05 35.24 -1.42
C LYS A 1240 20.03 34.21 -1.95
N VAL A 1241 20.14 34.08 -3.27
CA VAL A 1241 21.09 33.14 -3.85
C VAL A 1241 22.51 33.49 -3.45
N ASN A 1242 22.85 34.78 -3.53
CA ASN A 1242 24.20 35.20 -3.18
C ASN A 1242 24.50 34.95 -1.71
N ILE A 1243 23.54 35.27 -0.82
CA ILE A 1243 23.75 35.05 0.60
C ILE A 1243 23.92 33.57 0.89
N LEU A 1244 23.10 32.72 0.26
CA LEU A 1244 23.23 31.29 0.48
C LEU A 1244 24.56 30.77 -0.03
N ALA A 1245 25.03 31.29 -1.17
CA ALA A 1245 26.33 30.87 -1.69
C ALA A 1245 27.44 31.27 -0.73
N LYS A 1246 27.37 32.48 -0.18
CA LYS A 1246 28.39 32.91 0.78
C LYS A 1246 28.36 32.04 2.03
N ILE A 1247 27.17 31.70 2.52
CA ILE A 1247 27.08 30.84 3.68
C ILE A 1247 27.64 29.45 3.37
N ASN A 1248 27.39 28.95 2.17
CA ASN A 1248 27.95 27.67 1.77
C ASN A 1248 29.47 27.72 1.75
N LEU A 1249 30.03 28.81 1.21
CA LEU A 1249 31.49 28.95 1.21
C LEU A 1249 32.03 29.00 2.63
N LEU A 1250 31.35 29.72 3.52
CA LEU A 1250 31.79 29.78 4.90
C LEU A 1250 31.76 28.39 5.55
N PHE A 1251 30.71 27.63 5.30
CA PHE A 1251 30.63 26.29 5.88
C PHE A 1251 31.72 25.38 5.33
N VAL A 1252 32.01 25.49 4.04
CA VAL A 1252 33.10 24.71 3.47
C VAL A 1252 34.42 25.09 4.13
N ALA A 1253 34.63 26.39 4.34
CA ALA A 1253 35.86 26.84 4.99
C ALA A 1253 35.96 26.29 6.41
N ILE A 1254 34.86 26.31 7.15
CA ILE A 1254 34.87 25.83 8.53
C ILE A 1254 35.17 24.34 8.57
N PHE A 1255 34.56 23.57 7.65
CA PHE A 1255 34.82 22.13 7.62
C PHE A 1255 36.26 21.83 7.22
N THR A 1256 36.81 22.60 6.28
CA THR A 1256 38.22 22.45 5.95
C THR A 1256 39.09 22.73 7.18
N GLY A 1257 38.76 23.79 7.92
CA GLY A 1257 39.54 24.12 9.11
C GLY A 1257 39.50 23.01 10.14
N GLU A 1258 38.30 22.49 10.42
CA GLU A 1258 38.21 21.44 11.44
C GLU A 1258 38.93 20.17 10.99
N CYS A 1259 38.81 19.81 9.70
CA CYS A 1259 39.50 18.61 9.25
C CYS A 1259 41.01 18.78 9.30
N ILE A 1260 41.52 19.96 8.94
CA ILE A 1260 42.97 20.13 8.96
C ILE A 1260 43.49 20.15 10.40
N VAL A 1261 42.75 20.79 11.32
CA VAL A 1261 43.21 20.78 12.71
C VAL A 1261 43.16 19.37 13.26
N LYS A 1262 42.17 18.57 12.86
CA LYS A 1262 42.19 17.16 13.25
C LYS A 1262 43.40 16.44 12.67
N MET A 1263 43.73 16.72 11.40
CA MET A 1263 44.94 16.17 10.79
C MET A 1263 46.19 16.62 11.52
N ALA A 1264 46.13 17.73 12.24
CA ALA A 1264 47.31 18.21 12.96
C ALA A 1264 47.85 17.15 13.92
N ALA A 1265 46.97 16.28 14.42
CA ALA A 1265 47.42 15.15 15.22
C ALA A 1265 48.24 14.20 14.35
N LEU A 1266 48.78 13.16 14.98
CA LEU A 1266 49.58 12.18 14.26
C LEU A 1266 48.77 11.57 13.12
N ARG A 1267 49.46 10.88 12.22
CA ARG A 1267 48.83 10.24 11.08
C ARG A 1267 47.88 9.12 11.46
N HIS A 1268 47.75 8.81 12.76
CA HIS A 1268 46.86 7.74 13.17
C HIS A 1268 45.43 8.00 12.71
N TYR A 1269 44.96 9.25 12.85
CA TYR A 1269 43.61 9.56 12.40
C TYR A 1269 43.44 9.34 10.91
N TYR A 1270 44.53 9.41 10.15
CA TYR A 1270 44.45 9.12 8.72
C TYR A 1270 43.93 7.72 8.46
N PHE A 1271 44.12 6.80 9.41
CA PHE A 1271 43.60 5.44 9.27
C PHE A 1271 43.01 4.91 10.56
N THR A 1272 42.74 5.77 11.55
CA THR A 1272 42.20 5.29 12.82
C THR A 1272 40.81 4.69 12.64
N ASN A 1273 39.97 5.32 11.82
CA ASN A 1273 38.61 4.87 11.64
C ASN A 1273 38.16 5.18 10.22
N SER A 1274 37.13 4.45 9.77
CA SER A 1274 36.59 4.65 8.44
C SER A 1274 35.84 5.99 8.34
N TRP A 1275 35.26 6.45 9.44
CA TRP A 1275 34.58 7.73 9.42
C TRP A 1275 35.56 8.86 9.12
N ASN A 1276 36.82 8.71 9.53
CA ASN A 1276 37.82 9.73 9.21
C ASN A 1276 38.02 9.84 7.70
N ILE A 1277 38.15 8.71 7.01
CA ILE A 1277 38.33 8.77 5.56
C ILE A 1277 37.05 9.24 4.88
N PHE A 1278 35.88 8.90 5.44
CA PHE A 1278 34.64 9.43 4.88
C PHE A 1278 34.62 10.96 4.98
N ASP A 1279 35.01 11.50 6.14
CA ASP A 1279 35.11 12.94 6.29
C ASP A 1279 36.09 13.52 5.28
N PHE A 1280 37.24 12.88 5.12
CA PHE A 1280 38.24 13.37 4.18
C PHE A 1280 37.66 13.45 2.78
N VAL A 1281 37.03 12.37 2.31
CA VAL A 1281 36.55 12.33 0.93
C VAL A 1281 35.40 13.31 0.73
N VAL A 1282 34.52 13.45 1.72
CA VAL A 1282 33.42 14.39 1.56
C VAL A 1282 33.95 15.82 1.51
N VAL A 1283 34.96 16.13 2.32
CA VAL A 1283 35.57 17.45 2.26
C VAL A 1283 36.19 17.69 0.90
N ILE A 1284 36.93 16.70 0.38
CA ILE A 1284 37.55 16.87 -0.93
C ILE A 1284 36.49 17.13 -1.99
N LEU A 1285 35.39 16.38 -1.96
CA LEU A 1285 34.30 16.65 -2.89
C LEU A 1285 33.73 18.05 -2.68
N SER A 1286 33.69 18.52 -1.44
CA SER A 1286 33.17 19.85 -1.17
C SER A 1286 34.04 20.92 -1.83
N ILE A 1287 35.35 20.84 -1.66
CA ILE A 1287 36.24 21.81 -2.32
C ILE A 1287 36.15 21.67 -3.83
N VAL A 1288 36.00 20.43 -4.33
CA VAL A 1288 35.87 20.24 -5.77
C VAL A 1288 34.63 20.97 -6.28
N GLY A 1289 33.52 20.83 -5.57
CA GLY A 1289 32.30 21.52 -5.99
C GLY A 1289 32.43 23.02 -5.92
N THR A 1290 33.07 23.52 -4.85
CA THR A 1290 33.24 24.97 -4.72
C THR A 1290 34.09 25.54 -5.85
N VAL A 1291 35.19 24.85 -6.19
CA VAL A 1291 36.04 25.34 -7.28
C VAL A 1291 35.31 25.22 -8.61
N LEU A 1292 34.53 24.15 -8.80
CA LEU A 1292 33.74 24.02 -10.01
C LEU A 1292 32.73 25.16 -10.13
N SER A 1293 32.20 25.63 -9.00
CA SER A 1293 31.23 26.72 -9.03
C SER A 1293 31.79 27.94 -9.75
N ASP A 1294 33.11 28.14 -9.71
CA ASP A 1294 33.71 29.26 -10.42
C ASP A 1294 33.59 29.12 -11.93
N ILE A 1295 33.35 27.91 -12.43
CA ILE A 1295 33.21 27.70 -13.87
C ILE A 1295 31.90 28.29 -14.36
N THR A 1304 21.96 20.32 -16.15
CA THR A 1304 21.66 19.50 -14.99
C THR A 1304 22.95 19.15 -14.23
N LEU A 1305 24.10 19.37 -14.87
CA LEU A 1305 25.36 19.18 -14.18
C LEU A 1305 25.44 20.03 -12.92
N PHE A 1306 24.91 21.26 -12.99
CA PHE A 1306 24.85 22.11 -11.81
C PHE A 1306 23.96 21.49 -10.74
N ARG A 1307 22.84 20.89 -11.14
CA ARG A 1307 21.98 20.23 -10.18
C ARG A 1307 22.71 19.09 -9.48
N VAL A 1308 23.47 18.31 -10.24
CA VAL A 1308 24.22 17.20 -9.64
C VAL A 1308 25.29 17.72 -8.69
N ILE A 1309 25.99 18.79 -9.09
CA ILE A 1309 27.02 19.36 -8.23
C ILE A 1309 26.41 19.82 -6.91
N ARG A 1310 25.28 20.51 -6.99
CA ARG A 1310 24.60 20.95 -5.78
C ARG A 1310 24.13 19.76 -4.94
N LEU A 1311 23.58 18.73 -5.60
CA LEU A 1311 23.10 17.56 -4.88
C LEU A 1311 24.23 16.85 -4.17
N ALA A 1312 25.46 16.95 -4.68
CA ALA A 1312 26.59 16.30 -4.03
C ALA A 1312 26.80 16.83 -2.61
N ARG A 1313 26.28 18.02 -2.29
CA ARG A 1313 26.46 18.59 -0.96
C ARG A 1313 25.77 17.79 0.12
N ILE A 1314 24.76 16.98 -0.23
CA ILE A 1314 24.03 16.22 0.77
C ILE A 1314 24.94 15.27 1.53
N GLY A 1315 26.13 15.00 1.01
CA GLY A 1315 27.03 14.08 1.70
C GLY A 1315 27.42 14.56 3.08
N ARG A 1316 27.40 15.88 3.31
CA ARG A 1316 27.77 16.40 4.61
C ARG A 1316 26.76 15.98 5.67
N ILE A 1317 25.47 15.88 5.32
CA ILE A 1317 24.46 15.48 6.28
C ILE A 1317 24.76 14.10 6.82
N LEU A 1318 25.27 13.20 5.97
CA LEU A 1318 25.54 11.84 6.40
C LEU A 1318 26.55 11.80 7.54
N ARG A 1319 27.32 12.86 7.74
CA ARG A 1319 28.24 12.91 8.87
C ARG A 1319 27.50 12.83 10.21
N LEU A 1320 26.20 13.13 10.23
CA LEU A 1320 25.43 12.98 11.46
C LEU A 1320 25.41 11.53 11.93
N ILE A 1321 25.56 10.58 11.01
CA ILE A 1321 25.47 9.16 11.38
C ILE A 1321 26.50 8.83 12.43
N ARG A 1322 27.65 9.51 12.43
CA ARG A 1322 28.72 9.18 13.35
C ARG A 1322 28.25 9.28 14.80
N GLY A 1323 27.64 10.42 15.15
CA GLY A 1323 27.20 10.60 16.53
C GLY A 1323 26.07 9.67 16.93
N ALA A 1324 25.08 9.52 16.06
CA ALA A 1324 23.88 8.77 16.42
C ALA A 1324 24.21 7.31 16.68
N LYS A 1325 23.52 6.73 17.66
CA LYS A 1325 23.68 5.32 18.01
C LYS A 1325 22.58 4.46 17.42
N GLY A 1326 21.32 4.81 17.63
CA GLY A 1326 20.24 4.06 17.02
C GLY A 1326 20.27 4.12 15.50
N ILE A 1327 20.55 5.31 14.96
CA ILE A 1327 20.64 5.45 13.51
C ILE A 1327 21.72 4.53 12.97
N ARG A 1328 22.88 4.51 13.63
CA ARG A 1328 23.98 3.68 13.17
C ARG A 1328 23.62 2.21 13.22
N THR A 1329 22.96 1.77 14.29
CA THR A 1329 22.59 0.36 14.40
C THR A 1329 21.59 -0.03 13.32
N LEU A 1330 20.58 0.81 13.07
CA LEU A 1330 19.59 0.48 12.05
C LEU A 1330 20.22 0.45 10.66
N LEU A 1331 21.08 1.42 10.35
CA LEU A 1331 21.74 1.40 9.05
C LEU A 1331 22.66 0.20 8.91
N PHE A 1332 23.32 -0.21 10.01
CA PHE A 1332 24.13 -1.42 9.97
C PHE A 1332 23.28 -2.63 9.69
N ALA A 1333 22.09 -2.69 10.29
CA ALA A 1333 21.17 -3.79 9.99
C ALA A 1333 20.82 -3.81 8.51
N LEU A 1334 20.55 -2.63 7.94
CA LEU A 1334 20.26 -2.58 6.50
C LEU A 1334 21.44 -3.08 5.67
N MET A 1335 22.65 -2.65 6.03
CA MET A 1335 23.83 -3.09 5.27
C MET A 1335 24.03 -4.59 5.38
N MET A 1336 23.77 -5.16 6.56
CA MET A 1336 23.86 -6.60 6.72
C MET A 1336 22.80 -7.32 5.88
N SER A 1337 21.61 -6.74 5.80
CA SER A 1337 20.53 -7.36 5.03
C SER A 1337 20.72 -7.19 3.53
N LEU A 1338 21.59 -6.28 3.10
CA LEU A 1338 21.72 -5.99 1.67
C LEU A 1338 21.91 -7.21 0.77
N PRO A 1339 22.74 -8.20 1.10
CA PRO A 1339 22.90 -9.33 0.16
C PRO A 1339 21.63 -10.14 -0.08
N ALA A 1340 20.88 -10.45 0.98
CA ALA A 1340 19.63 -11.18 0.81
C ALA A 1340 18.66 -10.37 -0.03
N LEU A 1341 18.58 -9.07 0.23
CA LEU A 1341 17.75 -8.19 -0.58
C LEU A 1341 18.23 -8.15 -2.02
N PHE A 1342 19.53 -8.30 -2.23
CA PHE A 1342 20.06 -8.33 -3.59
C PHE A 1342 19.57 -9.56 -4.34
N ASN A 1343 19.61 -10.72 -3.67
CA ASN A 1343 19.09 -11.93 -4.30
C ASN A 1343 17.60 -11.78 -4.59
N ILE A 1344 16.84 -11.29 -3.62
CA ILE A 1344 15.40 -11.13 -3.79
C ILE A 1344 15.10 -10.18 -4.94
N GLY A 1345 15.82 -9.06 -4.99
CA GLY A 1345 15.61 -8.10 -6.06
C GLY A 1345 16.02 -8.62 -7.41
N LEU A 1346 17.04 -9.46 -7.47
CA LEU A 1346 17.41 -10.09 -8.74
C LEU A 1346 16.28 -10.97 -9.24
N LEU A 1347 15.72 -11.80 -8.35
CA LEU A 1347 14.58 -12.63 -8.77
C LEU A 1347 13.40 -11.76 -9.18
N LEU A 1348 13.13 -10.69 -8.42
CA LEU A 1348 12.02 -9.80 -8.75
C LEU A 1348 12.22 -9.12 -10.09
N PHE A 1349 13.46 -8.71 -10.39
CA PHE A 1349 13.73 -8.08 -11.67
C PHE A 1349 13.58 -9.08 -12.82
N LEU A 1350 13.98 -10.33 -12.60
CA LEU A 1350 13.73 -11.34 -13.62
C LEU A 1350 12.24 -11.50 -13.88
N VAL A 1351 11.44 -11.54 -12.82
CA VAL A 1351 9.99 -11.66 -12.98
C VAL A 1351 9.44 -10.44 -13.70
N MET A 1352 9.92 -9.25 -13.34
CA MET A 1352 9.50 -8.03 -14.04
C MET A 1352 9.84 -8.10 -15.52
N PHE A 1353 11.03 -8.60 -15.85
CA PHE A 1353 11.43 -8.71 -17.24
C PHE A 1353 10.49 -9.64 -17.99
N ILE A 1354 10.18 -10.80 -17.42
CA ILE A 1354 9.31 -11.75 -18.09
C ILE A 1354 7.92 -11.15 -18.30
N TYR A 1355 7.38 -10.51 -17.26
CA TYR A 1355 6.04 -9.96 -17.39
C TYR A 1355 6.01 -8.76 -18.34
N SER A 1356 7.09 -7.98 -18.40
CA SER A 1356 7.13 -6.88 -19.35
C SER A 1356 7.18 -7.40 -20.78
N ILE A 1357 7.91 -8.49 -21.02
CA ILE A 1357 7.90 -9.08 -22.35
C ILE A 1357 6.50 -9.60 -22.70
N PHE A 1358 5.84 -10.25 -21.74
CA PHE A 1358 4.47 -10.69 -21.98
C PHE A 1358 3.56 -9.50 -22.32
N GLY A 1359 3.70 -8.41 -21.58
CA GLY A 1359 2.87 -7.24 -21.84
C GLY A 1359 3.14 -6.64 -23.22
N MET A 1360 4.42 -6.52 -23.58
CA MET A 1360 4.76 -6.06 -24.91
C MET A 1360 4.12 -6.95 -25.98
N ALA A 1361 4.15 -8.27 -25.76
CA ALA A 1361 3.55 -9.18 -26.73
C ALA A 1361 2.04 -8.97 -26.82
N ASN A 1362 1.37 -8.81 -25.68
CA ASN A 1362 -0.09 -8.79 -25.64
C ASN A 1362 -0.66 -7.37 -25.55
N PHE A 1363 -0.25 -6.61 -24.54
CA PHE A 1363 -0.93 -5.38 -24.16
C PHE A 1363 -0.48 -4.17 -24.95
N ALA A 1364 0.44 -4.32 -25.89
CA ALA A 1364 0.72 -3.23 -26.81
C ALA A 1364 -0.48 -3.02 -27.73
N TYR A 1365 -0.71 -1.76 -28.10
CA TYR A 1365 -1.79 -1.30 -28.97
C TYR A 1365 -3.12 -1.16 -28.24
N VAL A 1366 -3.22 -1.50 -26.95
CA VAL A 1366 -4.47 -1.30 -26.25
C VAL A 1366 -4.77 0.18 -26.14
N LYS A 1367 -6.05 0.52 -26.08
CA LYS A 1367 -6.45 1.91 -26.01
C LYS A 1367 -5.89 2.57 -24.76
N TRP A 1368 -5.54 3.84 -24.88
CA TRP A 1368 -4.92 4.59 -23.78
C TRP A 1368 -6.03 5.14 -22.88
N GLU A 1369 -6.18 4.55 -21.71
CA GLU A 1369 -7.13 5.00 -20.71
C GLU A 1369 -6.58 4.70 -19.33
N ALA A 1370 -7.07 5.43 -18.34
CA ALA A 1370 -6.76 5.15 -16.94
C ALA A 1370 -5.24 5.15 -16.81
N GLY A 1371 -4.62 4.07 -16.34
CA GLY A 1371 -3.18 4.07 -16.12
C GLY A 1371 -2.38 4.20 -17.41
N ILE A 1372 -2.87 3.61 -18.50
CA ILE A 1372 -2.12 3.61 -19.73
C ILE A 1372 -2.26 4.97 -20.41
N ASP A 1373 -1.14 5.69 -20.51
CA ASP A 1373 -1.09 6.98 -21.17
C ASP A 1373 0.09 6.97 -22.13
N ASP A 1374 0.33 8.11 -22.78
CA ASP A 1374 1.32 8.15 -23.85
C ASP A 1374 2.74 7.84 -23.36
N MET A 1375 2.96 7.87 -22.04
CA MET A 1375 4.29 7.63 -21.48
C MET A 1375 4.41 6.28 -20.79
N PHE A 1376 3.41 5.89 -20.01
CA PHE A 1376 3.42 4.62 -19.29
C PHE A 1376 2.58 3.59 -20.04
N ASN A 1377 3.03 3.28 -21.25
CA ASN A 1377 2.39 2.29 -22.09
C ASN A 1377 3.00 0.92 -21.85
N PHE A 1378 2.57 -0.05 -22.66
CA PHE A 1378 3.25 -1.33 -22.79
C PHE A 1378 3.89 -1.47 -24.17
N GLN A 1379 4.01 -0.37 -24.91
CA GLN A 1379 4.47 -0.46 -26.29
C GLN A 1379 5.96 -0.78 -26.37
N THR A 1380 6.77 -0.12 -25.55
CA THR A 1380 8.21 -0.29 -25.58
C THR A 1380 8.67 -0.91 -24.26
N PHE A 1381 9.87 -1.50 -24.28
CA PHE A 1381 10.39 -2.13 -23.08
C PHE A 1381 10.49 -1.12 -21.95
N ALA A 1382 10.90 0.12 -22.26
CA ALA A 1382 11.01 1.14 -21.24
C ALA A 1382 9.66 1.38 -20.55
N ASN A 1383 8.62 1.63 -21.34
CA ASN A 1383 7.31 1.94 -20.76
C ASN A 1383 6.75 0.76 -19.98
N SER A 1384 6.89 -0.44 -20.52
CA SER A 1384 6.40 -1.63 -19.81
C SER A 1384 7.14 -1.82 -18.50
N MET A 1385 8.45 -1.60 -18.50
CA MET A 1385 9.20 -1.71 -17.25
C MET A 1385 8.75 -0.66 -16.24
N LEU A 1386 8.45 0.55 -16.71
CA LEU A 1386 7.93 1.57 -15.80
C LEU A 1386 6.62 1.13 -15.18
N CYS A 1387 5.70 0.62 -15.99
CA CYS A 1387 4.42 0.18 -15.48
C CYS A 1387 4.57 -0.97 -14.48
N LEU A 1388 5.40 -1.96 -14.82
CA LEU A 1388 5.61 -3.08 -13.91
C LEU A 1388 6.27 -2.63 -12.61
N PHE A 1389 7.21 -1.70 -12.68
CA PHE A 1389 7.79 -1.20 -11.45
C PHE A 1389 6.73 -0.55 -10.57
N GLN A 1390 5.87 0.27 -11.18
CA GLN A 1390 4.88 0.95 -10.35
C GLN A 1390 3.90 -0.04 -9.73
N ILE A 1391 3.49 -1.07 -10.48
CA ILE A 1391 2.54 -2.05 -9.94
C ILE A 1391 3.22 -3.18 -9.18
N THR A 1392 4.54 -3.14 -9.02
CA THR A 1392 5.19 -4.10 -8.13
C THR A 1392 4.71 -3.92 -6.70
N THR A 1393 4.52 -2.68 -6.28
CA THR A 1393 3.90 -2.38 -4.99
C THR A 1393 2.39 -2.45 -5.04
N SER A 1394 1.83 -3.04 -6.10
CA SER A 1394 0.39 -3.14 -6.30
C SER A 1394 -0.26 -1.76 -6.41
N ALA A 1395 0.50 -0.75 -6.77
CA ALA A 1395 0.00 0.62 -6.83
C ALA A 1395 -0.59 0.87 -8.20
N GLY A 1396 -1.87 1.23 -8.23
CA GLY A 1396 -2.52 1.57 -9.48
C GLY A 1396 -2.54 0.44 -10.50
N TRP A 1397 -2.63 -0.81 -10.05
CA TRP A 1397 -2.75 -1.91 -11.00
C TRP A 1397 -4.15 -1.98 -11.59
N ASP A 1398 -5.16 -1.52 -10.84
CA ASP A 1398 -6.49 -1.41 -11.42
C ASP A 1398 -6.50 -0.42 -12.57
N GLY A 1399 -5.72 0.65 -12.47
CA GLY A 1399 -5.66 1.62 -13.55
C GLY A 1399 -5.15 1.01 -14.84
N LEU A 1400 -4.09 0.20 -14.76
CA LEU A 1400 -3.60 -0.48 -15.95
C LEU A 1400 -4.57 -1.54 -16.43
N LEU A 1401 -5.19 -2.27 -15.50
CA LEU A 1401 -6.07 -3.37 -15.89
C LEU A 1401 -7.33 -2.87 -16.57
N SER A 1402 -7.80 -1.67 -16.22
CA SER A 1402 -9.06 -1.19 -16.77
C SER A 1402 -9.06 -1.15 -18.29
N PRO A 1403 -8.07 -0.53 -18.96
CA PRO A 1403 -8.10 -0.52 -20.43
C PRO A 1403 -8.06 -1.90 -21.05
N ILE A 1404 -7.50 -2.89 -20.36
CA ILE A 1404 -7.46 -4.24 -20.90
C ILE A 1404 -8.86 -4.84 -20.93
N LEU A 1405 -9.63 -4.62 -19.87
CA LEU A 1405 -10.91 -5.33 -19.73
C LEU A 1405 -11.89 -4.96 -20.84
N ASN A 1406 -11.95 -3.68 -21.21
CA ASN A 1406 -12.99 -3.22 -22.10
C ASN A 1406 -12.86 -3.90 -23.46
N THR A 1407 -13.99 -4.39 -23.99
CA THR A 1407 -14.03 -5.04 -25.29
C THR A 1407 -15.25 -4.56 -26.04
N GLY A 1408 -15.05 -4.14 -27.29
CA GLY A 1408 -16.13 -3.63 -28.11
C GLY A 1408 -16.51 -2.22 -27.72
N PRO A 1409 -17.41 -1.61 -28.47
CA PRO A 1409 -17.84 -0.25 -28.15
C PRO A 1409 -18.61 -0.22 -26.84
N PRO A 1410 -18.79 0.96 -26.23
CA PRO A 1410 -18.32 2.25 -26.72
C PRO A 1410 -16.90 2.58 -26.28
N TYR A 1411 -16.21 1.63 -25.67
CA TYR A 1411 -14.88 1.90 -25.13
C TYR A 1411 -13.81 1.82 -26.22
N CYS A 1412 -13.63 0.65 -26.81
CA CYS A 1412 -12.56 0.41 -27.76
C CYS A 1412 -13.14 0.05 -29.11
N ASP A 1413 -12.34 0.25 -30.16
CA ASP A 1413 -12.77 0.00 -31.53
C ASP A 1413 -12.03 -1.19 -32.10
N PRO A 1414 -12.61 -2.39 -32.13
CA PRO A 1414 -11.96 -3.48 -32.85
C PRO A 1414 -11.99 -3.22 -34.34
N ASN A 1415 -11.21 -3.97 -35.13
CA ASN A 1415 -11.08 -3.73 -36.55
C ASN A 1415 -10.40 -2.39 -36.80
N LEU A 1416 -9.24 -2.20 -36.17
CA LEU A 1416 -8.46 -0.97 -36.27
C LEU A 1416 -7.12 -1.25 -36.95
N PRO A 1417 -6.66 -0.40 -37.87
CA PRO A 1417 -5.40 -0.70 -38.57
C PRO A 1417 -4.20 -0.53 -37.66
N ASN A 1418 -3.97 -1.52 -36.79
CA ASN A 1418 -2.79 -1.49 -35.93
C ASN A 1418 -1.53 -1.81 -36.73
N SER A 1419 -0.38 -1.47 -36.15
CA SER A 1419 0.89 -1.63 -36.82
C SER A 1419 1.20 -3.09 -37.14
N ASN A 1420 1.35 -3.92 -36.11
CA ASN A 1420 1.66 -5.32 -36.29
C ASN A 1420 0.39 -6.19 -36.27
N GLY A 1421 -0.33 -6.17 -35.15
CA GLY A 1421 -1.58 -6.89 -35.04
C GLY A 1421 -2.77 -6.00 -35.29
N SER A 1422 -3.33 -6.08 -36.51
CA SER A 1422 -4.38 -5.17 -36.94
C SER A 1422 -5.76 -5.57 -36.42
N ARG A 1423 -5.83 -6.43 -35.41
CA ARG A 1423 -7.11 -6.86 -34.86
C ARG A 1423 -7.60 -5.93 -33.75
N GLY A 1424 -7.66 -4.63 -34.06
CA GLY A 1424 -8.25 -3.67 -33.15
C GLY A 1424 -7.30 -3.20 -32.07
N ASN A 1425 -7.82 -2.30 -31.23
CA ASN A 1425 -7.09 -1.73 -30.11
C ASN A 1425 -7.69 -2.14 -28.77
N CYS A 1426 -8.41 -3.25 -28.73
CA CYS A 1426 -9.07 -3.70 -27.51
C CYS A 1426 -8.15 -4.63 -26.72
N GLY A 1427 -8.41 -4.71 -25.43
CA GLY A 1427 -7.70 -5.64 -24.58
C GLY A 1427 -8.41 -6.98 -24.50
N SER A 1428 -7.69 -7.96 -23.95
CA SER A 1428 -8.22 -9.31 -23.77
C SER A 1428 -8.50 -9.54 -22.30
N PRO A 1429 -9.77 -9.56 -21.86
CA PRO A 1429 -10.03 -9.62 -20.42
C PRO A 1429 -9.41 -10.82 -19.74
N ALA A 1430 -9.48 -12.01 -20.35
CA ALA A 1430 -9.01 -13.21 -19.65
C ALA A 1430 -7.51 -13.15 -19.40
N VAL A 1431 -6.72 -12.92 -20.45
CA VAL A 1431 -5.28 -12.91 -20.30
C VAL A 1431 -4.85 -11.71 -19.49
N GLY A 1432 -5.52 -10.57 -19.65
CA GLY A 1432 -5.19 -9.41 -18.83
C GLY A 1432 -5.39 -9.66 -17.35
N ILE A 1433 -6.54 -10.26 -17.00
CA ILE A 1433 -6.81 -10.55 -15.59
C ILE A 1433 -5.80 -11.56 -15.06
N LEU A 1434 -5.53 -12.61 -15.83
CA LEU A 1434 -4.53 -13.59 -15.39
C LEU A 1434 -3.18 -12.93 -15.17
N PHE A 1435 -2.73 -12.14 -16.16
CA PHE A 1435 -1.46 -11.45 -16.07
C PHE A 1435 -1.37 -10.61 -14.80
N PHE A 1436 -2.35 -9.74 -14.59
CA PHE A 1436 -2.25 -8.78 -13.50
C PHE A 1436 -2.41 -9.46 -12.15
N THR A 1437 -3.36 -10.39 -12.02
CA THR A 1437 -3.53 -11.07 -10.73
C THR A 1437 -2.31 -11.91 -10.39
N THR A 1438 -1.76 -12.65 -11.36
CA THR A 1438 -0.58 -13.45 -11.09
C THR A 1438 0.61 -12.58 -10.72
N TYR A 1439 0.82 -11.47 -11.43
CA TYR A 1439 1.93 -10.60 -11.07
C TYR A 1439 1.72 -9.98 -9.71
N ILE A 1440 0.48 -9.59 -9.39
CA ILE A 1440 0.22 -8.99 -8.09
C ILE A 1440 0.54 -9.98 -6.99
N ILE A 1441 0.13 -11.24 -7.16
CA ILE A 1441 0.37 -12.22 -6.11
C ILE A 1441 1.85 -12.56 -6.00
N ILE A 1442 2.56 -12.68 -7.13
CA ILE A 1442 3.99 -12.98 -7.07
C ILE A 1442 4.74 -11.84 -6.41
N SER A 1443 4.43 -10.60 -6.81
CA SER A 1443 5.09 -9.45 -6.21
C SER A 1443 4.77 -9.35 -4.73
N PHE A 1444 3.50 -9.58 -4.35
CA PHE A 1444 3.17 -9.62 -2.93
C PHE A 1444 4.06 -10.61 -2.21
N LEU A 1445 3.99 -11.88 -2.61
CA LEU A 1445 4.81 -12.90 -1.99
C LEU A 1445 6.23 -12.39 -1.80
N ILE A 1446 6.91 -12.08 -2.90
CA ILE A 1446 8.33 -11.75 -2.80
C ILE A 1446 8.51 -10.51 -1.92
N VAL A 1447 8.06 -9.37 -2.41
CA VAL A 1447 8.49 -8.10 -1.82
C VAL A 1447 7.98 -7.96 -0.40
N VAL A 1448 6.77 -8.44 -0.11
CA VAL A 1448 6.25 -8.32 1.25
C VAL A 1448 6.81 -9.42 2.13
N ASN A 1449 6.47 -10.69 1.84
CA ASN A 1449 6.80 -11.75 2.78
C ASN A 1449 8.30 -11.94 2.90
N MET A 1450 9.00 -12.12 1.78
CA MET A 1450 10.44 -12.42 1.88
C MET A 1450 11.20 -11.22 2.42
N TYR A 1451 10.84 -10.02 1.96
CA TYR A 1451 11.58 -8.83 2.38
C TYR A 1451 11.36 -8.56 3.86
N ILE A 1452 10.13 -8.75 4.34
CA ILE A 1452 9.86 -8.64 5.77
C ILE A 1452 10.64 -9.68 6.54
N ALA A 1453 10.67 -10.92 6.05
CA ALA A 1453 11.39 -11.96 6.76
C ALA A 1453 12.86 -11.58 6.91
N ILE A 1454 13.48 -11.10 5.82
CA ILE A 1454 14.88 -10.71 5.89
C ILE A 1454 15.05 -9.55 6.85
N ILE A 1455 14.19 -8.54 6.76
CA ILE A 1455 14.36 -7.35 7.59
C ILE A 1455 14.25 -7.72 9.06
N LEU A 1456 13.21 -8.45 9.44
CA LEU A 1456 13.04 -8.83 10.84
C LEU A 1456 14.18 -9.71 11.33
N GLU A 1457 14.60 -10.69 10.52
CA GLU A 1457 15.67 -11.58 10.97
C GLU A 1457 16.95 -10.81 11.20
N ASN A 1458 17.36 -10.00 10.21
CA ASN A 1458 18.63 -9.28 10.34
C ASN A 1458 18.56 -8.16 11.36
N PHE A 1459 17.36 -7.65 11.65
CA PHE A 1459 17.23 -6.67 12.73
C PHE A 1459 17.35 -7.34 14.09
N SER A 1460 16.73 -8.50 14.26
CA SER A 1460 16.83 -9.22 15.53
C SER A 1460 18.26 -9.64 15.81
N VAL A 1461 18.95 -10.18 14.79
CA VAL A 1461 20.32 -10.61 15.01
C VAL A 1461 21.25 -9.42 15.23
N ALA A 1462 21.03 -8.34 14.50
CA ALA A 1462 21.86 -7.14 14.62
C ALA A 1462 21.77 -6.57 16.04
C1 NAG B . -27.87 2.89 -28.79
C2 NAG B . -27.58 1.53 -28.16
C3 NAG B . -26.21 1.04 -28.60
C4 NAG B . -26.13 1.02 -30.12
C5 NAG B . -26.52 2.38 -30.69
C6 NAG B . -26.62 2.37 -32.20
C7 NAG B . -28.31 0.70 -25.97
C8 NAG B . -28.29 0.93 -24.49
N2 NAG B . -27.65 1.60 -26.71
O3 NAG B . -25.98 -0.27 -28.08
O4 NAG B . -24.81 0.71 -30.53
O5 NAG B . -27.81 2.77 -30.21
O6 NAG B . -26.99 3.64 -32.71
O7 NAG B . -28.89 -0.26 -26.47
H2 NAG B . -28.25 0.90 -28.48
H3 NAG B . -25.53 1.64 -28.25
H4 NAG B . -26.74 0.33 -30.46
H5 NAG B . -25.86 3.04 -30.43
H61 NAG B . -27.27 1.70 -32.48
H62 NAG B . -25.74 2.12 -32.57
H81 NAG B . -27.90 0.15 -24.04
H82 NAG B . -29.20 1.05 -24.17
H83 NAG B . -27.76 1.71 -24.29
HN2 NAG B . -27.24 2.29 -26.28
HO3 NAG B . -25.85 -0.22 -27.21
HO6 NAG B . -26.26 4.09 -32.94
C1 NAG B . -24.44 -0.68 -30.62
C2 NAG B . -22.93 -0.87 -30.83
C3 NAG B . -22.60 -2.35 -30.93
C4 NAG B . -23.11 -3.07 -29.69
C5 NAG B . -24.60 -2.80 -29.47
C6 NAG B . -25.12 -3.38 -28.18
C7 NAG B . -22.42 1.17 -32.11
C8 NAG B . -21.94 1.74 -33.40
N2 NAG B . -22.48 -0.16 -32.03
O3 NAG B . -21.19 -2.51 -31.04
O4 NAG B . -22.93 -4.47 -29.83
O5 NAG B . -24.84 -1.38 -29.40
O6 NAG B . -26.47 -3.82 -28.32
O7 NAG B . -22.74 1.89 -31.17
H2 NAG B . -22.45 -0.54 -30.05
H3 NAG B . -23.04 -2.73 -31.72
H4 NAG B . -22.61 -2.75 -28.91
H5 NAG B . -25.10 -3.17 -30.22
H61 NAG B . -25.08 -2.70 -27.48
H62 NAG B . -24.57 -4.14 -27.92
H81 NAG B . -22.32 2.62 -33.54
H82 NAG B . -22.20 1.14 -34.14
H83 NAG B . -20.97 1.81 -33.38
HN2 NAG B . -22.23 -0.65 -32.75
HO3 NAG B . -20.80 -2.22 -30.30
HO6 NAG B . -27.01 -3.20 -28.01
C1 NAG C . -38.26 0.51 -15.74
C2 NAG C . -39.26 -0.61 -15.46
C3 NAG C . -40.66 -0.21 -15.94
C4 NAG C . -41.05 1.14 -15.38
C5 NAG C . -39.98 2.18 -15.66
C6 NAG C . -40.25 3.51 -15.00
C7 NAG C . -38.33 -2.91 -15.47
C8 NAG C . -38.18 -2.79 -13.98
N2 NAG C . -38.84 -1.84 -16.10
O3 NAG C . -41.59 -1.20 -15.53
O4 NAG C . -42.27 1.58 -15.99
O5 NAG C . -38.72 1.72 -15.13
O6 NAG C . -41.15 4.30 -15.78
O7 NAG C . -37.99 -3.92 -16.08
H2 NAG C . -39.33 -0.72 -14.49
H3 NAG C . -40.65 -0.16 -16.91
H4 NAG C . -41.17 1.07 -14.42
H5 NAG C . -39.89 2.30 -16.62
H61 NAG C . -39.41 3.99 -14.89
H62 NAG C . -40.65 3.36 -14.12
H81 NAG C . -37.75 -3.60 -13.64
H82 NAG C . -39.06 -2.70 -13.57
H83 NAG C . -37.63 -2.01 -13.76
HN2 NAG C . -38.93 -1.90 -17.01
HO3 NAG C . -41.38 -1.50 -14.72
HO6 NAG C . -40.71 4.63 -16.48
C1 NAG C . -43.10 1.59 -14.79
C2 NAG C . -44.43 2.32 -15.02
C3 NAG C . -45.25 2.33 -13.74
C4 NAG C . -45.44 0.89 -13.25
C5 NAG C . -44.09 0.18 -13.12
C6 NAG C . -44.24 -1.28 -12.75
C7 NAG C . -44.23 4.04 -16.77
C8 NAG C . -43.97 5.48 -17.06
N2 NAG C . -44.19 3.69 -15.48
O3 NAG C . -46.51 2.94 -13.98
O4 NAG C . -46.10 0.90 -11.99
O5 NAG C . -43.38 0.22 -14.36
O6 NAG C . -45.14 -1.45 -11.67
O7 NAG C . -44.46 3.23 -17.66
H2 NAG C . -44.97 1.84 -15.66
H3 NAG C . -44.77 2.83 -13.05
H4 NAG C . -45.99 0.42 -13.90
H5 NAG C . -43.56 0.63 -12.43
H61 NAG C . -43.36 -1.63 -12.49
H62 NAG C . -44.56 -1.78 -13.52
H81 NAG C . -44.77 6.01 -16.87
H82 NAG C . -43.74 5.59 -18.01
H83 NAG C . -43.23 5.80 -16.51
HN2 NAG C . -44.02 4.33 -14.87
HO3 NAG C . -46.39 3.78 -14.22
HO4 NAG C . -46.09 1.73 -11.66
HO6 NAG C . -44.70 -1.77 -10.96
C1 NAG D . 4.16 26.42 -31.03
C2 NAG D . 4.55 27.19 -32.29
C3 NAG D . 5.91 26.72 -32.81
C4 NAG D . 6.95 26.80 -31.69
C5 NAG D . 6.45 26.07 -30.44
C6 NAG D . 7.39 26.23 -29.27
C7 NAG D . 2.95 25.96 -33.79
C8 NAG D . 3.36 24.67 -33.14
N2 NAG D . 3.53 27.09 -33.34
O3 NAG D . 6.31 27.56 -33.89
O4 NAG D . 8.16 26.19 -32.12
O5 NAG D . 5.17 26.60 -30.04
O6 NAG D . 8.74 26.23 -29.69
O7 NAG D . 2.11 25.99 -34.68
H2 NAG D . 4.63 28.12 -32.06
H3 NAG D . 5.87 25.81 -33.14
H4 NAG D . 7.11 27.73 -31.48
H5 NAG D . 6.35 25.13 -30.65
H61 NAG D . 7.24 25.48 -28.65
H62 NAG D . 7.19 27.06 -28.81
H81 NAG D . 3.05 23.94 -33.71
H82 NAG D . 2.94 24.58 -32.28
H83 NAG D . 4.33 24.60 -33.06
HN2 NAG D . 3.27 27.87 -33.73
HO3 NAG D . 6.50 27.06 -34.60
HO4 NAG D . 8.39 26.51 -32.91
HO6 NAG D . 8.94 27.02 -30.04
C1 NAG E . 13.41 25.46 -21.56
C2 NAG E . 12.57 26.66 -21.15
C3 NAG E . 11.38 26.83 -22.09
C4 NAG E . 11.89 26.92 -23.52
C5 NAG E . 12.61 25.62 -23.88
C6 NAG E . 13.98 25.87 -24.49
C7 NAG E . 11.54 25.56 -19.14
C8 NAG E . 11.30 24.32 -19.95
N2 NAG E . 12.14 26.60 -19.75
O3 NAG E . 10.67 28.02 -21.76
O4 NAG E . 10.80 27.10 -24.41
O5 NAG E . 12.82 24.81 -22.71
O6 NAG E . 13.88 26.70 -25.64
O7 NAG E . 11.22 25.61 -17.95
H2 NAG E . 13.13 27.45 -21.25
H3 NAG E . 10.77 26.07 -22.02
H4 NAG E . 12.51 27.66 -23.60
H5 NAG E . 12.07 25.12 -24.51
H61 NAG E . 14.37 25.01 -24.76
H62 NAG E . 14.56 26.29 -23.84
H81 NAG E . 10.70 23.74 -19.46
H82 NAG E . 12.14 23.85 -20.11
H83 NAG E . 10.88 24.54 -20.81
HN2 NAG E . 12.28 27.35 -19.24
HO3 NAG E . 10.57 28.07 -20.88
HO6 NAG E . 14.66 26.71 -26.07
C1 NAG F . 12.68 29.90 -22.25
C2 NAG F . 12.49 30.72 -23.52
C3 NAG F . 12.85 32.17 -23.25
C4 NAG F . 12.08 32.71 -22.06
C5 NAG F . 12.26 31.79 -20.85
C6 NAG F . 11.40 32.18 -19.68
C7 NAG F . 13.03 30.46 -25.89
C8 NAG F . 13.95 29.83 -26.89
N2 NAG F . 13.27 30.19 -24.61
O3 NAG F . 12.55 32.94 -24.41
O4 NAG F . 12.53 34.01 -21.73
O5 NAG F . 11.90 30.44 -21.20
O6 NAG F . 10.02 32.24 -20.04
O7 NAG F . 12.12 31.22 -26.23
H2 NAG F . 11.54 30.69 -23.77
H3 NAG F . 13.80 32.24 -23.06
H4 NAG F . 11.12 32.76 -22.29
H5 NAG F . 13.19 31.81 -20.58
H61 NAG F . 11.68 33.06 -19.36
H62 NAG F . 11.51 31.53 -18.96
H81 NAG F . 14.87 30.05 -26.68
H82 NAG F . 13.72 30.15 -27.79
H83 NAG F . 13.84 28.86 -26.85
HN2 NAG F . 13.97 29.61 -24.41
HO3 NAG F . 11.79 32.67 -24.77
HO6 NAG F . 9.85 33.04 -20.40
C1 BMA G . -20.70 -5.19 -31.35
C2 BMA G . -19.22 -5.42 -31.14
C3 BMA G . -18.71 -6.33 -32.23
C4 BMA G . -19.11 -5.83 -33.64
C5 BMA G . -20.60 -5.43 -33.73
C6 BMA G . -21.57 -6.62 -33.81
O2 BMA G . -18.99 -6.09 -29.91
O3 BMA G . -19.17 -7.68 -32.04
O4 BMA G . -18.31 -4.71 -33.98
O5 BMA G . -20.97 -4.62 -32.60
O6 BMA G . -21.29 -7.52 -32.76
H2 BMA G . -18.69 -4.46 -31.17
H3 BMA G . -17.61 -6.37 -32.19
H4 BMA G . -18.95 -6.66 -34.35
H5 BMA G . -20.75 -4.84 -34.64
H61 BMA G . -21.44 -7.10 -34.80
H62 BMA G . -22.59 -6.23 -33.77
HO2 BMA G . -19.71 -5.82 -29.32
HO3 BMA G . -18.93 -8.15 -32.85
HO4 BMA G . -18.73 -3.95 -33.55
HO6 BMA G . -22.09 -7.59 -32.21
C1 NAG H . -27.50 12.71 -26.49
C2 NAG H . -28.78 13.08 -25.75
C3 NAG H . -29.12 14.55 -25.99
C4 NAG H . -27.93 15.43 -25.65
C5 NAG H . -26.68 14.96 -26.38
C6 NAG H . -25.43 15.70 -25.98
C7 NAG H . -30.78 11.75 -25.29
C8 NAG H . -31.87 10.89 -25.88
N2 NAG H . -29.89 12.23 -26.15
O3 NAG H . -30.24 14.91 -25.20
O4 NAG H . -28.20 16.78 -26.02
O5 NAG H . -26.44 13.57 -26.08
O6 NAG H . -25.70 17.09 -25.80
O7 NAG H . -30.73 11.98 -24.09
H2 NAG H . -28.62 12.97 -24.80
H3 NAG H . -29.34 14.67 -26.93
H4 NAG H . -27.77 15.39 -24.69
H5 NAG H . -26.81 15.05 -27.34
H61 NAG H . -24.76 15.60 -26.67
H62 NAG H . -25.09 15.34 -25.14
H81 NAG H . -32.51 11.46 -26.36
H82 NAG H . -32.33 10.40 -25.17
H83 NAG H . -31.47 10.25 -26.51
HO3 NAG H . -30.98 14.60 -25.58
HO4 NAG H . -28.76 16.79 -26.71
HO6 NAG H . -25.78 17.48 -26.59
C1 BMA I . -19.34 -1.82 -36.04
C2 BMA I . -19.41 -0.29 -36.07
C3 BMA I . -18.01 0.28 -36.19
C4 BMA I . -17.09 -0.33 -35.12
C5 BMA I . -17.10 -1.84 -35.27
C6 BMA I . -16.21 -2.52 -34.25
O2 BMA I . -19.94 0.20 -34.85
O3 BMA I . -18.01 1.69 -36.08
O4 BMA I . -15.77 0.16 -35.29
O5 BMA I . -18.45 -2.30 -35.07
O6 BMA I . -16.73 -2.24 -32.95
H2 BMA I . -20.03 0.03 -36.93
H3 BMA I . -17.59 0.04 -37.17
H4 BMA I . -17.50 -0.07 -34.14
H5 BMA I . -16.75 -2.12 -36.27
H61 BMA I . -15.19 -2.14 -34.36
H62 BMA I . -16.21 -3.60 -34.47
HO2 BMA I . -20.60 -0.45 -34.57
HO3 BMA I . -17.71 2.03 -36.94
HO4 BMA I . -15.52 -0.08 -36.20
HO6 BMA I . -16.59 -3.03 -32.41
C1 BMA J . -18.03 2.51 -33.34
C2 BMA J . -18.18 3.99 -33.74
C3 BMA J . -18.35 4.84 -32.48
C4 BMA J . -17.79 4.13 -31.25
C5 BMA J . -16.53 3.37 -31.67
C6 BMA J . -15.75 2.85 -30.50
O2 BMA J . -19.32 4.18 -34.53
O3 BMA J . -19.72 5.19 -32.27
O4 BMA J . -17.46 5.06 -30.25
O5 BMA J . -16.92 2.26 -32.48
O6 BMA J . -15.71 3.86 -29.51
H2 BMA J . -17.27 4.31 -34.28
H3 BMA J . -17.81 5.79 -32.60
H4 BMA J . -18.53 3.39 -30.90
H5 BMA J . -15.87 4.04 -32.25
H61 BMA J . -14.74 2.59 -30.84
H62 BMA J . -16.24 1.94 -30.15
HO2 BMA J . -19.02 4.58 -35.36
HO3 BMA J . -20.15 4.38 -31.98
HO4 BMA J . -16.62 5.45 -30.52
HO6 BMA J . -15.66 3.43 -28.65
C1 NAG K . -29.68 14.46 -10.95
C2 NAG K . -30.99 14.41 -10.16
C3 NAG K . -30.83 15.08 -8.79
C4 NAG K . -29.63 14.49 -8.06
C5 NAG K . -28.39 14.57 -8.93
C6 NAG K . -27.17 13.93 -8.30
C7 NAG K . -32.12 16.19 -11.52
C8 NAG K . -30.85 17.00 -11.47
N2 NAG K . -32.11 15.00 -10.89
O3 NAG K . -32.01 14.88 -8.03
O4 NAG K . -29.41 15.21 -6.85
O5 NAG K . -28.62 13.87 -10.16
O6 NAG K . -26.73 12.80 -9.04
O7 NAG K . -33.12 16.60 -12.10
H2 NAG K . -31.20 13.48 -10.00
H3 NAG K . -30.69 16.04 -8.88
H4 NAG K . -29.81 13.56 -7.84
H5 NAG K . -28.19 15.51 -9.12
H61 NAG K . -27.41 13.64 -7.39
H62 NAG K . -26.46 14.58 -8.26
H81 NAG K . -31.07 17.92 -11.72
H82 NAG K . -30.22 16.65 -12.13
H83 NAG K . -30.45 17.00 -10.59
HN2 NAG K . -32.88 14.51 -10.93
HO3 NAG K . -32.13 15.56 -7.48
HO4 NAG K . -28.69 15.72 -6.94
HO6 NAG K . -27.25 12.71 -9.76
C1 NAG L . -4.11 12.25 -26.56
C2 NAG L . -2.78 11.51 -26.61
C3 NAG L . -2.09 11.78 -27.94
C4 NAG L . -3.02 11.42 -29.09
C5 NAG L . -4.36 12.15 -28.94
C6 NAG L . -5.37 11.75 -29.97
C7 NAG L . -2.09 11.49 -24.24
C8 NAG L . -3.24 10.56 -24.00
N2 NAG L . -1.92 11.91 -25.50
O3 NAG L . -0.90 11.00 -28.02
O4 NAG L . -2.43 11.79 -30.33
O5 NAG L . -4.92 11.84 -27.65
O6 NAG L . -6.69 11.74 -29.42
O7 NAG L . -1.35 11.85 -23.34
H2 NAG L . -2.96 10.55 -26.56
H3 NAG L . -1.86 12.72 -28.00
H4 NAG L . -3.18 10.46 -29.09
H5 NAG L . -4.20 13.12 -28.99
H61 NAG L . -5.16 10.87 -30.30
H62 NAG L . -5.34 12.39 -30.71
H81 NAG L . -3.26 10.32 -23.05
H82 NAG L . -3.13 9.74 -24.53
H83 NAG L . -4.08 10.99 -24.23
HN2 NAG L . -1.23 12.48 -25.68
HO3 NAG L . -0.25 11.48 -28.39
HO4 NAG L . -1.55 11.67 -30.29
HO6 NAG L . -6.67 12.08 -28.60
C1 NAG M . 12.75 35.80 -19.44
C2 NAG M . 12.15 37.04 -18.79
C3 NAG M . 11.28 37.79 -19.79
C4 NAG M . 12.06 38.10 -21.06
C5 NAG M . 12.69 36.82 -21.61
C6 NAG M . 13.59 37.07 -22.79
C7 NAG M . 11.69 37.11 -16.38
C8 NAG M . 12.90 37.99 -16.27
N2 NAG M . 11.37 36.69 -17.60
O3 NAG M . 10.81 39.00 -19.20
O4 NAG M . 11.21 38.66 -22.04
O5 NAG M . 13.48 36.19 -20.60
O6 NAG M . 12.86 37.08 -24.01
O7 NAG M . 11.03 36.80 -15.39
C10 XHO N . -0.65 -4.55 0.44
C15 XHO N . -3.05 -1.65 3.47
C17 XHO N . -1.37 -0.57 1.99
C20 XHO N . -0.83 0.25 5.41
C21 XHO N . 0.38 1.20 5.03
C24 XHO N . 3.16 0.81 3.14
C26 XHO N . 4.25 -1.32 2.99
C28 XHO N . 1.87 -1.19 3.53
C01 XHO N . -0.24 -6.59 -2.92
C02 XHO N . 1.00 -5.88 -2.44
C03 XHO N . 0.95 -4.84 -1.47
C04 XHO N . 2.14 -4.20 -1.05
C05 XHO N . 3.36 -4.62 -1.59
C06 XHO N . 3.40 -5.65 -2.53
C07 XHO N . 2.23 -6.27 -2.94
C08 XHO N . 2.16 -3.08 -0.04
C12 XHO N . -2.06 -4.05 0.81
C14 XHO N . -2.99 -2.98 2.73
C18 XHO N . -1.81 -1.68 1.05
C19 XHO N . -1.83 0.28 4.24
C23 XHO N . 1.93 0.23 3.45
C25 XHO N . 4.31 0.06 2.91
C27 XHO N . 3.05 -1.93 3.29
C30 XHO N . 0.61 -3.23 3.81
N09 XHO N . -0.34 -4.43 -0.94
N13 XHO N . -1.83 -2.96 1.81
N16 XHO N . -1.71 -0.97 3.41
O11 XHO N . 0.11 -5.01 1.22
O22 XHO N . 0.80 0.99 3.68
O29 XHO N . 0.68 -1.81 3.82
O31 XHO N . -0.37 -1.06 5.49
H151 XHO N . -3.25 -1.76 4.41
H152 XHO N . -3.77 -1.09 3.13
H171 XHO N . -0.42 -0.37 1.88
H172 XHO N . -1.81 0.26 1.82
H201 XHO N . -1.29 0.54 6.21
H211 XHO N . 1.07 1.05 5.68
H212 XHO N . 0.09 2.12 5.14
H241 XHO N . 3.26 1.74 3.08
H261 XHO N . 5.02 -1.82 2.83
H013 XHO N . -0.31 -6.70 -3.87
H012 XHO N . -1.08 -6.17 -2.68
H011 XHO N . -0.35 -7.50 -2.59
H051 XHO N . 4.16 -4.24 -1.34
H061 XHO N . 4.21 -5.93 -2.89
H071 XHO N . 2.31 -6.94 -3.57
H081 XHO N . 3.04 -2.77 0.19
H082 XHO N . 1.75 -3.29 0.82
H083 XHO N . 1.69 -2.27 -0.29
H122 XHO N . -2.65 -4.72 1.20
H121 XHO N . -2.58 -3.71 0.06
H141 XHO N . -2.85 -3.74 3.32
H142 XHO N . -3.82 -3.16 2.28
H182 XHO N . -2.70 -1.54 0.69
H181 XHO N . -1.22 -1.71 0.26
H192 XHO N . -1.71 1.07 3.69
H191 XHO N . -2.73 0.41 4.58
H251 XHO N . 5.12 0.47 2.71
H271 XHO N . 3.03 -2.86 3.33
H303 XHO N . -0.32 -3.51 3.87
H302 XHO N . 1.03 -3.63 4.59
H301 XHO N . 0.95 -3.68 3.02
H091 XHO N . -0.91 -4.09 -1.48
H311 XHO N . -0.85 -1.49 6.04
C07 6OU O . 0.53 16.35 19.32
C08 6OU O . 0.57 17.51 18.30
C09 6OU O . 1.77 18.43 18.63
C10 6OU O . 1.57 19.77 17.92
C11 6OU O . 2.93 20.51 17.83
C12 6OU O . 2.67 21.96 17.51
C13 6OU O . 1.50 22.04 16.51
C14 6OU O . 1.09 23.50 16.30
C15 6OU O . 0.34 23.62 14.95
C16 6OU O . -0.10 25.11 14.72
O17 6OU O . 0.70 25.99 14.84
O18 6OU O . -1.46 25.40 14.37
C19 6OU O . -2.24 25.87 15.47
C20 6OU O . -3.36 24.83 15.80
C21 6OU O . -4.62 25.17 15.04
O22 6OU O . -5.23 26.31 15.60
P23 6OU O . -5.62 27.58 14.58
O24 6OU O . -4.44 27.86 13.66
O25 6OU O . -5.92 28.81 15.41
O26 6OU O . -6.96 27.17 13.67
C27 6OU O . -7.65 28.22 12.96
C28 6OU O . -8.95 27.64 12.29
N29 6OU O . -8.73 27.49 10.83
O30 6OU O . -3.62 24.85 17.18
C31 6OU O . -3.37 23.58 17.83
O32 6OU O . -3.98 22.62 17.48
C33 6OU O . -2.31 23.47 18.98
C34 6OU O . -2.91 22.65 20.17
C35 6OU O . -3.03 21.14 19.77
C36 6OU O . -2.66 20.24 20.99
C37 6OU O . -2.09 18.87 20.49
C38 6OU O . -3.27 17.89 20.14
C39 6OU O . -2.71 16.43 20.03
C40 6OU O . -2.92 15.67 21.38
C41 6OU O . -2.49 14.37 21.33
C42 6OU O . -1.85 13.14 20.59
C01 6OU P . 9.45 -19.08 -8.58
C02 6OU P . 9.93 -18.72 -9.99
C03 6OU P . 9.72 -17.21 -10.25
C04 6OU P . 8.25 -16.80 -10.07
C05 6OU P . 7.30 -17.69 -10.89
C06 6OU P . 7.71 -17.72 -12.39
C07 6OU P . 7.67 -16.28 -12.97
C08 6OU P . 7.21 -16.32 -14.43
C09 6OU P . 5.68 -16.54 -14.49
C10 6OU P . 5.25 -16.66 -15.95
C11 6OU P . 3.73 -16.87 -16.02
C12 6OU P . 3.05 -15.54 -16.31
C13 6OU P . 1.61 -15.80 -16.80
C14 6OU P . 1.09 -14.53 -17.49
C15 6OU P . -0.08 -14.90 -18.43
C16 6OU P . -0.03 -13.98 -19.70
O17 6OU P . -0.20 -12.82 -19.59
O18 6OU P . 0.22 -14.55 -21.01
C19 6OU P . -0.52 -15.73 -21.30
C20 6OU P . -0.38 -16.09 -22.81
C21 6OU P . -1.14 -15.06 -23.64
O22 6OU P . -0.79 -15.21 -25.00
P23 6OU P . -1.98 -15.68 -26.10
O24 6OU P . -1.39 -16.69 -27.06
O25 6OU P . -3.15 -16.29 -25.36
O26 6OU P . -2.52 -14.34 -26.95
C27 6OU P . -3.25 -14.58 -28.16
C28 6OU P . -2.92 -13.44 -29.20
N29 6OU P . -1.53 -12.97 -29.00
O30 6OU P . -0.90 -17.36 -23.04
C31 6OU P . 0.04 -18.42 -22.73
O32 6OU P . 0.80 -18.80 -23.56
C33 6OU P . 0.06 -19.06 -21.29
C34 6OU P . 1.47 -18.82 -20.64
C35 6OU P . 1.49 -19.36 -19.16
C36 6OU P . 2.77 -20.22 -18.96
C37 6OU P . 2.83 -20.74 -17.48
C38 6OU P . 4.23 -20.43 -16.88
C39 6OU P . 4.27 -20.87 -15.37
C40 6OU P . 5.53 -21.77 -15.09
C41 6OU P . 6.67 -21.39 -14.45
C42 6OU P . 8.12 -21.62 -13.87
C43 6OU P . 8.04 -21.81 -12.34
C44 6OU P . 8.66 -23.17 -11.93
C45 6OU P . 10.20 -23.11 -12.07
C46 6OU P . 10.85 -23.00 -10.66
C47 6OU P . 10.79 -24.39 -9.92
C48 6OU P . 12.08 -25.21 -10.22
C49 6OU P . 12.32 -26.23 -9.07
H1 6OU P . 9.72 -19.95 -8.37
H2 6OU P . 9.81 -18.47 -7.96
H3 6OU P . 8.50 -19.03 -8.55
H4 6OU P . 9.46 -19.22 -10.63
H5 6OU P . 10.84 -18.91 -10.06
H6 6OU P . 9.99 -17.00 -11.14
H7 6OU P . 10.26 -16.72 -9.66
H8 6OU P . 8.14 -15.90 -10.33
H9 6OU P . 8.02 -16.87 -9.15
H10 6OU P . 7.31 -18.56 -10.54
H11 6OU P . 6.42 -17.34 -10.83
H12 6OU P . 8.58 -18.07 -12.48
H13 6OU P . 7.10 -18.26 -12.86
H14 6OU P . 7.07 -15.76 -12.46
H15 6OU P . 8.53 -15.90 -12.92
H16 6OU P . 7.43 -15.51 -14.85
H17 6OU P . 7.65 -17.03 -14.87
H18 6OU P . 5.25 -15.81 -14.09
H19 6OU P . 5.46 -17.32 -14.04
H20 6OU P . 5.69 -17.39 -16.35
H21 6OU P . 5.49 -15.87 -16.40
H22 6OU P . 3.53 -17.48 -16.71
H23 6OU P . 3.42 -17.21 -15.20
H24 6OU P . 3.02 -15.03 -15.52
H25 6OU P . 3.52 -15.07 -16.97
H26 6OU P . 1.07 -16.01 -16.07
H27 6OU P . 1.62 -16.51 -17.40
H28 6OU P . 1.77 -14.14 -17.99
H29 6OU P . 0.79 -13.92 -16.84
H30 6OU P . -0.01 -15.80 -18.67
H31 6OU P . -0.89 -14.76 -17.97
H32 6OU P . -1.43 -15.59 -21.09
H33 6OU P . -0.19 -16.44 -20.78
H34 6OU P . 0.53 -16.08 -23.05
H35 6OU P . -2.06 -15.18 -23.53
H36 6OU P . -0.90 -14.20 -23.36
H38 6OU P . -3.00 -15.41 -28.53
H39 6OU P . -4.17 -14.57 -27.98
H40 6OU P . -3.52 -12.73 -29.07
H41 6OU P . -3.02 -13.78 -30.07
H42 6OU P . -1.54 -12.20 -28.60
H43 6OU P . -1.14 -12.89 -29.78
H45 6OU P . -0.10 -19.98 -21.36
H46 6OU P . -0.60 -18.67 -20.76
H47 6OU P . 2.12 -19.28 -21.15
H48 6OU P . 1.66 -17.90 -20.65
H49 6OU P . 1.50 -18.63 -18.57
H50 6OU P . 0.73 -19.87 -19.00
H51 6OU P . 2.75 -20.95 -19.54
H52 6OU P . 3.53 -19.70 -19.14
H53 6OU P . 2.68 -21.66 -17.46
H54 6OU P . 2.17 -20.30 -16.97
H55 6OU P . 4.41 -19.51 -16.94
H56 6OU P . 4.89 -20.90 -17.36
H57 6OU P . 3.49 -21.35 -15.16
H58 6OU P . 4.31 -20.10 -14.81
H59 6OU P . 5.34 -22.61 -15.43
H60 6OU P . 6.96 -22.25 -14.60
H61 6OU P . 8.51 -22.37 -14.27
H62 6OU P . 8.65 -20.86 -14.06
H63 6OU P . 8.51 -21.12 -11.90
H64 6OU P . 7.15 -21.78 -12.06
H65 6OU P . 8.32 -23.85 -12.49
H66 6OU P . 8.43 -23.37 -11.04
H67 6OU P . 10.44 -22.36 -12.58
H68 6OU P . 10.52 -23.89 -12.50
H69 6OU P . 10.39 -22.36 -10.16
H70 6OU P . 11.75 -22.73 -10.75
H71 6OU P . 10.05 -24.87 -10.22
H72 6OU P . 10.72 -24.24 -9.00
H73 6OU P . 11.99 -25.66 -11.03
H74 6OU P . 12.82 -24.62 -10.27
H75 6OU P . 11.52 -26.70 -8.91
H76 6OU P . 12.59 -25.78 -8.30
H77 6OU P . 12.99 -26.84 -9.33
C01 6OU Q . -0.90 -18.98 -8.76
C02 6OU Q . -1.70 -17.68 -8.57
C03 6OU Q . -3.19 -18.01 -8.39
C04 6OU Q . -3.99 -16.70 -8.31
C05 6OU Q . -5.18 -16.76 -9.29
C06 6OU Q . -4.65 -16.74 -10.74
C07 6OU Q . -5.57 -15.82 -11.59
C08 6OU Q . -6.97 -16.47 -11.71
C09 6OU Q . -7.19 -16.98 -13.14
C10 6OU Q . -8.09 -16.00 -13.90
C11 6OU Q . -8.76 -16.78 -15.05
C12 6OU Q . -9.38 -15.80 -16.03
C13 6OU Q . -10.59 -16.48 -16.68
C14 6OU Q . -10.93 -15.74 -17.98
C15 6OU Q . -12.38 -15.25 -17.96
C16 6OU Q . -12.46 -14.01 -16.99
O17 6OU Q . -11.83 -14.02 -15.99
O18 6OU Q . -13.25 -12.85 -17.32
C19 6OU Q . -14.65 -13.12 -17.45
C20 6OU Q . -15.27 -13.36 -16.04
C21 6OU Q . -16.78 -13.53 -16.19
O22 6OU Q . -17.40 -12.29 -15.97
P23 6OU Q . -18.32 -11.61 -17.21
O24 6OU Q . -19.04 -10.39 -16.68
O25 6OU Q . -19.31 -12.63 -17.69
O26 6OU Q . -17.31 -11.17 -18.48
C27 6OU Q . -17.11 -12.10 -19.56
C28 6OU Q . -15.86 -11.64 -20.39
N29 6OU Q . -14.95 -12.80 -20.60
O30 6OU Q . -15.04 -12.27 -15.21
C31 6OU Q . -13.73 -12.26 -14.57
O32 6OU Q . -12.98 -11.37 -14.80
C33 6OU Q . -13.29 -13.42 -13.60
C34 6OU Q . -11.86 -13.07 -13.06
C35 6OU Q . -11.46 -14.05 -11.90
C36 6OU Q . -10.35 -13.38 -11.04
C37 6OU Q . -9.86 -14.36 -9.92
C38 6OU Q . -8.81 -13.63 -9.03
C39 6OU Q . -8.20 -14.65 -8.01
C40 6OU Q . -8.50 -14.18 -6.53
C41 6OU Q . -7.75 -14.45 -5.43
C42 6OU Q . -7.43 -14.35 -3.88
C43 6OU Q . -6.15 -15.19 -3.58
C44 6OU Q . -5.31 -14.51 -2.47
C45 6OU Q . -4.71 -13.18 -2.99
C46 6OU Q . -3.36 -12.90 -2.25
C47 6OU Q . -3.31 -11.42 -1.73
C48 6OU Q . -3.44 -10.43 -2.94
C49 6OU Q . -2.62 -9.14 -2.64
H1 6OU Q . -0.01 -18.78 -8.99
H2 6OU Q . -0.91 -19.47 -7.95
H3 6OU Q . -1.30 -19.49 -9.43
H4 6OU Q . -1.38 -17.21 -7.82
H5 6OU Q . -1.59 -17.13 -9.34
H6 6OU Q . -3.30 -18.50 -7.59
H7 6OU Q . -3.49 -18.53 -9.11
H8 6OU Q . -3.43 -15.98 -8.54
H9 6OU Q . -4.31 -16.57 -7.43
H10 6OU Q . -5.67 -17.54 -9.14
H11 6OU Q . -5.73 -16.01 -9.14
H12 6OU Q . -3.78 -16.41 -10.75
H13 6OU Q . -4.67 -17.62 -11.09
H14 6OU Q . -5.19 -15.72 -12.45
H15 6OU Q . -5.64 -14.99 -11.18
H16 6OU Q . -7.03 -17.19 -11.11
H17 6OU Q . -7.61 -15.82 -11.49
H18 6OU Q . -7.62 -17.82 -13.10
H19 6OU Q . -6.38 -17.08 -13.59
H20 6OU Q . -7.57 -15.31 -14.26
H21 6OU Q . -8.75 -15.65 -13.33
H22 6OU Q . -8.13 -17.31 -15.49
H23 6OU Q . -9.44 -17.33 -14.70
H24 6OU Q . -9.65 -15.02 -15.58
H25 6OU Q . -8.74 -15.58 -16.68
H26 6OU Q . -11.32 -16.43 -16.09
H27 6OU Q . -10.39 -17.37 -16.86
H28 6OU Q . -10.81 -16.33 -18.72
H29 6OU Q . -10.36 -15.01 -18.07
H30 6OU Q . -12.65 -15.00 -18.82
H31 6OU Q . -12.94 -15.94 -17.65
H32 6OU Q . -14.77 -13.88 -17.98
H33 6OU Q . -15.07 -12.38 -17.85
H34 6OU Q . -14.91 -14.13 -15.66
H35 6OU Q . -17.07 -14.15 -15.56
H36 6OU Q . -16.98 -13.84 -17.05
H38 6OU Q . -17.86 -12.10 -20.12
H39 6OU Q . -16.96 -12.96 -19.22
H40 6OU Q . -15.41 -10.96 -19.93
H41 6OU Q . -16.15 -11.31 -21.22
H42 6OU Q . -14.63 -12.76 -21.41
H43 6OU Q . -15.40 -13.54 -20.50
H45 6OU Q . -13.26 -14.23 -14.07
H46 6OU Q . -13.89 -13.47 -12.89
H47 6OU Q . -11.23 -13.15 -13.76
H48 6OU Q . -11.85 -12.19 -12.73
H49 6OU Q . -12.22 -14.24 -11.36
H50 6OU Q . -11.13 -14.84 -12.26
H51 6OU Q . -10.69 -12.60 -10.63
H52 6OU Q . -9.63 -13.16 -11.59
H53 6OU Q . -9.48 -15.12 -10.31
H54 6OU Q . -10.60 -14.62 -9.38
H55 6OU Q . -9.22 -12.93 -8.57
H56 6OU Q . -8.12 -13.29 -9.58
H57 6OU Q . -7.26 -14.69 -8.13
H58 6OU Q . -8.56 -15.50 -8.14
H59 6OU Q . -9.29 -13.69 -6.56
H60 6OU Q . -8.39 -13.96 -4.97
H61 6OU Q . -7.29 -13.45 -3.65
H62 6OU Q . -8.15 -14.70 -3.39
H63 6OU Q . -6.41 -16.05 -3.29
H64 6OU Q . -5.64 -15.27 -4.36
H65 6OU Q . -5.86 -14.33 -1.72
H66 6OU Q . -4.61 -15.09 -2.21
H67 6OU Q . -5.30 -12.47 -2.82
H68 6OU Q . -4.55 -13.24 -3.91
H69 6OU Q . -3.28 -13.48 -1.51
H70 6OU Q . -2.65 -13.05 -2.84
H71 6OU Q . -4.02 -11.26 -1.14
H72 6OU Q . -2.50 -11.26 -1.30
H73 6OU Q . -3.09 -10.85 -3.72
H74 6OU Q . -4.33 -10.22 -3.08
H75 6OU Q . -2.65 -8.58 -3.39
H76 6OU Q . -1.74 -9.37 -2.44
H77 6OU Q . -3.01 -8.70 -1.90
C01 6OU R . 7.37 21.79 11.33
C02 6OU R . 7.55 22.13 9.84
C03 6OU R . 8.83 21.45 9.30
C04 6OU R . 8.46 20.28 8.37
C05 6OU R . 8.30 18.98 9.19
C06 6OU R . 9.64 18.65 9.90
C07 6OU R . 10.82 18.96 8.95
C08 6OU R . 12.02 18.07 9.33
C09 6OU R . 13.06 18.91 10.09
C10 6OU R . 14.23 18.00 10.50
C11 6OU R . 15.07 18.71 11.56
C12 6OU R . 16.48 18.16 11.53
C13 6OU R . 16.40 16.63 11.36
C14 6OU R . 17.82 16.04 11.47
C15 6OU R . 17.75 14.67 12.18
C16 6OU R . 18.84 14.63 13.31
O17 6OU R . 18.88 15.49 14.13
O18 6OU R . 19.79 13.54 13.37
C19 6OU R . 19.66 12.72 14.53
C20 6OU R . 20.77 13.11 15.54
C21 6OU R . 20.28 12.84 16.95
O22 6OU R . 20.83 11.63 17.42
P23 6OU R . 20.29 11.02 18.90
O24 6OU R . 19.84 12.18 19.78
O25 6OU R . 19.14 10.08 18.65
O26 6OU R . 21.53 10.19 19.64
C27 6OU R . 21.25 8.90 20.22
C28 6OU R . 22.39 8.52 21.21
N29 6OU R . 23.04 9.76 21.71
O30 6OU R . 21.04 14.48 15.41
C31 6OU R . 22.11 14.97 16.25
O32 6OU R . 22.89 14.20 16.72
C33 6OU R . 22.25 16.50 16.53
C34 6OU R . 22.10 16.77 18.06
C35 6OU R . 22.43 18.28 18.37
C36 6OU R . 21.21 18.95 19.07
C37 6OU R . 21.09 20.44 18.61
C38 6OU R . 20.93 20.48 17.06
C39 6OU R . 19.94 19.35 16.60
C40 6OU R . 18.58 19.99 16.16
C41 6OU R . 18.66 21.35 16.04
C06 6OU S . 17.29 1.77 -29.95
C07 6OU S . 15.99 1.97 -29.11
C08 6OU S . 15.36 0.60 -28.79
C09 6OU S . 16.41 -0.32 -28.15
C10 6OU S . 15.71 -1.48 -27.45
C11 6OU S . 15.22 -1.03 -26.05
C12 6OU S . 15.55 -2.13 -25.05
C13 6OU S . 17.04 -2.12 -24.73
C14 6OU S . 17.62 -3.54 -24.90
C15 6OU S . 18.68 -3.80 -23.81
C16 6OU S . 17.97 -4.53 -22.60
O17 6OU S . 16.80 -4.41 -22.46
O18 6OU S . 18.73 -5.34 -21.68
C19 6OU S . 18.00 -6.47 -21.19
C20 6OU S . 18.81 -7.19 -20.08
C21 6OU S . 18.42 -8.66 -20.05
O22 6OU S . 18.71 -9.22 -18.80
P23 6OU S . 18.14 -10.76 -18.47
O24 6OU S . 16.63 -10.79 -18.61
O25 6OU S . 18.74 -11.73 -19.43
O26 6OU S . 18.55 -11.21 -16.91
C27 6OU S . 17.52 -11.21 -15.90
C28 6OU S . 18.17 -11.40 -14.50
N29 6OU S . 19.61 -11.02 -14.54
O30 6OU S . 18.54 -6.61 -18.83
C31 6OU S . 18.67 -5.17 -18.83
O32 6OU S . 19.69 -4.68 -19.19
C33 6OU S . 17.48 -4.26 -18.33
C34 6OU S . 18.04 -2.92 -17.75
C35 6OU S . 18.44 -1.95 -18.92
C36 6OU S . 17.17 -1.22 -19.43
C37 6OU S . 17.55 -0.20 -20.55
C38 6OU S . 16.29 0.08 -21.44
C39 6OU S . 16.33 1.56 -21.99
C40 6OU S . 16.24 1.61 -23.55
C41 6OU S . 16.01 2.74 -24.28
C42 6OU S . 15.79 3.53 -25.63
C43 6OU S . 14.37 3.24 -26.19
C44 6OU S . 14.01 4.30 -27.26
C45 6OU S . 12.93 3.77 -28.23
C46 6OU S . 12.64 4.84 -29.30
C47 6OU S . 11.18 5.42 -29.10
C48 6OU S . 11.13 6.88 -29.66
C49 6OU S . 9.80 7.08 -30.43
H12 6OU S . 18.02 1.69 -29.38
H13 6OU S . 17.41 2.51 -30.53
H14 6OU S . 15.39 2.50 -29.59
H15 6OU S . 16.22 2.40 -28.30
H16 6OU S . 14.64 0.72 -28.20
H17 6OU S . 15.05 0.22 -29.59
H18 6OU S . 16.98 -0.66 -28.81
H19 6OU S . 16.92 0.17 -27.53
H20 6OU S . 14.97 -1.75 -27.96
H21 6OU S . 16.30 -2.20 -27.35
H22 6OU S . 15.64 -0.24 -25.80
H23 6OU S . 14.29 -0.89 -26.08
H24 6OU S . 15.29 -2.96 -25.41
H25 6OU S . 15.05 -1.98 -24.26
H26 6OU S . 17.17 -1.83 -23.84
H27 6OU S . 17.49 -1.54 -25.32
H28 6OU S . 16.93 -4.18 -24.82
H29 6OU S . 18.02 -3.62 -25.74
H30 6OU S . 19.05 -2.98 -23.51
H31 6OU S . 19.36 -4.34 -24.15
H32 6OU S . 17.18 -6.18 -20.83
H33 6OU S . 17.83 -7.06 -21.89
H34 6OU S . 19.74 -7.12 -20.26
H35 6OU S . 18.90 -9.12 -20.72
H36 6OU S . 17.50 -8.74 -20.22
H38 6OU S . 16.92 -11.90 -16.07
H39 6OU S . 17.06 -10.38 -15.93
H40 6OU S . 18.09 -12.29 -14.23
H41 6OU S . 17.72 -10.86 -13.87
H42 6OU S . 19.75 -10.55 -15.26
H43 6OU S . 20.09 -11.74 -14.57
H45 6OU S . 17.00 -4.72 -17.66
H46 6OU S . 16.91 -4.07 -19.06
H47 6OU S . 18.80 -3.10 -17.22
H48 6OU S . 17.38 -2.51 -17.21
H49 6OU S . 19.06 -1.32 -18.61
H50 6OU S . 18.83 -2.44 -19.62
H51 6OU S . 16.56 -1.86 -19.77
H52 6OU S . 16.76 -0.77 -18.71
H53 6OU S . 17.83 0.60 -20.16
H54 6OU S . 18.23 -0.55 -21.09
H55 6OU S . 15.51 -0.03 -20.91
H56 6OU S . 16.26 -0.52 -22.15
H57 6OU S . 17.14 1.96 -21.72
H58 6OU S . 15.61 2.04 -21.63
H59 6OU S . 16.39 0.75 -23.88
H60 6OU S . 16.07 2.18 -25.03
H61 6OU S . 16.43 3.28 -26.26
H62 6OU S . 15.86 4.45 -25.45
H63 6OU S . 14.35 2.38 -26.59
H64 6OU S . 13.74 3.26 -25.49
H65 6OU S . 14.79 4.53 -27.75
H66 6OU S . 13.69 5.08 -26.83
H67 6OU S . 13.25 2.98 -28.64
H68 6OU S . 12.14 3.57 -27.75
H69 6OU S . 12.70 4.45 -30.16
H70 6OU S . 13.26 5.54 -29.23
H71 6OU S . 10.57 4.89 -29.56
H72 6OU S . 10.98 5.42 -28.19
H73 6OU S . 11.86 7.03 -30.23
H74 6OU S . 11.17 7.48 -28.93
H75 6OU S . 9.70 8.00 -30.65
H76 6OU S . 9.07 6.81 -29.91
H77 6OU S . 9.83 6.59 -31.23
C01 6OU T . 29.33 -2.39 1.99
C02 6OU T . 29.30 -0.87 2.32
C03 6OU T . 28.21 -0.18 1.47
C04 6OU T . 28.48 1.33 1.46
C05 6OU T . 27.42 2.06 0.61
C06 6OU T . 27.92 3.50 0.31
C07 6OU T . 26.87 4.54 0.80
C08 6OU T . 26.84 4.57 2.34
C09 6OU T . 27.87 5.59 2.88
C10 6OU T . 28.55 4.99 4.11
C11 6OU T . 29.27 6.08 4.91
C12 6OU T . 29.78 5.52 6.23
C13 6OU T . 30.87 4.47 5.98
C14 6OU T . 31.45 4.03 7.34
C15 6OU T . 31.29 2.50 7.51
C16 6OU T . 31.39 2.13 9.04
O17 6OU T . 32.43 1.80 9.51
O18 6OU T . 30.21 2.20 9.87
C19 6OU T . 29.39 1.04 9.86
C20 6OU T . 28.07 1.32 10.64
C21 6OU T . 27.94 0.33 11.79
O22 6OU T . 29.07 0.43 12.63
P23 6OU T . 28.84 0.27 14.28
O24 6OU T . 27.68 1.15 14.72
O25 6OU T . 30.08 0.67 15.01
O26 6OU T . 28.47 -1.32 14.66
C27 6OU T . 27.42 -1.58 15.61
O30 6OU T . 26.94 1.17 9.81
C31 6OU T . 26.89 2.06 8.66
O32 6OU T . 27.03 3.22 8.80
C33 6OU T . 26.60 1.46 7.24
C34 6OU T . 25.76 2.47 6.38
C35 6OU T . 25.11 1.72 5.17
C36 6OU T . 24.13 2.69 4.44
C37 6OU T . 22.97 1.89 3.76
C38 6OU T . 23.45 1.29 2.40
C39 6OU T . 22.33 1.44 1.30
C40 6OU T . 22.76 2.54 0.26
H1 6OU T . 29.47 -2.50 1.07
H2 6OU T . 30.03 -2.79 2.46
H3 6OU T . 28.51 -2.77 2.24
H4 6OU T . 30.13 -0.50 2.13
H5 6OU T . 29.10 -0.76 3.23
H6 6OU T . 27.37 -0.36 1.83
H7 6OU T . 28.24 -0.51 0.59
H8 6OU T . 29.33 1.49 1.10
H9 6OU T . 28.44 1.65 2.34
H10 6OU T . 26.61 2.10 1.07
H11 6OU T . 27.30 1.60 -0.20
H12 6OU T . 28.04 3.59 -0.62
H13 6OU T . 28.73 3.65 0.74
H14 6OU T . 26.02 4.30 0.48
H15 6OU T . 27.09 5.39 0.47
H16 6OU T . 25.98 4.80 2.63
H17 6OU T . 27.06 3.72 2.68
H18 6OU T . 28.51 5.78 2.23
H19 6OU T . 27.42 6.38 3.13
H20 6OU T . 29.17 4.34 3.83
H21 6OU T . 27.91 4.58 4.66
H22 6OU T . 30.00 6.42 4.40
H23 6OU T . 28.68 6.80 5.08
H24 6OU T . 29.07 5.13 6.68
H25 6OU T . 30.14 6.22 6.74
H26 6OU T . 31.55 4.84 5.46
H27 6OU T . 30.51 3.72 5.54
H28 6OU T . 32.36 4.25 7.38
H29 6OU T . 31.00 4.46 8.03
H30 6OU T . 31.97 2.06 7.03
H31 6OU T . 30.46 2.23 7.18
H32 6OU T . 29.18 0.80 8.96
H33 6OU T . 29.84 0.32 10.26
H34 6OU T . 28.09 2.20 10.97
H35 6OU T . 27.88 -0.54 11.45
H36 6OU T . 27.17 0.53 12.29
H38 6OU T . 26.61 -1.21 15.29
H39 6OU T . 27.64 -1.19 16.43
H45 6OU T . 26.13 0.66 7.32
H46 6OU T . 27.42 1.29 6.81
H47 6OU T . 26.33 3.15 6.06
H48 6OU T . 25.09 2.85 6.92
H49 6OU T . 25.78 1.43 4.57
H50 6OU T . 24.63 0.97 5.49
H51 6OU T . 24.61 3.17 3.78
H52 6OU T . 23.78 3.30 5.05
H53 6OU T . 22.70 1.20 4.32
H54 6OU T . 22.25 2.47 3.60
H55 6OU T . 24.23 1.74 2.11
H56 6OU T . 23.65 0.38 2.51
H57 6OU T . 22.21 0.63 0.86
H58 6OU T . 21.52 1.71 1.71
H59 6OU T . 21.92 2.56 -0.14
CAA Y01 U . -13.84 -28.63 -4.48
CBA Y01 U . -15.03 -27.89 -3.90
CAB Y01 U . -16.28 -28.13 -4.76
CAN Y01 U . -14.79 -26.37 -3.71
CAJ Y01 U . -15.01 -25.76 -2.30
CAO Y01 U . -14.49 -26.63 -1.13
CBB Y01 U . -13.10 -27.32 -1.37
CAC Y01 U . -12.09 -26.41 -2.08
CBE Y01 U . -12.59 -27.77 0.02
CAP Y01 U . -13.70 -28.60 0.73
CAQ Y01 U . -12.99 -29.61 1.67
CBG Y01 U . -11.56 -29.12 1.63
CBI Y01 U . -11.38 -28.72 0.16
CAE Y01 U . -11.42 -29.90 -0.79
CAU Y01 U . -10.03 -28.01 0.09
CAS Y01 U . -8.87 -28.85 0.65
CBF Y01 U . -9.10 -29.40 2.08
CBD Y01 U . -10.47 -30.07 2.14
CAK Y01 U . -10.78 -30.45 3.57
CAI Y01 U . -9.70 -30.98 4.30
CAZ Y01 U . -8.38 -30.96 3.90
CAV Y01 U . -7.46 -31.58 4.88
CBH Y01 U . -8.01 -30.37 2.60
CAD Y01 U . -7.72 -31.50 1.62
CAT Y01 U . -6.69 -29.60 2.82
CAR Y01 U . -5.63 -30.37 3.62
CBC Y01 U . -6.17 -30.79 4.98
OAW Y01 U . -5.30 -31.66 5.68
HAA1 Y01 U . -14.03 -29.06 -5.33
HAA2 Y01 U . -13.10 -28.03 -4.66
HAA3 Y01 U . -13.52 -29.34 -3.90
HBA Y01 U . -15.21 -28.28 -3.04
HAB1 Y01 U . -16.50 -29.07 -4.80
HAB2 Y01 U . -17.06 -27.68 -4.39
HAB3 Y01 U . -16.16 -27.81 -5.67
HAN1 Y01 U . -13.91 -26.15 -4.01
HAN2 Y01 U . -15.43 -25.92 -4.30
HAJ1 Y01 U . -14.59 -24.89 -2.26
HAJ2 Y01 U . -15.96 -25.61 -2.14
HAO1 Y01 U . -14.44 -26.07 -0.35
HAO2 Y01 U . -15.17 -27.31 -0.98
HBB Y01 U . -13.19 -28.12 -1.91
HAC1 Y01 U . -12.47 -25.58 -2.34
HAC2 Y01 U . -11.34 -26.21 -1.51
HAC3 Y01 U . -11.72 -26.87 -2.85
HBE Y01 U . -12.38 -26.95 0.48
HAP1 Y01 U . -14.31 -28.05 1.24
HAP2 Y01 U . -14.28 -29.07 0.10
HAQ1 Y01 U . -13.38 -29.63 2.56
HAQ2 Y01 U . -13.07 -30.53 1.36
HBG Y01 U . -11.47 -28.35 2.22
HBD Y01 U . -10.46 -30.87 1.61
HAE1 Y01 U . -10.76 -30.58 -0.58
HAE2 Y01 U . -12.27 -30.36 -0.80
HAE3 Y01 U . -11.25 -29.65 -1.71
HAU1 Y01 U . -9.84 -27.77 -0.82
HAU2 Y01 U . -10.08 -27.19 0.62
HAS1 Y01 U . -8.71 -29.58 0.03
HAS2 Y01 U . -8.09 -28.29 0.66
HBF Y01 U . -9.08 -28.63 2.67
HAK1 Y01 U . -11.13 -29.70 4.08
HAK2 Y01 U . -11.45 -31.15 3.57
HAI Y01 U . -9.93 -31.34 5.12
HAV1 Y01 U . -7.84 -31.65 5.77
HAV2 Y01 U . -7.26 -32.49 4.62
HBC Y01 U . -6.29 -29.94 5.45
HAD1 Y01 U . -7.13 -32.18 2.00
HAD2 Y01 U . -8.53 -31.96 1.34
HAD3 Y01 U . -7.28 -31.19 0.81
HAT1 Y01 U . -6.32 -29.36 1.95
HAT2 Y01 U . -6.89 -28.77 3.28
HAR1 Y01 U . -5.35 -31.15 3.10
HAR2 Y01 U . -4.86 -29.80 3.73
CAA Y01 V . -25.05 -14.22 -18.29
CBA Y01 V . -24.83 -15.19 -19.44
CAB Y01 V . -26.13 -15.47 -20.19
CAN Y01 V . -24.16 -16.50 -19.01
CAJ Y01 V . -22.82 -16.39 -18.27
CAO Y01 V . -22.83 -17.20 -16.97
CBB Y01 V . -21.39 -17.52 -16.48
CAC Y01 V . -20.58 -16.24 -16.39
CBE Y01 V . -21.51 -18.28 -15.13
CAP Y01 V . -22.30 -19.62 -15.37
CAQ Y01 V . -21.59 -20.72 -14.57
CBG Y01 V . -20.85 -19.91 -13.53
CBI Y01 V . -20.26 -18.77 -14.36
CAE Y01 V . -19.13 -19.23 -15.30
CAU Y01 V . -19.72 -17.79 -13.33
CAS Y01 V . -18.69 -18.41 -12.37
CBF Y01 V . -19.12 -19.73 -11.69
CBD Y01 V . -19.82 -20.64 -12.70
CAK Y01 V . -20.46 -21.78 -11.93
CAI Y01 V . -19.62 -22.36 -10.96
CAZ Y01 V . -18.45 -21.81 -10.49
CAV Y01 V . -17.78 -22.64 -9.48
CBH Y01 V . -17.98 -20.51 -10.99
CAD Y01 V . -16.80 -20.77 -11.92
CAT Y01 V . -17.45 -19.74 -9.77
CAR Y01 V . -16.47 -20.51 -8.91
CBC Y01 V . -17.11 -21.80 -8.39
OAW Y01 V . -16.19 -22.71 -7.82
CAY Y01 V . -15.32 -22.23 -6.91
OAG Y01 V . -15.83 -22.22 -5.76
CAM Y01 V . -13.96 -21.79 -7.24
CAL Y01 V . -13.17 -21.35 -6.03
CAX Y01 V . -12.95 -22.51 -5.05
OAH Y01 V . -12.40 -23.54 -5.51
OAF Y01 V . -13.35 -22.33 -3.88
HAA1 Y01 V . -25.00 -14.65 -17.42
HAA2 Y01 V . -25.96 -13.84 -18.33
HAA3 Y01 V . -24.42 -13.50 -18.28
HBA Y01 V . -24.22 -14.75 -20.05
HAB1 Y01 V . -26.52 -14.65 -20.53
HAB2 Y01 V . -26.80 -15.88 -19.61
HAB3 Y01 V . -25.99 -16.07 -20.94
HAN1 Y01 V . -24.78 -17.00 -18.45
HAN2 Y01 V . -24.00 -17.01 -19.82
HAJ1 Y01 V . -22.11 -16.70 -18.85
HAJ2 Y01 V . -22.64 -15.47 -18.04
HAO1 Y01 V . -23.30 -16.69 -16.29
HAO2 Y01 V . -23.32 -18.01 -17.14
HBB Y01 V . -20.93 -18.12 -17.09
HAC1 Y01 V . -20.38 -15.88 -17.27
HAC2 Y01 V . -21.06 -15.56 -15.90
HAC3 Y01 V . -19.76 -16.40 -15.91
HBE Y01 V . -21.99 -17.67 -14.55
HAP1 Y01 V . -23.22 -19.55 -15.10
HAP2 Y01 V . -22.34 -19.85 -16.31
HAQ1 Y01 V . -22.22 -21.36 -14.20
HAQ2 Y01 V . -21.00 -21.26 -15.11
HBG Y01 V . -21.48 -19.57 -12.86
HBD Y01 V . -19.14 -21.04 -13.28
HAE1 Y01 V . -18.38 -19.59 -14.83
HAE2 Y01 V . -19.42 -19.92 -15.92
HAE3 Y01 V . -18.80 -18.50 -15.85
HAU1 Y01 V . -19.33 -17.03 -13.78
HAU2 Y01 V . -20.46 -17.47 -12.79
HAS1 Y01 V . -17.90 -18.54 -12.87
HAS2 Y01 V . -18.51 -17.75 -11.69
HBF Y01 V . -19.75 -19.47 -10.99
HAK1 Y01 V . -21.27 -21.51 -11.48
HAK2 Y01 V . -20.67 -22.49 -12.54
HAI Y01 V . -19.91 -23.18 -10.64
HAV1 Y01 V . -18.36 -23.26 -9.04
HAV2 Y01 V . -17.09 -23.18 -9.91
HBC Y01 V . -17.76 -21.50 -7.73
HAD1 Y01 V . -16.46 -21.68 -11.81
HAD2 Y01 V . -17.04 -20.66 -12.84
HAD3 Y01 V . -16.06 -20.18 -11.74
HAT1 Y01 V . -17.02 -18.92 -10.09
HAT2 Y01 V . -18.20 -19.47 -9.22
HAR1 Y01 V . -15.68 -20.72 -9.42
HAR2 Y01 V . -16.20 -19.96 -8.16
HAM1 Y01 V . -13.50 -22.53 -7.66
HAM2 Y01 V . -14.02 -21.05 -7.86
HAL1 Y01 V . -12.30 -21.02 -6.31
HAL2 Y01 V . -13.62 -20.63 -5.58
CBE Y01 W . 4.58 -30.80 -15.59
CAP Y01 W . 4.81 -31.77 -16.79
CAQ Y01 W . 6.06 -32.61 -16.47
CBG Y01 W . 6.25 -32.31 -14.98
CBI Y01 W . 5.96 -30.81 -14.90
CAE Y01 W . 7.02 -29.97 -15.63
CAU Y01 W . 5.93 -30.47 -13.42
CAS Y01 W . 7.20 -30.90 -12.66
CBF Y01 W . 7.61 -32.38 -12.85
CBD Y01 W . 7.57 -32.71 -14.35
CAK Y01 W . 7.78 -34.20 -14.53
CAI Y01 W . 8.79 -34.76 -13.73
CAZ Y01 W . 9.40 -34.14 -12.65
CAV Y01 W . 10.45 -34.96 -12.01
CBH Y01 W . 8.98 -32.77 -12.24
CAD Y01 W . 10.09 -31.79 -12.62
CAT Y01 W . 8.89 -32.81 -10.70
CAR Y01 W . 10.11 -33.42 -10.00
CBC Y01 W . 10.34 -34.86 -10.49
OAW Y01 W . 11.57 -35.42 -10.07
CAY Y01 W . 11.54 -36.20 -8.95
OAG Y01 W . 11.71 -35.51 -7.91
CAM Y01 W . 11.33 -37.66 -8.99
CAL Y01 W . 10.64 -38.16 -10.24
CAX Y01 W . 11.65 -38.38 -11.40
OAH Y01 W . 12.42 -37.42 -11.67
OAF Y01 W . 11.60 -39.49 -11.96
HBE Y01 W . 3.94 -31.14 -14.95
HAP1 Y01 W . 4.05 -32.35 -16.96
HAP2 Y01 W . 4.92 -31.29 -17.63
HAQ1 Y01 W . 5.93 -33.55 -16.67
HAQ2 Y01 W . 6.83 -32.36 -16.99
HBG Y01 W . 5.60 -32.82 -14.47
HBD Y01 W . 8.31 -32.26 -14.79
HAE1 Y01 W . 7.92 -30.15 -15.33
HAE2 Y01 W . 7.02 -30.12 -16.59
HAE3 Y01 W . 6.87 -29.02 -15.51
HAU1 Y01 W . 5.79 -29.52 -13.31
HAU2 Y01 W . 5.17 -30.93 -13.01
HAS1 Y01 W . 7.92 -30.31 -12.92
HAS2 Y01 W . 7.03 -30.75 -11.71
HBF Y01 W . 6.94 -32.91 -12.38
HAK1 Y01 W . 6.97 -34.69 -14.33
HAK2 Y01 W . 8.04 -34.38 -15.44
HAI Y01 W . 9.07 -35.60 -13.97
HAV1 Y01 W . 10.40 -35.90 -12.25
HAV2 Y01 W . 11.32 -34.66 -12.29
HBC Y01 W . 9.59 -35.36 -10.15
HAD1 Y01 W . 10.96 -32.16 -12.41
HAD2 Y01 W . 10.06 -31.58 -13.56
HAD3 Y01 W . 10.02 -30.96 -12.14
HAT1 Y01 W . 8.77 -31.90 -10.39
HAT2 Y01 W . 8.08 -33.30 -10.45
HAR1 Y01 W . 10.88 -32.88 -10.17
HAR2 Y01 W . 9.94 -33.44 -9.05
HAM1 Y01 W . 12.21 -38.09 -8.92
HAM2 Y01 W . 10.80 -37.90 -8.22
HAL1 Y01 W . 10.21 -39.00 -10.06
HAL2 Y01 W . 9.96 -37.53 -10.53
CAN Y01 X . -17.74 -15.91 -19.11
CAJ Y01 X . -18.22 -17.35 -18.90
CAO Y01 X . -17.17 -18.20 -18.18
CBB Y01 X . -16.46 -17.43 -17.06
CBE Y01 X . -15.60 -18.44 -16.26
CAP Y01 X . -14.51 -19.02 -17.22
CAQ Y01 X . -13.20 -19.13 -16.40
CBG Y01 X . -13.74 -19.13 -14.97
CBI Y01 X . -14.77 -18.01 -15.03
CAE Y01 X . -14.16 -16.62 -15.17
CAU Y01 X . -15.50 -18.11 -13.72
CAS Y01 X . -14.59 -17.98 -12.49
CBF Y01 X . -13.39 -18.95 -12.46
CBD Y01 X . -12.73 -18.96 -13.84
CAK Y01 X . -11.73 -20.10 -13.88
CAI Y01 X . -10.83 -20.06 -12.80
CAZ Y01 X . -11.04 -19.40 -11.61
CAV Y01 X . -9.93 -19.53 -10.65
CBH Y01 X . -12.30 -18.64 -11.39
CAD Y01 X . -11.95 -17.17 -11.33
CAT Y01 X . -12.78 -19.05 -9.99
CAR Y01 X . -11.70 -18.87 -8.90
CBC Y01 X . -10.44 -19.69 -9.21
OAW Y01 X . -9.30 -19.31 -8.44
CAY Y01 X . -8.27 -20.20 -8.33
OAG Y01 X . -8.53 -21.28 -8.89
CAM Y01 X . -7.02 -19.88 -7.63
CAL Y01 X . -5.88 -20.82 -7.98
CAX Y01 X . -5.99 -22.16 -7.21
OAH Y01 X . -6.90 -22.95 -7.59
OAF Y01 X . -5.18 -22.35 -6.29
HAJ1 Y01 X . -18.43 -17.74 -19.76
HAJ2 Y01 X . -19.03 -17.35 -18.37
HAO1 Y01 X . -17.63 -18.98 -17.82
HAO2 Y01 X . -16.54 -18.50 -18.84
HBB Y01 X . -15.87 -16.75 -17.41
HBE Y01 X . -16.24 -19.11 -15.96
HAP1 Y01 X . -14.75 -19.90 -17.56
HAP2 Y01 X . -14.39 -18.48 -18.01
HAQ1 Y01 X . -12.69 -19.92 -16.62
HAQ2 Y01 X . -12.60 -18.39 -16.56
HBG Y01 X . -14.15 -19.98 -14.79
HBD Y01 X . -12.23 -18.14 -13.96
HAE1 Y01 X . -13.20 -16.63 -15.07
HAE2 Y01 X . -14.32 -16.23 -16.02
HAE3 Y01 X . -14.49 -16.01 -14.50
HAU1 Y01 X . -16.19 -17.43 -13.68
HAU2 Y01 X . -15.94 -18.97 -13.68
HAS1 Y01 X . -14.30 -17.06 -12.43
HAS2 Y01 X . -15.14 -18.15 -11.71
HBF Y01 X . -13.73 -19.83 -12.26
HAK1 Y01 X . -12.17 -20.96 -13.86
HAK2 Y01 X . -11.19 -20.03 -14.68
HAI Y01 X . -10.05 -20.54 -12.93
HAV1 Y01 X . -9.35 -20.28 -10.85
HAV2 Y01 X . -9.36 -18.75 -10.71
HBC Y01 X . -10.70 -20.60 -9.03
HAD1 Y01 X . -11.02 -17.03 -11.09
HAD2 Y01 X . -12.11 -16.74 -12.18
HAD3 Y01 X . -12.47 -16.69 -10.66
HAT1 Y01 X . -13.55 -18.53 -9.76
HAT2 Y01 X . -13.05 -19.98 -10.02
HAR1 Y01 X . -11.48 -17.93 -8.82
HAR2 Y01 X . -12.08 -19.17 -8.05
HAM1 Y01 X . -6.77 -18.97 -7.87
HAM2 Y01 X . -7.18 -19.92 -6.69
HAL1 Y01 X . -5.88 -21.00 -8.93
HAL2 Y01 X . -5.02 -20.40 -7.76
CAA Y01 Y . 13.97 7.92 -25.28
CBA Y01 Y . 12.75 7.19 -24.74
CAB Y01 Y . 11.45 7.88 -25.18
CAN Y01 Y . 12.77 6.97 -23.21
CAJ Y01 Y . 14.05 6.39 -22.59
CAO Y01 Y . 13.97 6.33 -21.07
CBB Y01 Y . 14.97 5.30 -20.49
CAC Y01 Y . 16.36 5.95 -20.47
CBE Y01 Y . 14.50 4.83 -19.08
CAP Y01 Y . 13.12 4.11 -19.23
CAQ Y01 Y . 13.29 2.70 -18.66
CBG Y01 Y . 14.27 2.95 -17.57
CBI Y01 Y . 15.35 3.80 -18.25
CAE Y01 Y . 16.28 2.95 -19.11
CAU Y01 Y . 16.09 4.41 -17.07
CAS Y01 Y . 16.69 3.36 -16.10
CBF Y01 Y . 15.76 2.16 -15.71
CBD Y01 Y . 14.88 1.74 -16.88
CAK Y01 Y . 13.80 0.83 -16.37
CAI Y01 Y . 14.30 -0.21 -15.56
CAZ Y01 Y . 15.54 -0.24 -14.96
CAV Y01 Y . 15.79 -1.45 -14.15
CBH Y01 Y . 16.49 0.89 -15.17
CAD Y01 Y . 17.61 0.42 -16.09
CAT Y01 Y . 17.11 1.19 -13.80
CAR Y01 Y . 17.69 -0.05 -13.12
CBC Y01 Y . 16.60 -1.11 -12.89
OAW Y01 Y . 17.07 -2.39 -12.46
CAY Y01 Y . 18.32 -2.76 -12.85
OAG Y01 Y . 18.42 -2.80 -14.10
CAM Y01 Y . 19.41 -3.07 -11.90
CAL Y01 Y . 20.27 -4.24 -12.34
CAX Y01 Y . 20.98 -3.95 -13.69
OAH Y01 Y . 22.00 -3.22 -13.64
OAF Y01 Y . 20.47 -4.45 -14.71
HAA1 Y01 Y . 14.61 7.33 -25.70
HAA2 Y01 Y . 13.71 8.57 -25.97
HAA3 Y01 Y . 14.46 8.40 -24.59
HBA Y01 Y . 12.76 6.30 -25.15
HAB1 Y01 Y . 11.40 7.95 -26.14
HAB2 Y01 Y . 10.67 7.39 -24.89
HAB3 Y01 Y . 11.39 8.77 -24.81
HAN1 Y01 Y . 12.57 7.81 -22.78
HAN2 Y01 Y . 12.05 6.34 -23.01
HAJ1 Y01 Y . 14.22 5.51 -22.95
HAJ2 Y01 Y . 14.81 6.95 -22.83
HAO1 Y01 Y . 14.14 7.21 -20.72
HAO2 Y01 Y . 13.05 6.10 -20.84
HBB Y01 Y . 15.03 4.52 -21.04
HAC1 Y01 Y . 16.95 5.51 -21.09
HAC2 Y01 Y . 16.32 6.88 -20.72
HAC3 Y01 Y . 16.73 5.91 -19.57
HBE Y01 Y . 14.43 5.64 -18.55
HAP1 Y01 Y . 12.42 4.58 -18.76
HAP2 Y01 Y . 12.83 4.09 -20.14
HAQ1 Y01 Y . 12.44 2.33 -18.37
HAQ2 Y01 Y . 13.61 2.07 -19.32
HBG Y01 Y . 13.84 3.43 -16.84
HBD Y01 Y . 15.40 1.23 -17.51
HAE1 Y01 Y . 17.05 2.63 -18.61
HAE2 Y01 Y . 15.86 2.17 -19.46
HAE3 Y01 Y . 16.65 3.42 -19.86
HAU1 Y01 Y . 16.80 4.97 -17.40
HAU2 Y01 Y . 15.49 4.97 -16.56
HAS1 Y01 Y . 17.51 3.03 -16.48
HAS2 Y01 Y . 16.92 3.83 -15.29
HBF Y01 Y . 15.20 2.46 -14.98
HAK1 Y01 Y . 13.14 1.30 -15.86
HAK2 Y01 Y . 13.38 0.38 -17.11
HAI Y01 Y . 13.71 -0.92 -15.42
HAV1 Y01 Y . 14.98 -1.90 -13.88
HAV2 Y01 Y . 16.27 -2.10 -14.68
HBC Y01 Y . 16.03 -0.72 -12.21
HAD1 Y01 Y . 17.70 -0.54 -16.09
HAD2 Y01 Y . 17.46 0.70 -17.01
HAD3 Y01 Y . 18.47 0.77 -15.82
HAT1 Y01 Y . 17.81 1.84 -13.91
HAT2 Y01 Y . 16.43 1.58 -13.23
HAR1 Y01 Y . 18.41 -0.39 -13.66
HAR2 Y01 Y . 18.06 0.21 -12.26
HAM1 Y01 Y . 19.97 -2.28 -11.81
HAM2 Y01 Y . 19.01 -3.29 -11.05
HAL1 Y01 Y . 19.71 -5.03 -12.46
HAL2 Y01 Y . 20.93 -4.45 -11.68
CAA Y01 Z . 16.36 43.22 1.69
CBA Y01 Z . 14.85 43.28 1.93
CAB Y01 Z . 14.53 43.68 3.36
CAN Y01 Z . 14.07 41.98 1.55
CAJ Y01 Z . 14.88 40.74 1.12
CAO Y01 Z . 15.39 39.94 2.32
CBB Y01 Z . 16.09 38.64 1.91
CAC Y01 Z . 17.51 38.95 1.43
CBE Y01 Z . 16.05 37.69 3.12
CAP Y01 Z . 14.62 37.09 3.25
CAQ Y01 Z . 14.77 35.66 3.81
CBG Y01 Z . 16.22 35.69 4.31
CBI Y01 Z . 16.92 36.41 3.17
CAE Y01 Z . 16.90 35.63 1.86
CAU Y01 Z . 18.36 36.64 3.64
CAS Y01 Z . 19.06 35.36 4.12
CBF Y01 Z . 18.28 34.58 5.21
CBD Y01 Z . 16.85 34.36 4.72
CAK Y01 Z . 16.03 33.74 5.81
CAI Y01 Z . 16.67 32.73 6.55
CAZ Y01 Z . 18.02 32.43 6.50
CAV Y01 Z . 18.42 31.31 7.38
CBH Y01 Z . 18.93 33.22 5.63
CAD Y01 Z . 19.33 32.37 4.45
CAT Y01 Z . 20.19 33.50 6.47
CAR Y01 Z . 20.76 32.27 7.18
CBC Y01 Z . 19.71 31.63 8.10
OAW Y01 Z . 20.08 30.36 8.62
CAY Y01 Z . 21.40 30.17 8.86
OAG Y01 Z . 21.98 29.67 7.87
CAM Y01 Z . 22.04 30.51 10.14
CAL Y01 Z . 23.48 30.04 10.23
CAX Y01 Z . 24.44 30.96 9.44
OAH Y01 Z . 24.09 31.28 8.29
OAF Y01 Z . 25.48 31.31 10.05
HAA1 Y01 Z . 16.77 42.43 2.05
HAA2 Y01 Z . 16.56 43.23 0.74
HAA3 Y01 Z . 16.82 43.97 2.10
HBA Y01 Z . 14.51 43.97 1.35
HAB1 Y01 Z . 14.88 44.56 3.55
HAB2 Y01 Z . 13.58 43.71 3.52
HAB3 Y01 Z . 14.92 43.07 4.00
HAN1 Y01 Z . 13.51 41.74 2.30
HAN2 Y01 Z . 13.50 42.21 0.80
HAJ1 Y01 Z . 14.32 40.17 0.56
HAJ2 Y01 Z . 15.64 40.99 0.59
HAO1 Y01 Z . 15.99 40.50 2.83
HAO2 Y01 Z . 14.63 39.75 2.88
HBB Y01 Z . 15.64 38.19 1.17
HAC1 Y01 Z . 17.53 39.76 0.90
HAC2 Y01 Z . 18.12 39.08 2.17
HAC3 Y01 Z . 17.86 38.21 0.92
HBE Y01 Z . 16.31 38.24 3.88
HAP1 Y01 Z . 14.06 37.62 3.85
HAP2 Y01 Z . 14.14 37.09 2.42
HAQ1 Y01 Z . 14.12 35.45 4.49
HAQ2 Y01 Z . 14.64 34.98 3.14
HBG Y01 Z . 16.25 36.21 5.13
HBD Y01 Z . 16.86 33.74 3.96
HAE1 Y01 Z . 16.84 34.67 2.00
HAE2 Y01 Z . 16.14 35.86 1.30
HAE3 Y01 Z . 17.69 35.78 1.32
HAU1 Y01 Z . 18.88 37.03 2.93
HAU2 Y01 Z . 18.35 37.27 4.38
HAS1 Y01 Z . 19.23 34.79 3.35
HAS2 Y01 Z . 19.91 35.62 4.49
HBF Y01 Z . 18.28 35.14 6.00
HAK1 Y01 Z . 15.73 34.40 6.46
HAK2 Y01 Z . 15.25 33.32 5.42
HAI Y01 Z . 16.11 32.22 7.09
HAV1 Y01 Z . 17.75 31.09 8.04
HAV2 Y01 Z . 18.52 30.50 6.85
HBC Y01 Z . 19.58 32.28 8.80
HAD1 Y01 Z . 19.54 31.46 4.71
HAD2 Y01 Z . 18.62 32.32 3.78
HAD3 Y01 Z . 20.12 32.71 3.99
HAT1 Y01 Z . 20.87 33.86 5.88
HAT2 Y01 Z . 19.98 34.18 7.13
HAR1 Y01 Z . 21.07 31.63 6.53
HAR2 Y01 Z . 21.53 32.55 7.71
HAM1 Y01 Z . 22.02 31.47 10.25
HAM2 Y01 Z . 21.54 30.10 10.86
HAL1 Y01 Z . 23.76 30.03 11.16
HAL2 Y01 Z . 23.56 29.13 9.89
CAA Y01 AA . 10.06 34.31 1.68
CBA Y01 AA . 8.73 33.56 1.55
CAB Y01 AA . 7.63 34.26 2.37
CAN Y01 AA . 8.81 32.06 1.91
CAJ Y01 AA . 10.02 31.60 2.73
CAO Y01 AA . 9.78 30.24 3.40
CBB Y01 AA . 11.09 29.56 3.85
CAC Y01 AA . 12.04 30.59 4.43
CBE Y01 AA . 10.69 28.44 4.85
CAP Y01 AA . 10.01 27.28 4.06
CAQ Y01 AA . 10.50 25.95 4.68
CBG Y01 AA . 10.98 26.42 6.03
CBI Y01 AA . 11.75 27.68 5.69
CAE Y01 AA . 13.02 27.40 4.90
CAU Y01 AA . 12.09 28.33 7.03
CAS Y01 AA . 12.86 27.39 7.98
CBF Y01 AA . 12.18 26.03 8.22
CBD Y01 AA . 11.77 25.42 6.88
CAK Y01 AA . 10.92 24.21 7.13
CAI Y01 AA . 11.38 23.36 8.16
CAZ Y01 AA . 12.36 23.68 9.08
CAV Y01 AA . 12.63 22.58 10.04
CBH Y01 AA . 13.02 25.00 9.04
CAD Y01 AA . 14.43 24.83 8.49
CAT Y01 AA . 13.15 25.46 10.51
CAR Y01 AA . 13.73 24.40 11.45
CBC Y01 AA . 12.87 23.12 11.44
OAW Y01 AA . 13.47 22.01 12.08
CAY Y01 AA . 13.92 22.21 13.36
OAG Y01 AA . 15.17 22.24 13.39
CAM Y01 AA . 13.02 22.33 14.51
CAL Y01 AA . 12.57 21.00 15.09
CAX Y01 AA . 13.76 20.20 15.67
OAH Y01 AA . 14.65 19.83 14.86
OAF Y01 AA . 13.73 19.97 16.90
HAA1 Y01 AA . 10.37 34.35 2.60
HAA2 Y01 AA . 10.76 33.86 1.19
HAA3 Y01 AA . 10.00 35.22 1.38
HBA Y01 AA . 8.49 33.62 0.62
HAB1 Y01 AA . 7.49 35.16 2.05
HAB2 Y01 AA . 6.79 33.79 2.28
HAB3 Y01 AA . 7.85 34.30 3.31
HAN1 Y01 AA . 8.00 31.81 2.39
HAN2 Y01 AA . 8.83 31.58 1.07
HAJ1 Y01 AA . 10.80 31.55 2.15
HAJ2 Y01 AA . 10.21 32.24 3.43
HAO1 Y01 AA . 9.19 30.38 4.15
HAO2 Y01 AA . 9.32 29.68 2.76
HBB Y01 AA . 11.55 29.13 3.12
HAC1 Y01 AA . 12.46 31.12 3.74
HAC2 Y01 AA . 11.59 31.21 5.03
HAC3 Y01 AA . 12.73 30.17 4.97
HBE Y01 AA . 10.09 28.87 5.47
HAP1 Y01 AA . 9.05 27.32 4.09
HAP2 Y01 AA . 10.22 27.31 3.10
HAQ1 Y01 AA . 9.79 25.29 4.71
HAQ2 Y01 AA . 11.20 25.53 4.17
HBG Y01 AA . 10.21 26.62 6.60
HBD Y01 AA . 12.56 25.14 6.41
HAE1 Y01 AA . 13.55 26.68 5.28
HAE2 Y01 AA . 12.84 27.12 3.98
HAE3 Y01 AA . 13.61 28.16 4.83
HAU1 Y01 AA . 12.61 29.13 6.88
HAU2 Y01 AA . 11.27 28.59 7.46
HAS1 Y01 AA . 13.75 27.27 7.63
HAS2 Y01 AA . 12.93 27.85 8.83
HBF Y01 AA . 11.39 26.21 8.76
HAK1 Y01 AA . 10.01 24.44 7.35
HAK2 Y01 AA . 10.91 23.65 6.33
HAI Y01 AA . 10.98 22.53 8.19
HAV1 Y01 AA . 11.91 21.93 10.09
HAV2 Y01 AA . 13.41 22.08 9.75
HBC Y01 AA . 12.04 23.39 11.88
HAD1 Y01 AA . 14.90 24.10 8.93
HAD2 Y01 AA . 14.42 24.65 7.54
HAD3 Y01 AA . 14.97 25.62 8.63
HAT1 Y01 AA . 13.72 26.24 10.54
HAT2 Y01 AA . 12.28 25.73 10.84
HAR1 Y01 AA . 14.64 24.19 11.20
HAR2 Y01 AA . 13.74 24.76 12.35
HAM1 Y01 AA . 13.48 22.83 15.20
HAM2 Y01 AA . 12.23 22.83 14.23
HAL1 Y01 AA . 11.93 21.15 15.80
HAL2 Y01 AA . 12.13 20.47 14.40
CAA Y01 BA . 2.87 27.57 0.15
CBA Y01 BA . 2.64 28.46 1.35
CAB Y01 BA . 3.92 29.21 1.74
CAN Y01 BA . 2.02 27.75 2.57
CAJ Y01 BA . 2.97 27.00 3.54
CAO Y01 BA . 2.57 25.53 3.72
CBB Y01 BA . 3.70 24.68 4.34
CAC Y01 BA . 4.35 25.46 5.47
CBE Y01 BA . 3.10 23.32 4.80
CAP Y01 BA . 2.29 22.71 3.64
CAQ Y01 BA . 2.10 21.20 3.96
CBG Y01 BA . 2.93 21.03 5.23
CBI Y01 BA . 3.98 22.11 5.13
CAE Y01 BA . 4.97 21.78 4.02
CAU Y01 BA . 4.63 22.14 6.51
CAS Y01 BA . 5.20 20.79 6.96
CBF Y01 BA . 4.23 19.60 6.85
CBD Y01 BA . 3.55 19.64 5.50
CAK Y01 BA . 2.47 18.60 5.48
CAI Y01 BA . 2.90 17.32 5.86
CAZ Y01 BA . 4.03 17.07 6.61
CAV Y01 BA . 4.27 15.64 6.89
CBH Y01 BA . 4.88 18.18 7.08
CAD Y01 BA . 6.22 18.06 6.41
CAT Y01 BA . 5.05 17.92 8.57
CAR Y01 BA . 5.57 16.51 8.90
CBC Y01 BA . 4.63 15.43 8.35
OAW Y01 BA . 5.19 14.13 8.35
CAY Y01 BA . 5.45 13.57 9.57
OAG Y01 BA . 4.80 14.12 10.48
CAM Y01 BA . 6.38 12.45 9.76
CAL Y01 BA . 6.16 11.72 11.08
CAX Y01 BA . 7.04 10.47 11.19
OAH Y01 BA . 8.17 10.52 10.65
OAF Y01 BA . 6.56 9.49 11.81
HAA1 Y01 BA . 3.78 27.60 -0.17
HAA2 Y01 BA . 2.71 26.64 0.37
HAA3 Y01 BA . 2.30 27.81 -0.61
HBA Y01 BA . 2.00 29.14 1.07
HAB1 Y01 BA . 4.13 29.90 1.09
HAB2 Y01 BA . 3.84 29.66 2.59
HAB3 Y01 BA . 4.68 28.62 1.78
HAN1 Y01 BA . 1.52 28.40 3.09
HAN2 Y01 BA . 1.40 27.09 2.22
HAJ1 Y01 BA . 3.88 27.06 3.19
HAJ2 Y01 BA . 2.96 27.43 4.40
HAO1 Y01 BA . 1.77 25.51 4.28
HAO2 Y01 BA . 2.33 25.19 2.85
HBB Y01 BA . 4.39 24.49 3.70
HAC1 Y01 BA . 5.02 26.08 5.14
HAC2 Y01 BA . 3.71 25.98 5.98
HAC3 Y01 BA . 4.76 24.86 6.11
HBE Y01 BA . 2.55 23.53 5.58
HAP1 Y01 BA . 1.44 23.13 3.52
HAP2 Y01 BA . 2.74 22.83 2.80
HAQ1 Y01 BA . 1.16 20.97 4.07
HAQ2 Y01 BA . 2.41 20.63 3.25
HBG Y01 BA . 2.37 21.17 5.99
HBD Y01 BA . 4.18 19.42 4.81
HAE1 Y01 BA . 5.60 21.13 4.31
HAE2 Y01 BA . 4.56 21.41 3.23
HAE3 Y01 BA . 5.46 22.56 3.74
HAU1 Y01 BA . 5.34 22.80 6.51
HAU2 Y01 BA . 3.97 22.41 7.15
HAS1 Y01 BA . 6.01 20.63 6.45
HAS2 Y01 BA . 5.47 20.89 7.89
HBF Y01 BA . 3.58 19.71 7.57
HAK1 Y01 BA . 1.74 18.83 6.07
HAK2 Y01 BA . 2.13 18.51 4.57
HAI Y01 BA . 2.37 16.62 5.58
HAV1 Y01 BA . 3.51 15.08 6.67
HAV2 Y01 BA . 4.99 15.32 6.32
HBC Y01 BA . 3.84 15.48 8.91
HAD1 Y01 BA . 6.45 17.15 6.25
HAD2 Y01 BA . 6.24 18.53 5.56
HAD3 Y01 BA . 6.94 18.44 6.95
HAT1 Y01 BA . 5.66 18.57 8.94
HAT2 Y01 BA . 4.19 18.04 9.02
HAR1 Y01 BA . 6.46 16.40 8.54
HAR2 Y01 BA . 5.63 16.42 9.87
HAM1 Y01 BA . 6.26 11.83 9.03
HAM2 Y01 BA . 7.29 12.79 9.75
HAL1 Y01 BA . 6.38 12.32 11.82
HAL2 Y01 BA . 5.22 11.47 11.16
CAA Y01 CA . -2.83 28.38 6.88
CBA Y01 CA . -1.32 28.31 6.68
CAB Y01 CA . -0.93 28.71 5.26
CAN Y01 CA . -0.72 26.93 7.04
CAJ Y01 CA . 0.78 26.88 7.33
CAO Y01 CA . 1.20 25.46 7.72
CBB Y01 CA . 1.51 25.33 9.22
CAC Y01 CA . 0.24 25.54 10.02
CBE Y01 CA . 2.14 23.95 9.43
CAP Y01 CA . 3.67 24.08 9.33
CAQ Y01 CA . 4.26 22.84 10.04
CBG Y01 CA . 3.01 22.06 10.42
CBI Y01 CA . 2.02 23.17 10.76
CAE Y01 CA . 2.42 23.99 11.97
CAU Y01 CA . 0.67 22.47 10.98
CAS Y01 CA . 0.73 21.32 12.00
CBF Y01 CA . 1.83 20.28 11.72
CBD Y01 CA . 3.14 21.01 11.53
CAK Y01 CA . 4.22 20.04 11.13
CAI Y01 CA . 4.17 18.78 11.75
CAZ Y01 CA . 3.15 18.31 12.56
CAV Y01 CA . 3.38 16.95 13.09
CBH Y01 CA . 1.99 19.19 12.82
CAD Y01 CA . 2.12 19.76 14.22
CAT Y01 CA . 0.77 18.28 12.81
CAR Y01 CA . 0.90 17.04 13.69
CBC Y01 CA . 2.07 16.18 13.27
OAW Y01 CA . 2.42 15.21 14.24
CAY Y01 CA . 2.94 14.02 13.81
OAG Y01 CA . 3.31 14.07 12.61
CAM Y01 CA . 3.05 12.85 14.69
CAL Y01 CA . 4.46 12.59 15.19
CAX Y01 CA . 4.49 11.40 16.17
OAH Y01 CA . 3.69 11.44 17.14
OAF Y01 CA . 5.31 10.49 15.90
HAA1 Y01 CA . -3.23 27.51 7.03
HAA2 Y01 CA . -3.06 28.91 7.66
HAA3 Y01 CA . -3.29 28.76 6.12
HBA Y01 CA . -0.93 28.95 7.29
HAB1 Y01 CA . -1.19 29.62 5.08
HAB2 Y01 CA . 0.03 28.65 5.13
HAB3 Y01 CA . -1.35 28.14 4.60
HAN1 Y01 CA . -1.20 26.57 7.79
HAN2 Y01 CA . -0.88 26.36 6.27
HAJ1 Y01 CA . 1.28 27.16 6.56
HAJ2 Y01 CA . 1.01 27.47 8.06
HAO1 Y01 CA . 0.49 24.84 7.48
HAO2 Y01 CA . 1.99 25.24 7.20
HBB Y01 CA . 2.15 25.99 9.53
HAC1 Y01 CA . -0.19 26.37 9.79
HAC2 Y01 CA . -0.38 24.83 9.85
HAC3 Y01 CA . 0.43 25.53 10.96
HBE Y01 CA . 1.75 23.39 8.72
HAP1 Y01 CA . 3.99 24.12 8.41
HAP2 Y01 CA . 4.00 24.90 9.73
HAQ1 Y01 CA . 4.87 22.35 9.47
HAQ2 Y01 CA . 4.80 23.07 10.81
HBG Y01 CA . 2.71 21.54 9.66
HBD Y01 CA . 3.41 21.44 12.35
HAE1 Y01 CA . 3.20 23.62 12.43
HAE2 Y01 CA . 2.66 24.90 11.75
HAE3 Y01 CA . 1.72 24.05 12.64
HAU1 Y01 CA . 0.02 23.14 11.28
HAU2 Y01 CA . 0.36 22.12 10.14
HAS1 Y01 CA . 0.83 21.71 12.88
HAS2 Y01 CA . -0.13 20.88 11.97
HBF Y01 CA . 1.58 19.82 10.92
HAK1 Y01 CA . 4.21 19.88 10.17
HAK2 Y01 CA . 5.08 20.40 11.37
HAI Y01 CA . 4.91 18.23 11.58
HAV1 Y01 CA . 3.96 16.42 12.52
HAV2 Y01 CA . 3.84 17.01 13.94
HBC Y01 CA . 1.77 15.77 12.44
HAD1 Y01 CA . 2.44 19.11 14.86
HAD2 Y01 CA . 2.74 20.51 14.25
HAD3 Y01 CA . 1.27 20.09 14.56
HAT1 Y01 CA . 0.01 18.79 13.11
HAT2 Y01 CA . 0.60 18.00 11.90
HAR1 Y01 CA . 1.01 17.31 14.62
HAR2 Y01 CA . 0.08 16.53 13.63
HAM1 Y01 CA . 2.47 12.98 15.44
HAM2 Y01 CA . 2.76 12.07 14.18
HAL1 Y01 CA . 5.04 12.39 14.43
HAL2 Y01 CA . 4.81 13.38 15.62
CAA Y01 DA . 18.90 16.55 -20.53
CBA Y01 DA . 19.82 16.30 -19.34
CAB Y01 DA . 21.10 17.13 -19.46
CAN Y01 DA . 20.14 14.80 -19.09
CAJ Y01 DA . 21.04 14.45 -17.91
CAO Y01 DA . 20.24 13.98 -16.69
CBB Y01 DA . 21.16 13.42 -15.56
CAC Y01 DA . 22.14 14.51 -15.15
CBE Y01 DA . 20.27 12.92 -14.39
CAP Y01 DA . 19.24 11.88 -14.92
CAQ Y01 DA . 18.94 10.90 -13.78
CBG Y01 DA . 19.58 11.59 -12.58
CBI Y01 DA . 20.88 12.14 -13.19
CAE Y01 DA . 21.85 11.04 -13.62
CAU Y01 DA . 21.50 13.02 -12.10
CAS Y01 DA . 21.74 12.28 -10.78
CBF Y01 DA . 20.48 11.55 -10.22
CBD Y01 DA . 19.80 10.76 -11.33
CAK Y01 DA . 18.47 10.26 -10.82
CAI Y01 DA . 18.51 9.72 -9.52
CAZ Y01 DA . 19.55 9.85 -8.62
CAV Y01 DA . 19.31 9.17 -7.34
CBH Y01 DA . 20.75 10.63 -9.00
CAD Y01 DA . 21.90 9.65 -9.24
CAT Y01 DA . 21.09 11.47 -7.76
CAR Y01 DA . 21.29 10.63 -6.50
CBC Y01 DA . 20.04 9.81 -6.14
OAW Y01 DA . 20.31 8.65 -5.35
CAY Y01 DA . 21.23 8.77 -4.34
OAG Y01 DA . 22.40 8.68 -4.79
CAM Y01 DA . 20.86 8.94 -2.93
CAL Y01 DA . 21.00 7.66 -2.12
CAX Y01 DA . 21.89 7.86 -0.86
OAH Y01 DA . 21.49 8.70 -0.02
OAF Y01 DA . 22.93 7.17 -0.80
HAA1 Y01 DA . 18.89 15.80 -21.14
HAA2 Y01 DA . 17.99 16.68 -20.24
HAA3 Y01 DA . 19.17 17.32 -21.05
HBA Y01 DA . 19.35 16.62 -18.56
HAB1 Y01 DA . 20.91 18.04 -19.74
HAB2 Y01 DA . 21.58 17.18 -18.62
HAB3 Y01 DA . 21.71 16.75 -20.13
HAN1 Y01 DA . 19.29 14.32 -19.00
HAN2 Y01 DA . 20.58 14.49 -19.90
HAJ1 Y01 DA . 21.67 13.76 -18.17
HAJ2 Y01 DA . 21.56 15.22 -17.64
HAO1 Y01 DA . 19.72 14.72 -16.35
HAO2 Y01 DA . 19.62 13.29 -17.00
HBB Y01 DA . 21.68 12.66 -15.88
HAC1 Y01 DA . 23.03 14.31 -15.48
HAC2 Y01 DA . 21.90 15.37 -15.49
HAC3 Y01 DA . 22.16 14.59 -14.20
HBE Y01 DA . 19.85 13.73 -14.04
HAP1 Y01 DA . 18.41 12.30 -15.22
HAP2 Y01 DA . 19.57 11.42 -15.71
HAQ1 Y01 DA . 18.00 10.73 -13.67
HAQ2 Y01 DA . 19.32 10.01 -13.93
HBG Y01 DA . 19.00 12.30 -12.29
HBD Y01 DA . 20.34 9.98 -11.54
HAE1 Y01 DA . 22.02 10.40 -12.91
HAE2 Y01 DA . 21.52 10.51 -14.36
HAE3 Y01 DA . 22.71 11.39 -13.89
HAU1 Y01 DA . 22.34 13.37 -12.42
HAU2 Y01 DA . 20.91 13.77 -11.92
HAS1 Y01 DA . 22.46 11.65 -10.91
HAS2 Y01 DA . 22.02 12.93 -10.14
HBF Y01 DA . 19.89 12.25 -9.90
HAK1 Y01 DA . 17.80 10.96 -10.80
HAK2 Y01 DA . 18.16 9.55 -11.39
HAI Y01 DA . 17.76 9.23 -9.28
HAV1 Y01 DA . 18.36 9.13 -7.11
HAV2 Y01 DA . 19.58 8.24 -7.41
HBC Y01 DA . 19.48 10.43 -5.67
HAD1 Y01 DA . 21.79 8.83 -8.74
HAD2 Y01 DA . 21.99 9.42 -10.17
HAD3 Y01 DA . 22.76 10.02 -8.96
HAT1 Y01 DA . 21.89 11.97 -7.93
HAT2 Y01 DA . 20.37 12.10 -7.61
HAR1 Y01 DA . 22.05 10.05 -6.62
HAR2 Y01 DA . 21.50 11.23 -5.76
HAM1 Y01 DA . 21.42 9.63 -2.54
HAM2 Y01 DA . 19.94 9.23 -2.90
HAL1 Y01 DA . 20.13 7.35 -1.83
HAL2 Y01 DA . 21.39 6.95 -2.67
CAA Y01 EA . -10.90 27.18 16.24
CBA Y01 EA . -10.40 25.79 15.90
CAB Y01 EA . -11.55 24.81 15.72
CAN Y01 EA . -9.33 25.25 16.88
CAJ Y01 EA . -9.65 23.97 17.68
CAO Y01 EA . -8.69 23.82 18.85
CBB Y01 EA . -8.97 22.57 19.74
CAC Y01 EA . -10.40 22.61 20.21
CBE Y01 EA . -8.60 21.23 19.00
CAP Y01 EA . -7.28 21.39 18.22
CAQ Y01 EA . -6.70 19.97 18.01
CBG Y01 EA . -7.73 19.07 18.69
CBI Y01 EA . -8.30 19.94 19.79
CAE Y01 EA . -7.30 20.16 20.95
CAU Y01 EA . -9.53 19.18 20.29
CAS Y01 EA . -9.22 17.76 20.79
CBF Y01 EA . -8.36 16.89 19.83
CBD Y01 EA . -7.23 17.72 19.23
CAK Y01 EA . -6.61 16.93 18.09
CAI Y01 EA . -6.36 15.58 18.41
CAZ Y01 EA . -6.86 14.89 19.51
CAV Y01 EA . -6.42 13.48 19.57
CBH Y01 EA . -7.75 15.60 20.47
CAD Y01 EA . -6.96 15.87 21.74
CAT Y01 EA . -8.87 14.60 20.83
CAR Y01 EA . -8.37 13.19 21.19
CBC Y01 EA . -7.58 12.58 20.01
OAW Y01 EA . -7.01 11.26 20.22
CAY Y01 EA . -6.17 11.03 21.28
OAG Y01 EA . -5.95 12.05 21.98
CAM Y01 EA . -5.58 9.70 21.54
CAL Y01 EA . -6.04 9.09 22.85
CAX Y01 EA . -4.95 8.16 23.46
OAH Y01 EA . -4.33 8.60 24.46
OAF Y01 EA . -4.78 7.05 22.89
HAA1 Y01 EA . -10.84 27.38 17.19
HAA2 Y01 EA . -10.37 27.86 15.80
HAA3 Y01 EA . -11.84 27.31 15.99
HBA Y01 EA . -9.96 25.87 15.03
HAB1 Y01 EA . -12.15 25.09 15.00
HAB2 Y01 EA . -11.25 23.92 15.50
HAB3 Y01 EA . -12.10 24.75 16.52
HAN1 Y01 EA . -8.50 25.09 16.38
HAN2 Y01 EA . -9.17 25.95 17.53
HAJ1 Y01 EA . -10.56 24.01 18.00
HAJ2 Y01 EA . -9.58 23.18 17.11
HAO1 Y01 EA . -7.79 23.80 18.50
HAO2 Y01 EA . -8.77 24.61 19.39
HBB Y01 EA . -8.42 22.59 20.54
HAC1 Y01 EA . -10.66 23.49 20.54
HAC2 Y01 EA . -11.02 22.38 19.50
HAC3 Y01 EA . -10.55 21.95 20.91
HBE Y01 EA . -9.37 21.06 18.42
HAP1 Y01 EA . -7.41 21.83 17.36
HAP2 Y01 EA . -6.64 21.96 18.69
HAQ1 Y01 EA . -6.56 19.77 17.07
HAQ2 Y01 EA . -5.82 19.87 18.39
HBG Y01 EA . -8.41 18.81 18.05
HBD Y01 EA . -6.54 17.86 19.88
HAE1 Y01 EA . -7.13 19.35 21.44
HAE2 Y01 EA . -6.44 20.46 20.63
HAE3 Y01 EA . -7.62 20.81 21.58
HAU1 Y01 EA . -9.96 19.69 20.99
HAU2 Y01 EA . -10.16 19.11 19.55
HAS1 Y01 EA . -8.80 17.84 21.66
HAS2 Y01 EA . -10.07 17.32 20.92
HBF Y01 EA . -8.95 16.58 19.14
HAK1 Y01 EA . -7.17 16.93 17.31
HAK2 Y01 EA . -5.75 17.31 17.87
HAI Y01 EA . -5.80 15.13 17.81
HAV1 Y01 EA . -6.08 13.14 18.73
HAV2 Y01 EA . -5.69 13.40 20.20
HBC Y01 EA . -8.26 12.54 19.32
HAD1 Y01 EA . -6.47 15.09 22.03
HAD2 Y01 EA . -6.32 16.59 21.61
HAD3 Y01 EA . -7.54 16.13 22.47
HAT1 Y01 EA . -9.37 14.95 21.58
HAT2 Y01 EA . -9.49 14.53 20.09
HAR1 Y01 EA . -7.83 13.24 21.99
HAR2 Y01 EA . -9.14 12.63 21.39
HAM1 Y01 EA . -5.83 9.12 20.81
HAM2 Y01 EA . -4.62 9.79 21.56
HAL1 Y01 EA . -6.83 8.56 22.70
HAL2 Y01 EA . -6.26 9.78 23.49
CAA Y01 FA . -13.75 -8.29 15.11
CBA Y01 FA . -14.23 -6.84 15.11
CAB Y01 FA . -13.19 -5.91 14.64
CAN Y01 FA . -15.57 -6.58 14.38
CAJ Y01 FA . -16.08 -5.12 14.02
CAO Y01 FA . -16.49 -4.84 12.47
CBB Y01 FA . -18.00 -4.63 12.12
CAC Y01 FA . -18.75 -5.84 12.68
CBE Y01 FA . -18.51 -3.13 12.53
CAP Y01 FA . -17.41 -2.14 12.48
CAQ Y01 FA . -18.00 -0.76 12.33
CBG Y01 FA . -19.43 -0.88 12.43
CBI Y01 FA . -19.61 -2.21 11.76
CAE Y01 FA . -19.24 -2.10 10.35
CAU Y01 FA . -21.17 -2.49 12.02
CAS Y01 FA . -22.23 -1.23 12.02
CBF Y01 FA . -21.77 0.16 12.41
CBD Y01 FA . -20.35 0.25 11.86
CAK Y01 FA . -19.83 1.54 12.34
CAI Y01 FA . -20.57 2.63 11.94
CAZ Y01 FA . -21.94 2.65 11.77
CAV Y01 FA . -22.62 3.79 11.25
CBH Y01 FA . -22.67 1.47 12.06
CAD Y01 FA . -23.53 1.14 10.88
CAT Y01 FA . -23.67 1.94 13.17
CAR Y01 FA . -24.57 2.99 12.63
CBC Y01 FA . -23.83 4.16 12.09
OAW Y01 FA . -24.67 5.07 11.35
CAY Y01 FA . -25.72 5.58 11.88
OAG Y01 FA . -25.34 6.62 12.45
CAM Y01 FA . -27.11 5.12 11.81
CAL Y01 FA . -28.13 6.29 11.85
CAX Y01 FA . -29.70 5.76 11.69
OAH Y01 FA . -30.24 5.79 10.56
OAF Y01 FA . -30.26 5.31 12.69
HAA1 Y01 FA . -14.45 -8.91 15.35
HAA2 Y01 FA . -13.05 -8.42 15.76
HAA3 Y01 FA . -13.43 -8.57 14.24
HBA Y01 FA . -14.40 -6.62 16.04
HAB1 Y01 FA . -13.45 -4.96 14.74
HAB2 Y01 FA . -12.35 -5.99 15.15
HAB3 Y01 FA . -12.97 -6.04 13.70
HAN1 Y01 FA . -15.62 -7.13 13.56
HAN2 Y01 FA . -16.25 -6.94 14.99
HAJ1 Y01 FA . -16.85 -4.91 14.58
HAJ2 Y01 FA . -15.40 -4.48 14.24
HAO1 Y01 FA . -15.98 -4.08 12.18
HAO2 Y01 FA . -16.17 -5.60 11.95
HBB Y01 FA . -18.12 -4.67 11.16
HAC1 Y01 FA . -18.45 -6.68 12.29
HAC2 Y01 FA . -18.66 -5.92 13.66
HAC3 Y01 FA . -19.70 -5.74 12.53
HBE Y01 FA . -18.83 -3.27 13.48
HAP1 Y01 FA . -16.87 -2.16 13.28
HAP2 Y01 FA . -16.76 -2.28 11.75
HAQ1 Y01 FA . -17.65 -0.16 13.01
HAQ2 Y01 FA . -17.71 -0.31 11.50
HBG Y01 FA . -19.58 -0.89 13.49
HBD Y01 FA . -20.32 0.22 10.82
HAE1 Y01 FA . -19.79 -1.47 9.82
HAE2 Y01 FA . -18.31 -1.84 10.18
HAE3 Y01 FA . -19.34 -2.95 9.90
HAU1 Y01 FA . -21.49 -3.17 11.38
HAU2 Y01 FA . -21.24 -2.91 12.89
HAS1 Y01 FA . -22.63 -1.20 11.14
HAS2 Y01 FA . -22.94 -1.48 12.63
HBF Y01 FA . -21.77 0.07 13.44
HAK1 Y01 FA . -19.72 1.63 13.33
HAK2 Y01 FA . -18.96 1.72 11.93
HAI Y01 FA . -20.03 3.38 11.73
HAV1 Y01 FA . -22.04 4.67 11.08
HAV2 Y01 FA . -22.87 3.47 10.26
HBC Y01 FA . -23.47 4.62 12.95
HAD1 Y01 FA . -24.17 1.84 10.52
HAD2 Y01 FA . -22.99 0.83 10.10
HAD3 Y01 FA . -24.11 0.35 11.05
HAT1 Y01 FA . -24.24 1.18 13.46
HAT2 Y01 FA . -23.23 2.25 14.06
HAR1 Y01 FA . -25.20 2.53 11.97
HAR2 Y01 FA . -25.13 3.29 13.36
HAM1 Y01 FA . -27.29 4.59 10.98
HAM2 Y01 FA . -27.27 4.55 12.57
HAL1 Y01 FA . -28.01 6.78 12.71
HAL2 Y01 FA . -27.90 6.98 11.14
CAA Y01 GA . -18.54 -12.05 9.58
CBA Y01 GA . -19.28 -12.42 8.29
CAB Y01 GA . -18.43 -13.38 7.46
CAN Y01 GA . -19.75 -11.21 7.45
CAJ Y01 GA . -21.26 -10.93 7.41
CAO Y01 GA . -21.57 -9.44 7.17
CBB Y01 GA . -23.10 -9.19 6.97
CAC Y01 GA . -23.83 -9.48 8.27
CBE Y01 GA . -23.32 -7.73 6.47
CAP Y01 GA . -22.56 -7.54 5.13
CAQ Y01 GA . -23.40 -6.57 4.27
CBG Y01 GA . -24.35 -5.99 5.28
CBI Y01 GA . -24.73 -7.22 6.09
CAE Y01 GA . -25.55 -8.24 5.29
CAU Y01 GA . -25.56 -6.68 7.26
CAS Y01 GA . -26.80 -5.88 6.81
CBF Y01 GA . -26.49 -4.72 5.83
CBD Y01 GA . -25.55 -5.21 4.73
CAK Y01 GA . -25.06 -4.01 3.98
CAI Y01 GA . -26.06 -3.07 3.66
CAZ Y01 GA . -27.33 -3.03 4.18
CAV Y01 GA . -28.17 -1.93 3.67
CBH Y01 GA . -27.74 -4.05 5.17
CAD Y01 GA . -28.66 -5.05 4.49
CAT Y01 GA . -28.56 -3.31 6.24
CAR Y01 GA . -29.64 -2.38 5.66
CBC Y01 GA . -28.98 -1.31 4.79
OAW Y01 GA . -29.88 -0.42 4.12
CAY Y01 GA . -31.03 -0.94 3.61
OAG Y01 GA . -31.88 -1.12 4.52
CAM Y01 GA . -31.24 -1.22 2.18
CAL Y01 GA . -32.52 -0.64 1.62
CAX Y01 GA . -32.47 0.91 1.51
OAH Y01 GA . -33.42 1.47 0.93
OAF Y01 GA . -31.48 1.47 2.04
HAA1 Y01 GA . -18.18 -11.15 9.56
HAA2 Y01 GA . -19.14 -12.07 10.34
HAA3 Y01 GA . -17.79 -12.63 9.76
HBA Y01 GA . -20.08 -12.90 8.57
HAB1 Y01 GA . -18.27 -14.21 7.94
HAB2 Y01 GA . -18.88 -13.62 6.63
HAB3 Y01 GA . -17.58 -12.99 7.22
HAN1 Y01 GA . -19.30 -10.41 7.77
HAN2 Y01 GA . -19.46 -11.38 6.54
HAJ1 Y01 GA . -21.67 -11.46 6.72
HAJ2 Y01 GA . -21.67 -11.19 8.25
HAO1 Y01 GA . -21.25 -8.94 7.93
HAO2 Y01 GA . -21.07 -9.17 6.39
HBB Y01 GA . -23.47 -9.78 6.30
HAC1 Y01 GA . -24.52 -10.14 8.15
HAC2 Y01 GA . -23.22 -9.81 8.95
HAC3 Y01 GA . -24.21 -8.66 8.63
HBE Y01 GA . -22.98 -7.17 7.19
HAP1 Y01 GA . -21.67 -7.17 5.27
HAP2 Y01 GA . -22.40 -8.37 4.67
HAQ1 Y01 GA . -22.86 -5.91 3.82
HAQ2 Y01 GA . -23.86 -7.02 3.54
HBG Y01 GA . -23.90 -5.33 5.82
HBD Y01 GA . -26.05 -5.76 4.10
HAE1 Y01 GA . -26.30 -7.83 4.83
HAE2 Y01 GA . -25.02 -8.68 4.60
HAE3 Y01 GA . -25.92 -8.94 5.85
HAU1 Y01 GA . -25.84 -7.41 7.81
HAU2 Y01 GA . -25.00 -6.09 7.79
HAS1 Y01 GA . -27.43 -6.50 6.41
HAS2 Y01 GA . -27.20 -5.50 7.60
HBF Y01 GA . -26.06 -4.03 6.35
HAK1 Y01 GA . -24.37 -3.53 4.46
HAK2 Y01 GA . -24.70 -4.29 3.12
HAI Y01 GA . -25.81 -2.42 3.05
HAV1 Y01 GA . -27.66 -1.22 3.24
HAV2 Y01 GA . -28.76 -2.26 2.98
HBC Y01 GA . -28.41 -0.83 5.40
HAD1 Y01 GA . -29.36 -4.60 3.99
HAD2 Y01 GA . -28.19 -5.63 3.88
HAD3 Y01 GA . -29.12 -5.63 5.13
HAT1 Y01 GA . -28.99 -3.96 6.81
HAT2 Y01 GA . -27.95 -2.79 6.80
HAR1 Y01 GA . -30.27 -2.91 5.16
HAR2 Y01 GA . -30.11 -1.96 6.40
HAM1 Y01 GA . -30.48 -0.85 1.70
HAM2 Y01 GA . -31.24 -2.18 2.05
HAL1 Y01 GA . -32.67 -0.99 0.73
HAL2 Y01 GA . -33.28 -0.90 2.17
#